data_6RFX
#
_entry.id   6RFX
#
_cell.length_a   112.450
_cell.length_b   79.800
_cell.length_c   152.680
_cell.angle_alpha   90.00
_cell.angle_beta   90.29
_cell.angle_gamma   90.00
#
_symmetry.space_group_name_H-M   'P 1 21 1'
#
loop_
_entity.id
_entity.type
_entity.pdbx_description
1 polymer Eis2
2 non-polymer 'CITRIC ACID'
3 non-polymer 'polyethylene glycol'
4 non-polymer 'ACETATE ION'
5 water water
#
_entity_poly.entity_id   1
_entity_poly.type   'polypeptide(L)'
_entity_poly.pdbx_seq_one_letter_code
;GSELTLRTIADEDDYESY(MSE)ASAYSVFLRDPQKDEIEVNRKFTELDR(MSE)IGFHDGKKWVATTGAFSRHVVLPGG
AVVPVAAVTAVTVSPTHRRRGLLTT(MSE)(MSE)RHQLADIRSRGESLA(MSE)LFASEALIYGRFGYGVATESAELSG
QVRELAFRPTVDLGDGTLEEVSAETFLASAPAIYDAVIPGLPGQ(MSE)SRTPEWWASWTLDSEELQKESGKVRFVLHYE
SDGTASGFAIYRPKPGWGDAGPNAELHVQEVLGTNPRSYARTWRYLLD(MSE)DLVRKIKYHGASVQEELRYLVANHPSL
ECVVSDAIQVRLVDIPRALAQRRYAADVDVVLEVTDDFLPENSGRYRLRGGLDHASCEITTDDADIALTVRDLGSVY
(MSE)GGVSLQVLASAGLVTELRAGAVQRAATAFGWPVAPSAPDDF
;
_entity_poly.pdbx_strand_id   D,A,B,C,E,F
#
loop_
_chem_comp.id
_chem_comp.type
_chem_comp.name
_chem_comp.formula
ACT non-polymer 'ACETATE ION' 'C2 H3 O2 -1'
CIT non-polymer 'CITRIC ACID' 'C6 H8 O7'
P4K non-polymer 'polyethylene glycol' 'C30 H62 O15'
#
# COMPACT_ATOMS: atom_id res chain seq x y z
N GLU A 3 -43.38 22.76 -12.95
CA GLU A 3 -43.11 21.32 -12.98
C GLU A 3 -42.82 20.78 -11.58
N LEU A 4 -42.16 21.58 -10.75
CA LEU A 4 -41.77 21.17 -9.41
C LEU A 4 -42.72 21.78 -8.39
N THR A 5 -43.01 21.01 -7.33
CA THR A 5 -43.85 21.47 -6.23
C THR A 5 -43.07 21.32 -4.93
N LEU A 6 -42.96 22.41 -4.18
CA LEU A 6 -42.42 22.32 -2.82
C LEU A 6 -43.54 21.91 -1.87
N ARG A 7 -43.31 20.83 -1.12
CA ARG A 7 -44.34 20.33 -0.22
C ARG A 7 -43.69 19.46 0.86
N THR A 8 -44.50 19.11 1.85
CA THR A 8 -44.06 18.25 2.94
C THR A 8 -44.45 16.80 2.64
N ILE A 9 -43.90 15.89 3.45
CA ILE A 9 -44.23 14.48 3.31
C ILE A 9 -45.69 14.26 3.72
N ALA A 10 -46.40 13.47 2.92
CA ALA A 10 -47.84 13.27 3.10
C ALA A 10 -48.20 12.00 3.86
N ASP A 11 -47.52 10.89 3.60
CA ASP A 11 -47.86 9.63 4.24
C ASP A 11 -46.60 8.77 4.34
N GLU A 12 -46.78 7.50 4.74
CA GLU A 12 -45.64 6.62 4.98
C GLU A 12 -44.94 6.21 3.69
N ASP A 13 -45.71 5.90 2.65
CA ASP A 13 -45.10 5.60 1.35
C ASP A 13 -44.33 6.80 0.83
N ASP A 14 -44.91 7.99 0.97
CA ASP A 14 -44.22 9.22 0.57
C ASP A 14 -42.95 9.42 1.40
N TYR A 15 -43.00 9.04 2.68
CA TYR A 15 -41.81 9.15 3.54
C TYR A 15 -40.69 8.25 3.05
N GLU A 16 -41.00 6.98 2.74
CA GLU A 16 -39.96 6.07 2.29
C GLU A 16 -39.37 6.47 0.95
N SER A 17 -40.19 7.03 0.05
CA SER A 17 -39.68 7.53 -1.22
C SER A 17 -38.81 8.77 -1.02
N TYR A 18 -39.20 9.64 -0.08
CA TYR A 18 -38.42 10.82 0.26
C TYR A 18 -37.03 10.42 0.77
N MSE A 19 -36.99 9.48 1.71
CA MSE A 19 -35.72 9.04 2.30
C MSE A 19 -34.86 8.29 1.29
O MSE A 19 -33.63 8.44 1.28
CB MSE A 19 -35.97 8.18 3.54
CG MSE A 19 -36.61 8.94 4.70
SE MSE A 19 -35.51 10.41 5.35
CE MSE A 19 -34.09 9.36 6.18
N ALA A 20 -35.50 7.49 0.44
CA ALA A 20 -34.76 6.77 -0.59
C ALA A 20 -34.07 7.73 -1.54
N SER A 21 -34.74 8.82 -1.93
CA SER A 21 -34.10 9.79 -2.81
C SER A 21 -32.92 10.46 -2.14
N ALA A 22 -33.03 10.75 -0.84
CA ALA A 22 -31.93 11.40 -0.14
C ALA A 22 -30.71 10.47 -0.03
N TYR A 23 -30.94 9.18 0.26
CA TYR A 23 -29.83 8.23 0.21
C TYR A 23 -29.27 8.13 -1.19
N SER A 24 -30.13 8.17 -2.21
CA SER A 24 -29.67 7.98 -3.59
C SER A 24 -28.76 9.11 -4.04
N VAL A 25 -29.08 10.36 -3.67
CA VAL A 25 -28.20 11.48 -3.98
C VAL A 25 -26.83 11.25 -3.39
N PHE A 26 -26.76 10.69 -2.18
CA PHE A 26 -25.50 10.40 -1.52
C PHE A 26 -24.92 9.03 -1.89
N LEU A 27 -25.29 8.50 -3.06
CA LEU A 27 -24.67 7.33 -3.67
C LEU A 27 -24.88 6.04 -2.89
N ARG A 28 -25.88 5.98 -2.02
CA ARG A 28 -26.12 4.82 -1.17
C ARG A 28 -27.51 4.24 -1.42
N ASP A 29 -27.63 2.94 -1.22
CA ASP A 29 -28.94 2.32 -1.15
C ASP A 29 -29.63 2.76 0.15
N PRO A 30 -30.96 2.84 0.16
CA PRO A 30 -31.65 3.26 1.39
C PRO A 30 -31.44 2.23 2.50
N GLN A 31 -31.14 2.74 3.69
CA GLN A 31 -30.91 1.88 4.86
C GLN A 31 -32.25 1.72 5.58
N LYS A 32 -32.92 0.60 5.31
CA LYS A 32 -34.29 0.44 5.77
C LYS A 32 -34.40 0.39 7.29
N ASP A 33 -33.41 -0.19 7.98
CA ASP A 33 -33.48 -0.25 9.43
C ASP A 33 -33.37 1.14 10.07
N GLU A 34 -32.50 2.00 9.52
CA GLU A 34 -32.39 3.36 10.03
C GLU A 34 -33.61 4.20 9.67
N ILE A 35 -34.13 4.02 8.46
CA ILE A 35 -35.33 4.74 8.04
C ILE A 35 -36.50 4.39 8.94
N GLU A 36 -36.62 3.11 9.32
CA GLU A 36 -37.74 2.66 10.14
C GLU A 36 -37.67 3.24 11.54
N VAL A 37 -36.48 3.21 12.17
CA VAL A 37 -36.36 3.66 13.55
C VAL A 37 -36.43 5.18 13.64
N ASN A 38 -35.85 5.89 12.67
CA ASN A 38 -35.88 7.36 12.69
C ASN A 38 -37.28 7.91 12.43
N ARG A 39 -38.15 7.12 11.81
CA ARG A 39 -39.53 7.58 11.57
C ARG A 39 -40.24 7.89 12.87
N LYS A 40 -39.87 7.23 13.97
CA LYS A 40 -40.59 7.37 15.23
C LYS A 40 -40.49 8.78 15.80
N PHE A 41 -39.44 9.53 15.48
CA PHE A 41 -39.31 10.91 15.92
C PHE A 41 -39.37 11.91 14.78
N THR A 42 -39.82 11.48 13.60
CA THR A 42 -39.90 12.35 12.44
C THR A 42 -41.28 13.01 12.40
N GLU A 43 -41.29 14.34 12.28
CA GLU A 43 -42.51 15.10 12.08
C GLU A 43 -42.60 15.40 10.58
N LEU A 44 -43.59 14.80 9.92
CA LEU A 44 -43.67 14.89 8.46
C LEU A 44 -43.80 16.33 8.00
N ASP A 45 -44.46 17.20 8.78
CA ASP A 45 -44.63 18.58 8.35
C ASP A 45 -43.34 19.39 8.45
N ARG A 46 -42.29 18.85 9.06
CA ARG A 46 -40.98 19.49 9.03
C ARG A 46 -40.08 18.95 7.92
N MSE A 47 -40.55 17.97 7.17
CA MSE A 47 -39.75 17.37 6.11
C MSE A 47 -40.24 17.86 4.75
O MSE A 47 -41.23 17.35 4.22
CB MSE A 47 -39.85 15.85 6.17
CG MSE A 47 -39.68 15.27 7.57
SE MSE A 47 -37.88 15.53 8.30
CE MSE A 47 -36.91 14.36 7.09
N ILE A 48 -39.57 18.86 4.21
CA ILE A 48 -40.01 19.50 2.96
C ILE A 48 -39.12 19.04 1.81
N GLY A 49 -39.52 19.38 0.60
CA GLY A 49 -38.73 19.05 -0.58
C GLY A 49 -39.50 19.37 -1.84
N PHE A 50 -38.79 19.22 -2.97
CA PHE A 50 -39.37 19.44 -4.29
C PHE A 50 -39.69 18.09 -4.92
N HIS A 51 -40.91 17.97 -5.44
CA HIS A 51 -41.38 16.75 -6.08
C HIS A 51 -41.86 17.10 -7.49
N ASP A 52 -41.48 16.27 -8.47
CA ASP A 52 -41.78 16.56 -9.86
C ASP A 52 -42.98 15.77 -10.38
N GLY A 53 -43.81 15.24 -9.48
CA GLY A 53 -44.94 14.42 -9.87
C GLY A 53 -44.64 12.94 -9.92
N LYS A 54 -43.38 12.55 -10.06
CA LYS A 54 -42.99 11.15 -10.07
C LYS A 54 -41.94 10.80 -9.03
N LYS A 55 -41.12 11.75 -8.60
CA LYS A 55 -40.07 11.47 -7.63
C LYS A 55 -39.73 12.75 -6.90
N TRP A 56 -39.14 12.58 -5.70
CA TRP A 56 -38.53 13.70 -5.01
C TRP A 56 -37.22 14.07 -5.69
N VAL A 57 -37.04 15.37 -5.97
CA VAL A 57 -35.81 15.85 -6.59
C VAL A 57 -34.97 16.71 -5.68
N ALA A 58 -35.46 17.08 -4.49
CA ALA A 58 -34.69 17.83 -3.52
C ALA A 58 -35.39 17.66 -2.17
N THR A 59 -34.59 17.64 -1.10
CA THR A 59 -35.12 17.42 0.23
C THR A 59 -34.44 18.32 1.24
N THR A 60 -35.16 18.62 2.32
CA THR A 60 -34.61 19.32 3.46
C THR A 60 -35.57 19.13 4.62
N GLY A 61 -35.07 18.62 5.75
CA GLY A 61 -35.91 18.34 6.90
C GLY A 61 -35.25 18.81 8.18
N ALA A 62 -35.98 18.64 9.28
CA ALA A 62 -35.47 19.04 10.59
C ALA A 62 -36.20 18.26 11.67
N PHE A 63 -35.48 17.89 12.73
CA PHE A 63 -36.07 17.30 13.91
C PHE A 63 -36.15 18.35 15.01
N SER A 64 -37.21 18.27 15.82
CA SER A 64 -37.34 19.13 17.00
C SER A 64 -36.49 18.53 18.11
N ARG A 65 -35.39 19.21 18.43
CA ARG A 65 -34.49 18.73 19.47
C ARG A 65 -34.20 19.86 20.45
N HIS A 66 -33.43 19.52 21.50
CA HIS A 66 -33.00 20.48 22.50
C HIS A 66 -31.52 20.28 22.74
N VAL A 67 -30.77 21.37 22.81
CA VAL A 67 -29.32 21.34 22.92
C VAL A 67 -28.89 22.09 24.17
N VAL A 68 -27.82 21.59 24.81
CA VAL A 68 -27.25 22.26 25.97
C VAL A 68 -26.38 23.41 25.49
N LEU A 69 -26.64 24.59 26.03
CA LEU A 69 -25.83 25.76 25.74
C LEU A 69 -24.74 25.92 26.80
N PRO A 70 -23.70 26.69 26.51
CA PRO A 70 -22.75 27.05 27.57
C PRO A 70 -23.48 27.70 28.73
N GLY A 71 -23.31 27.11 29.92
CA GLY A 71 -24.03 27.53 31.10
C GLY A 71 -25.05 26.52 31.59
N GLY A 72 -25.53 25.63 30.72
CA GLY A 72 -26.42 24.57 31.12
C GLY A 72 -27.84 24.71 30.63
N ALA A 73 -28.22 25.88 30.11
CA ALA A 73 -29.56 26.04 29.56
C ALA A 73 -29.77 25.08 28.38
N VAL A 74 -30.93 24.46 28.34
CA VAL A 74 -31.29 23.51 27.30
C VAL A 74 -32.43 24.13 26.50
N VAL A 75 -32.14 24.51 25.25
CA VAL A 75 -33.06 25.31 24.45
C VAL A 75 -33.51 24.53 23.22
N PRO A 76 -34.69 24.81 22.67
CA PRO A 76 -35.10 24.12 21.44
C PRO A 76 -34.19 24.50 20.28
N VAL A 77 -33.92 23.51 19.43
CA VAL A 77 -33.06 23.70 18.27
C VAL A 77 -33.61 22.86 17.13
N ALA A 78 -33.55 23.40 15.91
CA ALA A 78 -33.89 22.64 14.73
C ALA A 78 -32.67 21.83 14.33
N ALA A 79 -32.77 20.51 14.42
CA ALA A 79 -31.68 19.61 14.02
C ALA A 79 -31.90 19.30 12.54
N VAL A 80 -31.25 20.07 11.68
CA VAL A 80 -31.47 19.99 10.25
C VAL A 80 -30.86 18.71 9.70
N THR A 81 -31.56 18.08 8.76
CA THR A 81 -31.17 16.76 8.28
C THR A 81 -31.66 16.58 6.85
N ALA A 82 -31.12 15.56 6.19
CA ALA A 82 -31.60 15.10 4.89
C ALA A 82 -31.67 16.24 3.85
N VAL A 83 -30.60 17.01 3.77
CA VAL A 83 -30.49 18.12 2.83
C VAL A 83 -29.85 17.58 1.55
N THR A 84 -30.66 17.44 0.49
CA THR A 84 -30.16 16.95 -0.78
C THR A 84 -30.82 17.71 -1.92
N VAL A 85 -30.10 17.82 -3.04
CA VAL A 85 -30.64 18.21 -4.32
C VAL A 85 -30.14 17.20 -5.35
N SER A 86 -31.07 16.60 -6.09
CA SER A 86 -30.69 15.62 -7.09
C SER A 86 -29.69 16.23 -8.07
N PRO A 87 -28.65 15.50 -8.47
CA PRO A 87 -27.68 16.04 -9.44
C PRO A 87 -28.31 16.50 -10.75
N THR A 88 -29.47 15.96 -11.12
CA THR A 88 -30.15 16.39 -12.34
C THR A 88 -30.88 17.72 -12.17
N HIS A 89 -31.08 18.17 -10.94
CA HIS A 89 -31.84 19.37 -10.64
C HIS A 89 -30.99 20.43 -9.93
N ARG A 90 -29.68 20.40 -10.15
CA ARG A 90 -28.80 21.41 -9.59
C ARG A 90 -28.85 22.69 -10.41
N ARG A 91 -28.45 23.80 -9.78
CA ARG A 91 -28.36 25.10 -10.43
C ARG A 91 -29.73 25.60 -10.89
N ARG A 92 -30.78 25.27 -10.13
CA ARG A 92 -32.13 25.78 -10.40
C ARG A 92 -32.66 26.61 -9.23
N GLY A 93 -31.83 26.91 -8.24
CA GLY A 93 -32.27 27.66 -7.09
C GLY A 93 -33.08 26.89 -6.07
N LEU A 94 -33.18 25.56 -6.22
CA LEU A 94 -34.02 24.79 -5.32
C LEU A 94 -33.50 24.83 -3.88
N LEU A 95 -32.18 24.83 -3.71
CA LEU A 95 -31.62 24.83 -2.36
C LEU A 95 -31.91 26.14 -1.65
N THR A 96 -31.73 27.27 -2.33
CA THR A 96 -32.05 28.56 -1.73
C THR A 96 -33.51 28.64 -1.32
N THR A 97 -34.42 28.14 -2.17
CA THR A 97 -35.83 28.19 -1.84
C THR A 97 -36.15 27.36 -0.61
N MSE A 98 -35.58 26.16 -0.51
CA MSE A 98 -35.81 25.32 0.66
C MSE A 98 -35.21 25.92 1.93
O MSE A 98 -35.77 25.78 3.02
CB MSE A 98 -35.26 23.90 0.45
CG MSE A 98 -35.98 23.11 -0.62
SE MSE A 98 -35.40 21.25 -0.69
CE MSE A 98 -33.49 21.52 -0.99
N MSE A 99 -34.07 26.59 1.79
CA MSE A 99 -33.43 27.24 2.94
C MSE A 99 -34.26 28.40 3.46
O MSE A 99 -34.46 28.54 4.67
CB MSE A 99 -32.01 27.72 2.58
CG MSE A 99 -30.99 26.60 2.31
SE MSE A 99 -30.51 25.56 3.88
CE MSE A 99 -31.81 24.12 3.74
N ARG A 100 -34.77 29.23 2.55
CA ARG A 100 -35.62 30.34 2.96
C ARG A 100 -36.89 29.85 3.63
N HIS A 101 -37.51 28.80 3.07
CA HIS A 101 -38.72 28.25 3.68
C HIS A 101 -38.42 27.65 5.05
N GLN A 102 -37.35 26.84 5.14
CA GLN A 102 -37.06 26.16 6.41
C GLN A 102 -36.66 27.14 7.50
N LEU A 103 -35.82 28.12 7.17
CA LEU A 103 -35.39 29.08 8.18
C LEU A 103 -36.55 29.92 8.71
N ALA A 104 -37.52 30.24 7.84
CA ALA A 104 -38.73 30.90 8.34
C ALA A 104 -39.53 29.98 9.23
N ASP A 105 -39.65 28.70 8.84
CA ASP A 105 -40.40 27.74 9.63
C ASP A 105 -39.75 27.53 11.00
N ILE A 106 -38.42 27.46 11.05
CA ILE A 106 -37.71 27.30 12.31
C ILE A 106 -38.00 28.48 13.23
N ARG A 107 -37.97 29.70 12.68
CA ARG A 107 -38.22 30.89 13.48
C ARG A 107 -39.63 30.87 14.06
N SER A 108 -40.61 30.37 13.29
CA SER A 108 -41.99 30.36 13.76
C SER A 108 -42.19 29.38 14.91
N ARG A 109 -41.36 28.35 15.00
CA ARG A 109 -41.47 27.38 16.08
C ARG A 109 -40.77 27.82 17.36
N GLY A 110 -40.29 29.06 17.42
CA GLY A 110 -39.60 29.53 18.60
C GLY A 110 -38.20 29.02 18.78
N GLU A 111 -37.65 28.33 17.78
CA GLU A 111 -36.27 27.86 17.84
C GLU A 111 -35.34 29.00 17.47
N SER A 112 -34.42 29.34 18.37
CA SER A 112 -33.54 30.49 18.16
C SER A 112 -32.34 30.17 17.26
N LEU A 113 -32.09 28.89 16.99
CA LEU A 113 -30.98 28.51 16.12
C LEU A 113 -31.26 27.17 15.47
N ALA A 114 -30.53 26.91 14.40
CA ALA A 114 -30.55 25.61 13.73
C ALA A 114 -29.17 24.99 13.83
N MSE A 115 -29.12 23.68 13.81
CA MSE A 115 -27.84 22.96 13.83
C MSE A 115 -27.82 21.86 12.79
O MSE A 115 -28.81 21.17 12.56
CB MSE A 115 -27.53 22.41 15.23
CG MSE A 115 -27.02 23.47 16.20
SE MSE A 115 -26.85 22.78 18.01
CE MSE A 115 -25.70 24.16 18.76
N LEU A 116 -26.65 21.70 12.16
CA LEU A 116 -26.49 20.81 11.02
C LEU A 116 -25.10 20.18 11.09
N PHE A 117 -25.03 18.89 10.81
CA PHE A 117 -23.74 18.20 10.74
C PHE A 117 -23.04 18.56 9.43
N ALA A 118 -21.75 18.86 9.51
CA ALA A 118 -20.99 19.23 8.32
C ALA A 118 -20.96 18.06 7.34
N SER A 119 -21.10 18.37 6.05
CA SER A 119 -21.10 17.34 5.02
C SER A 119 -20.17 17.73 3.88
N TYR A 124 -22.23 25.69 3.13
CA TYR A 124 -23.51 26.21 3.61
C TYR A 124 -23.35 27.58 4.25
N GLY A 125 -22.12 28.12 4.17
CA GLY A 125 -21.85 29.40 4.77
C GLY A 125 -22.67 30.53 4.17
N ARG A 126 -23.04 30.42 2.90
CA ARG A 126 -23.79 31.48 2.24
C ARG A 126 -25.23 31.59 2.74
N PHE A 127 -25.72 30.58 3.47
CA PHE A 127 -27.02 30.68 4.12
C PHE A 127 -26.93 31.14 5.57
N GLY A 128 -25.73 31.40 6.06
CA GLY A 128 -25.54 31.83 7.43
C GLY A 128 -25.01 30.77 8.39
N TYR A 129 -24.87 29.52 7.93
CA TYR A 129 -24.32 28.49 8.79
C TYR A 129 -22.82 28.68 8.95
N GLY A 130 -22.35 28.55 10.18
CA GLY A 130 -20.92 28.57 10.46
C GLY A 130 -20.54 27.43 11.37
N VAL A 131 -19.38 26.83 11.10
CA VAL A 131 -18.90 25.71 11.90
C VAL A 131 -18.61 26.23 13.32
N ALA A 132 -19.30 25.66 14.31
CA ALA A 132 -19.20 26.12 15.68
C ALA A 132 -18.58 25.10 16.62
N THR A 133 -18.62 23.80 16.30
CA THR A 133 -18.05 22.77 17.14
C THR A 133 -17.26 21.80 16.28
N GLU A 134 -16.24 21.21 16.87
CA GLU A 134 -15.41 20.22 16.21
C GLU A 134 -15.49 18.90 16.96
N SER A 135 -15.00 17.85 16.33
CA SER A 135 -14.86 16.55 16.96
C SER A 135 -13.48 16.01 16.67
N ALA A 136 -13.06 15.06 17.50
CA ALA A 136 -11.75 14.44 17.40
C ALA A 136 -11.92 12.96 17.17
N GLU A 137 -11.19 12.42 16.20
CA GLU A 137 -11.05 10.98 16.05
C GLU A 137 -9.81 10.55 16.81
N LEU A 138 -10.02 9.83 17.91
CA LEU A 138 -8.93 9.34 18.74
C LEU A 138 -8.72 7.87 18.43
N SER A 139 -7.45 7.49 18.21
CA SER A 139 -7.13 6.11 17.88
C SER A 139 -5.71 5.81 18.33
N GLY A 140 -5.41 4.53 18.43
CA GLY A 140 -4.08 4.10 18.83
C GLY A 140 -4.07 2.65 19.26
N GLN A 141 -2.85 2.17 19.51
CA GLN A 141 -2.65 0.81 19.97
C GLN A 141 -2.98 0.73 21.46
N VAL A 142 -3.88 -0.19 21.82
CA VAL A 142 -4.38 -0.27 23.18
C VAL A 142 -3.27 -0.59 24.18
N ARG A 143 -2.26 -1.35 23.76
CA ARG A 143 -1.18 -1.72 24.66
C ARG A 143 -0.26 -0.54 24.98
N GLU A 144 -0.39 0.58 24.27
CA GLU A 144 0.40 1.78 24.53
C GLU A 144 -0.37 2.82 25.32
N LEU A 145 -1.61 2.54 25.70
CA LEU A 145 -2.51 3.56 26.25
C LEU A 145 -2.68 3.43 27.76
N ALA A 146 -1.60 3.14 28.49
CA ALA A 146 -1.67 3.17 29.94
C ALA A 146 -1.95 4.58 30.44
N PHE A 147 -2.60 4.67 31.59
CA PHE A 147 -2.96 5.96 32.16
C PHE A 147 -1.84 6.50 33.05
N ARG A 148 -1.89 7.80 33.30
CA ARG A 148 -1.00 8.41 34.28
C ARG A 148 -1.20 7.73 35.63
N PRO A 149 -0.13 7.62 36.43
CA PRO A 149 -0.22 6.80 37.66
C PRO A 149 -1.18 7.33 38.71
N THR A 150 -1.55 8.60 38.66
CA THR A 150 -2.45 9.18 39.66
C THR A 150 -3.92 8.99 39.34
N VAL A 151 -4.25 8.43 38.18
CA VAL A 151 -5.65 8.26 37.79
C VAL A 151 -6.27 7.17 38.66
N ASP A 152 -7.31 7.55 39.41
CA ASP A 152 -8.03 6.62 40.28
C ASP A 152 -9.09 5.90 39.46
N LEU A 153 -9.00 4.57 39.40
CA LEU A 153 -9.99 3.76 38.70
C LEU A 153 -11.19 3.41 39.57
N GLY A 154 -11.14 3.69 40.88
CA GLY A 154 -12.27 3.45 41.75
C GLY A 154 -12.50 1.98 42.03
N ASP A 155 -13.49 1.73 42.89
CA ASP A 155 -13.87 0.37 43.28
C ASP A 155 -15.02 -0.17 42.44
N GLY A 156 -15.35 0.49 41.34
CA GLY A 156 -16.50 0.09 40.54
C GLY A 156 -16.29 -1.21 39.80
N THR A 157 -17.40 -1.70 39.24
CA THR A 157 -17.42 -2.92 38.45
C THR A 157 -18.23 -2.65 37.20
N LEU A 158 -18.18 -3.60 36.26
CA LEU A 158 -18.92 -3.39 35.01
C LEU A 158 -19.24 -4.74 34.37
N GLU A 159 -20.31 -4.72 33.56
CA GLU A 159 -20.78 -5.91 32.86
C GLU A 159 -21.26 -5.52 31.48
N GLU A 160 -21.14 -6.45 30.54
CA GLU A 160 -21.73 -6.26 29.22
C GLU A 160 -23.19 -6.68 29.28
N VAL A 161 -24.08 -5.81 28.80
CA VAL A 161 -25.51 -5.98 29.02
C VAL A 161 -26.24 -5.93 27.69
N SER A 162 -27.50 -6.37 27.71
CA SER A 162 -28.35 -6.28 26.54
C SER A 162 -28.76 -4.82 26.28
N ALA A 163 -29.34 -4.60 25.10
CA ALA A 163 -29.80 -3.25 24.77
C ALA A 163 -30.89 -2.79 25.72
N GLU A 164 -31.80 -3.70 26.11
CA GLU A 164 -32.89 -3.33 27.01
C GLU A 164 -32.37 -2.99 28.40
N THR A 165 -31.41 -3.78 28.91
CA THR A 165 -30.79 -3.45 30.19
C THR A 165 -30.02 -2.15 30.09
N PHE A 166 -29.28 -1.96 28.99
CA PHE A 166 -28.55 -0.71 28.77
C PHE A 166 -29.49 0.49 28.80
N LEU A 167 -30.60 0.40 28.06
CA LEU A 167 -31.53 1.52 27.96
C LEU A 167 -32.32 1.77 29.24
N ALA A 168 -32.18 0.90 30.25
CA ALA A 168 -32.82 1.13 31.54
C ALA A 168 -31.92 1.89 32.51
N SER A 169 -30.63 2.05 32.20
CA SER A 169 -29.69 2.76 33.06
C SER A 169 -28.97 3.88 32.34
N ALA A 170 -28.64 3.71 31.07
CA ALA A 170 -27.89 4.73 30.35
C ALA A 170 -28.59 6.09 30.26
N PRO A 171 -29.90 6.18 30.02
CA PRO A 171 -30.52 7.52 29.93
C PRO A 171 -30.34 8.38 31.17
N ALA A 172 -30.42 7.78 32.37
CA ALA A 172 -30.26 8.57 33.59
C ALA A 172 -28.82 9.06 33.74
N ILE A 173 -27.85 8.23 33.35
CA ILE A 173 -26.45 8.66 33.37
C ILE A 173 -26.22 9.79 32.39
N TYR A 174 -26.75 9.64 31.17
CA TYR A 174 -26.61 10.66 30.15
C TYR A 174 -27.26 11.96 30.59
N ASP A 175 -28.49 11.89 31.12
CA ASP A 175 -29.19 13.09 31.56
C ASP A 175 -28.44 13.82 32.67
N ALA A 176 -27.68 13.08 33.48
CA ALA A 176 -26.96 13.68 34.60
C ALA A 176 -25.69 14.41 34.17
N VAL A 177 -25.09 14.04 33.04
CA VAL A 177 -23.78 14.57 32.68
C VAL A 177 -23.85 15.67 31.63
N ILE A 178 -24.90 15.69 30.81
CA ILE A 178 -24.96 16.62 29.67
C ILE A 178 -25.07 18.11 30.02
N PRO A 179 -25.68 18.52 31.16
CA PRO A 179 -25.70 19.96 31.46
C PRO A 179 -24.34 20.63 31.46
N GLY A 180 -23.27 19.88 31.74
CA GLY A 180 -21.93 20.41 31.68
C GLY A 180 -21.21 20.19 30.37
N LEU A 181 -21.89 19.65 29.36
CA LEU A 181 -21.30 19.37 28.05
C LEU A 181 -22.11 20.09 26.98
N PRO A 182 -21.80 21.37 26.71
CA PRO A 182 -22.52 22.09 25.66
C PRO A 182 -22.38 21.40 24.31
N GLY A 183 -23.46 21.43 23.53
CA GLY A 183 -23.54 20.77 22.26
C GLY A 183 -24.30 19.45 22.30
N GLN A 184 -24.28 18.77 23.44
CA GLN A 184 -25.05 17.54 23.58
C GLN A 184 -26.55 17.84 23.53
N MSE A 185 -27.31 16.86 23.05
CA MSE A 185 -28.73 17.02 22.91
C MSE A 185 -29.52 16.03 23.75
O MSE A 185 -29.05 14.92 24.01
CB MSE A 185 -29.14 16.90 21.43
CG MSE A 185 -28.61 18.02 20.56
SE MSE A 185 -29.10 17.80 18.70
CE MSE A 185 -28.30 19.43 18.00
N SER A 186 -30.71 16.45 24.18
CA SER A 186 -31.59 15.57 24.93
C SER A 186 -31.94 14.35 24.08
N ARG A 187 -32.15 13.22 24.74
CA ARG A 187 -32.48 11.97 24.07
C ARG A 187 -33.75 11.40 24.69
N THR A 188 -34.84 11.44 23.91
CA THR A 188 -36.03 10.70 24.26
C THR A 188 -35.77 9.22 24.04
N PRO A 189 -36.63 8.34 24.55
CA PRO A 189 -36.49 6.91 24.23
C PRO A 189 -36.41 6.64 22.74
N GLU A 190 -37.12 7.41 21.92
CA GLU A 190 -37.07 7.22 20.47
C GLU A 190 -35.69 7.54 19.91
N TRP A 191 -35.04 8.59 20.44
CA TRP A 191 -33.69 8.91 19.97
C TRP A 191 -32.66 7.90 20.47
N TRP A 192 -32.86 7.38 21.69
CA TRP A 192 -32.01 6.29 22.16
C TRP A 192 -32.12 5.06 21.27
N ALA A 193 -33.33 4.79 20.77
CA ALA A 193 -33.54 3.64 19.89
C ALA A 193 -32.76 3.78 18.59
N SER A 194 -32.70 5.00 18.04
CA SER A 194 -31.89 5.21 16.85
C SER A 194 -30.40 5.15 17.16
N TRP A 195 -30.00 5.77 18.28
CA TRP A 195 -28.59 5.83 18.65
C TRP A 195 -28.02 4.46 18.98
N THR A 196 -28.86 3.53 19.45
CA THR A 196 -28.40 2.19 19.82
C THR A 196 -28.78 1.13 18.80
N LEU A 197 -29.28 1.52 17.63
CA LEU A 197 -29.69 0.56 16.61
C LEU A 197 -28.48 -0.22 16.11
N ASP A 198 -28.63 -1.55 16.03
CA ASP A 198 -27.58 -2.42 15.48
C ASP A 198 -27.68 -2.38 13.95
N SER A 199 -27.34 -1.22 13.40
CA SER A 199 -27.56 -0.98 11.98
C SER A 199 -26.70 -1.91 11.13
N GLU A 200 -27.26 -2.31 9.98
CA GLU A 200 -26.53 -3.17 9.06
C GLU A 200 -25.33 -2.45 8.47
N GLU A 201 -25.41 -1.14 8.27
CA GLU A 201 -24.29 -0.39 7.70
C GLU A 201 -23.08 -0.43 8.62
N LEU A 202 -23.29 -0.25 9.93
CA LEU A 202 -22.17 -0.30 10.86
C LEU A 202 -21.71 -1.73 11.14
N GLN A 203 -22.59 -2.71 11.02
CA GLN A 203 -22.18 -4.10 11.17
C GLN A 203 -21.18 -4.48 10.08
N LYS A 204 -21.34 -3.94 8.86
CA LYS A 204 -20.41 -4.22 7.79
C LYS A 204 -19.03 -3.63 8.09
N GLU A 205 -18.99 -2.44 8.68
CA GLU A 205 -17.70 -1.80 8.98
C GLU A 205 -16.98 -2.46 10.14
N SER A 206 -17.71 -3.06 11.09
CA SER A 206 -17.08 -3.65 12.26
C SER A 206 -17.82 -4.89 12.73
N GLY A 207 -18.78 -4.72 13.64
CA GLY A 207 -19.53 -5.86 14.17
C GLY A 207 -20.79 -5.38 14.86
N LYS A 208 -21.50 -6.34 15.45
CA LYS A 208 -22.74 -6.02 16.14
C LYS A 208 -22.46 -5.12 17.33
N VAL A 209 -23.38 -4.20 17.60
CA VAL A 209 -23.19 -3.23 18.67
C VAL A 209 -23.26 -3.94 20.02
N ARG A 210 -22.43 -3.50 20.96
CA ARG A 210 -22.36 -4.08 22.30
C ARG A 210 -22.48 -2.95 23.31
N PHE A 211 -22.97 -3.30 24.50
CA PHE A 211 -23.26 -2.32 25.54
C PHE A 211 -22.58 -2.72 26.84
N VAL A 212 -22.02 -1.73 27.53
CA VAL A 212 -21.30 -1.93 28.78
C VAL A 212 -21.85 -0.95 29.81
N LEU A 213 -22.13 -1.43 31.01
CA LEU A 213 -22.59 -0.60 32.12
C LEU A 213 -21.57 -0.68 33.24
N HIS A 214 -21.22 0.48 33.80
CA HIS A 214 -20.33 0.55 34.95
C HIS A 214 -21.15 0.79 36.21
N TYR A 215 -20.96 -0.06 37.21
CA TYR A 215 -21.68 0.02 38.48
C TYR A 215 -20.70 0.39 39.59
N GLU A 216 -21.14 1.29 40.47
CA GLU A 216 -20.38 1.59 41.67
C GLU A 216 -20.36 0.37 42.59
N SER A 217 -19.67 0.51 43.73
CA SER A 217 -19.62 -0.59 44.69
C SER A 217 -20.98 -0.84 45.34
N ASP A 218 -21.81 0.20 45.43
CA ASP A 218 -23.14 0.03 46.00
C ASP A 218 -24.17 -0.46 44.98
N GLY A 219 -23.75 -0.74 43.74
CA GLY A 219 -24.64 -1.25 42.72
C GLY A 219 -25.20 -0.21 41.77
N THR A 220 -25.09 1.08 42.09
CA THR A 220 -25.68 2.11 41.26
C THR A 220 -24.90 2.28 39.96
N ALA A 221 -25.62 2.48 38.86
CA ALA A 221 -25.01 2.65 37.56
C ALA A 221 -24.44 4.07 37.43
N SER A 222 -23.16 4.16 37.11
CA SER A 222 -22.48 5.46 37.03
C SER A 222 -21.72 5.67 35.74
N GLY A 223 -21.75 4.73 34.79
CA GLY A 223 -21.08 4.92 33.53
C GLY A 223 -21.54 3.88 32.53
N PHE A 224 -21.36 4.21 31.25
CA PHE A 224 -21.73 3.30 30.18
C PHE A 224 -20.79 3.47 29.01
N ALA A 225 -20.82 2.49 28.10
CA ALA A 225 -20.05 2.54 26.87
C ALA A 225 -20.84 1.83 25.78
N ILE A 226 -20.74 2.35 24.56
CA ILE A 226 -21.29 1.72 23.37
C ILE A 226 -20.14 1.49 22.41
N TYR A 227 -19.92 0.23 22.02
CA TYR A 227 -18.81 -0.07 21.12
C TYR A 227 -19.18 -1.23 20.22
N ARG A 228 -18.37 -1.40 19.17
CA ARG A 228 -18.48 -2.50 18.22
C ARG A 228 -17.10 -3.11 18.01
N PRO A 229 -17.01 -4.44 17.98
CA PRO A 229 -15.74 -5.08 17.68
C PRO A 229 -15.56 -5.28 16.18
N LYS A 230 -14.31 -5.21 15.75
CA LYS A 230 -13.92 -5.49 14.37
C LYS A 230 -12.88 -6.62 14.44
N PRO A 231 -13.30 -7.87 14.29
CA PRO A 231 -12.35 -8.99 14.42
C PRO A 231 -11.30 -8.95 13.33
N GLY A 232 -10.15 -9.55 13.64
CA GLY A 232 -9.00 -9.56 12.75
C GLY A 232 -9.27 -10.13 11.38
N TRP A 233 -8.91 -9.38 10.33
CA TRP A 233 -9.15 -9.77 8.96
C TRP A 233 -7.86 -9.93 8.15
N GLY A 234 -6.70 -9.86 8.80
CA GLY A 234 -5.44 -10.00 8.10
C GLY A 234 -5.11 -11.43 7.72
N ASN A 239 -5.05 -8.10 14.27
CA ASN A 239 -5.30 -6.67 14.22
C ASN A 239 -6.77 -6.34 14.51
N ALA A 240 -7.31 -6.94 15.56
CA ALA A 240 -8.70 -6.68 15.93
C ALA A 240 -8.84 -5.28 16.52
N GLU A 241 -9.90 -4.58 16.11
CA GLU A 241 -10.13 -3.20 16.51
C GLU A 241 -11.42 -3.10 17.32
N LEU A 242 -11.45 -2.13 18.23
CA LEU A 242 -12.68 -1.74 18.92
C LEU A 242 -13.06 -0.35 18.44
N HIS A 243 -14.28 -0.22 17.92
CA HIS A 243 -14.81 1.06 17.47
C HIS A 243 -15.75 1.58 18.54
N VAL A 244 -15.31 2.58 19.28
CA VAL A 244 -16.10 3.15 20.36
C VAL A 244 -17.08 4.17 19.78
N GLN A 245 -18.36 4.04 20.14
CA GLN A 245 -19.39 5.02 19.79
C GLN A 245 -19.60 6.08 20.86
N GLU A 246 -19.53 5.69 22.14
CA GLU A 246 -19.77 6.64 23.22
C GLU A 246 -19.28 6.03 24.53
N VAL A 247 -18.64 6.85 25.36
CA VAL A 247 -18.28 6.49 26.73
C VAL A 247 -18.54 7.70 27.61
N LEU A 248 -19.35 7.51 28.65
CA LEU A 248 -19.67 8.59 29.58
C LEU A 248 -19.71 8.05 30.99
N GLY A 249 -19.39 8.90 31.95
CA GLY A 249 -19.46 8.54 33.36
C GLY A 249 -19.85 9.74 34.19
N THR A 250 -20.50 9.46 35.32
CA THR A 250 -20.95 10.51 36.23
C THR A 250 -19.87 10.96 37.20
N ASN A 251 -18.69 10.35 37.17
CA ASN A 251 -17.57 10.77 37.99
C ASN A 251 -16.29 10.29 37.32
N PRO A 252 -15.13 10.88 37.67
CA PRO A 252 -13.89 10.52 36.95
C PRO A 252 -13.49 9.06 37.08
N ARG A 253 -13.89 8.39 38.17
CA ARG A 253 -13.50 7.00 38.35
C ARG A 253 -14.25 6.07 37.41
N SER A 254 -15.57 6.25 37.29
CA SER A 254 -16.34 5.42 36.38
C SER A 254 -15.93 5.67 34.93
N TYR A 255 -15.63 6.92 34.59
CA TYR A 255 -15.13 7.23 33.26
C TYR A 255 -13.82 6.51 32.97
N ALA A 256 -12.84 6.66 33.88
CA ALA A 256 -11.53 6.05 33.66
C ALA A 256 -11.60 4.53 33.70
N ARG A 257 -12.40 3.98 34.61
CA ARG A 257 -12.52 2.52 34.71
C ARG A 257 -13.14 1.94 33.45
N THR A 258 -14.17 2.60 32.90
CA THR A 258 -14.80 2.10 31.69
C THR A 258 -13.84 2.08 30.53
N TRP A 259 -13.05 3.15 30.35
CA TRP A 259 -12.05 3.17 29.30
C TRP A 259 -10.99 2.10 29.54
N ARG A 260 -10.54 1.97 30.79
CA ARG A 260 -9.56 0.93 31.12
C ARG A 260 -10.08 -0.46 30.77
N TYR A 261 -11.40 -0.68 30.89
CA TYR A 261 -11.96 -1.96 30.49
C TYR A 261 -11.81 -2.20 29.00
N LEU A 262 -12.10 -1.17 28.19
CA LEU A 262 -11.99 -1.32 26.74
C LEU A 262 -10.54 -1.48 26.31
N LEU A 263 -9.63 -0.78 26.98
CA LEU A 263 -8.22 -0.79 26.58
C LEU A 263 -7.51 -2.08 26.98
N ASP A 264 -7.99 -2.80 27.98
CA ASP A 264 -7.35 -4.01 28.47
C ASP A 264 -8.00 -5.28 27.95
N MSE A 265 -8.89 -5.18 26.96
CA MSE A 265 -9.59 -6.35 26.45
C MSE A 265 -8.67 -7.20 25.58
O MSE A 265 -8.06 -6.68 24.63
CB MSE A 265 -10.83 -5.93 25.67
CG MSE A 265 -11.74 -7.09 25.28
SE MSE A 265 -13.37 -6.46 24.40
CE MSE A 265 -13.97 -5.20 25.76
N ASP A 266 -8.57 -8.49 25.88
CA ASP A 266 -7.71 -9.38 25.12
C ASP A 266 -8.16 -9.45 23.66
N LEU A 267 -7.21 -9.81 22.80
CA LEU A 267 -7.39 -9.94 21.35
C LEU A 267 -7.48 -8.60 20.63
N VAL A 268 -7.69 -7.52 21.36
CA VAL A 268 -7.80 -6.19 20.77
C VAL A 268 -6.41 -5.60 20.63
N ARG A 269 -6.15 -4.99 19.46
CA ARG A 269 -4.90 -4.30 19.20
C ARG A 269 -5.07 -2.79 19.06
N LYS A 270 -6.06 -2.34 18.30
CA LYS A 270 -6.28 -0.93 18.05
C LYS A 270 -7.67 -0.52 18.54
N ILE A 271 -7.79 0.72 18.96
CA ILE A 271 -9.07 1.29 19.37
C ILE A 271 -9.31 2.57 18.58
N LYS A 272 -10.58 2.84 18.29
CA LYS A 272 -10.99 4.02 17.53
C LYS A 272 -12.20 4.64 18.20
N TYR A 273 -12.16 5.95 18.44
CA TYR A 273 -13.29 6.70 18.99
C TYR A 273 -13.52 7.88 18.06
N HIS A 274 -14.51 7.74 17.18
CA HIS A 274 -14.87 8.82 16.26
C HIS A 274 -15.95 9.69 16.89
N GLY A 275 -15.83 11.00 16.67
CA GLY A 275 -16.79 11.91 17.25
C GLY A 275 -16.55 12.22 18.71
N ALA A 276 -15.34 11.98 19.21
CA ALA A 276 -15.02 12.38 20.56
C ALA A 276 -14.93 13.90 20.65
N SER A 277 -14.88 14.40 21.88
CA SER A 277 -14.62 15.82 22.09
C SER A 277 -13.17 16.12 21.78
N VAL A 278 -12.90 17.34 21.31
CA VAL A 278 -11.52 17.75 21.13
C VAL A 278 -10.80 17.86 22.47
N GLN A 279 -11.55 18.03 23.56
CA GLN A 279 -11.02 18.00 24.92
C GLN A 279 -11.54 16.79 25.69
N GLU A 280 -11.66 15.66 24.99
CA GLU A 280 -12.09 14.42 25.63
C GLU A 280 -11.15 14.07 26.77
N GLU A 281 -11.73 13.76 27.95
CA GLU A 281 -10.91 13.50 29.13
C GLU A 281 -9.91 12.38 28.90
N LEU A 282 -10.23 11.42 28.01
CA LEU A 282 -9.30 10.34 27.73
C LEU A 282 -7.94 10.85 27.25
N ARG A 283 -7.95 11.96 26.50
CA ARG A 283 -6.69 12.49 25.97
C ARG A 283 -5.71 12.83 27.10
N TYR A 284 -6.23 13.22 28.27
CA TYR A 284 -5.39 13.63 29.39
C TYR A 284 -5.16 12.53 30.41
N LEU A 285 -5.95 11.46 30.36
CA LEU A 285 -5.68 10.30 31.19
C LEU A 285 -4.49 9.50 30.67
N VAL A 286 -4.30 9.47 29.35
CA VAL A 286 -3.22 8.71 28.74
C VAL A 286 -1.88 9.30 29.17
N ALA A 287 -0.96 8.43 29.59
CA ALA A 287 0.34 8.90 30.07
C ALA A 287 1.21 9.40 28.92
N ASN A 288 1.12 8.77 27.75
CA ASN A 288 1.94 9.11 26.59
C ASN A 288 1.00 9.60 25.48
N HIS A 289 0.78 10.92 25.44
CA HIS A 289 -0.13 11.50 24.45
C HIS A 289 0.14 11.07 23.02
N PRO A 290 1.38 11.01 22.51
CA PRO A 290 1.57 10.61 21.11
C PRO A 290 0.97 9.26 20.76
N SER A 291 0.78 8.37 21.74
CA SER A 291 0.20 7.06 21.45
C SER A 291 -1.28 7.14 21.07
N LEU A 292 -1.95 8.23 21.39
CA LEU A 292 -3.37 8.42 21.04
C LEU A 292 -3.43 9.52 19.99
N GLU A 293 -3.50 9.13 18.72
CA GLU A 293 -3.61 10.10 17.65
C GLU A 293 -4.91 10.86 17.75
N CYS A 294 -4.86 12.16 17.44
CA CYS A 294 -6.01 13.05 17.54
C CYS A 294 -6.14 13.83 16.24
N VAL A 295 -7.17 13.53 15.46
CA VAL A 295 -7.45 14.24 14.21
C VAL A 295 -8.73 15.04 14.42
N VAL A 296 -8.64 16.35 14.23
CA VAL A 296 -9.73 17.28 14.53
C VAL A 296 -10.41 17.68 13.22
N SER A 297 -11.74 17.66 13.21
CA SER A 297 -12.52 18.03 12.03
C SER A 297 -13.80 18.72 12.46
N ASP A 298 -14.50 19.30 11.48
CA ASP A 298 -15.76 19.98 11.74
C ASP A 298 -16.78 19.02 12.31
N ALA A 299 -17.61 19.52 13.24
CA ALA A 299 -18.72 18.72 13.73
C ALA A 299 -20.06 19.35 13.38
N ILE A 300 -20.46 20.39 14.11
CA ILE A 300 -21.77 21.01 13.98
C ILE A 300 -21.62 22.42 13.41
N GLN A 301 -22.51 22.78 12.49
CA GLN A 301 -22.66 24.15 12.02
C GLN A 301 -23.88 24.77 12.70
N VAL A 302 -23.76 26.06 13.05
CA VAL A 302 -24.83 26.79 13.72
C VAL A 302 -25.35 27.87 12.77
N ARG A 303 -26.67 27.97 12.68
CA ARG A 303 -27.33 29.09 12.02
C ARG A 303 -28.18 29.80 13.08
N LEU A 304 -27.78 31.01 13.45
CA LEU A 304 -28.57 31.79 14.40
C LEU A 304 -29.80 32.33 13.70
N VAL A 305 -30.97 32.03 14.25
CA VAL A 305 -32.24 32.42 13.65
C VAL A 305 -32.86 33.62 14.38
N ASP A 306 -32.73 33.65 15.71
CA ASP A 306 -33.15 34.79 16.53
C ASP A 306 -31.89 35.21 17.28
N ILE A 307 -31.17 36.20 16.72
CA ILE A 307 -29.90 36.61 17.29
C ILE A 307 -30.02 37.11 18.74
N PRO A 308 -30.90 38.06 19.07
CA PRO A 308 -30.98 38.51 20.47
C PRO A 308 -31.30 37.39 21.45
N ARG A 309 -32.26 36.52 21.12
CA ARG A 309 -32.64 35.47 22.05
C ARG A 309 -31.54 34.43 22.21
N ALA A 310 -30.88 34.06 21.10
CA ALA A 310 -29.78 33.10 21.21
C ALA A 310 -28.65 33.65 22.06
N LEU A 311 -28.28 34.92 21.85
CA LEU A 311 -27.19 35.52 22.61
C LEU A 311 -27.55 35.70 24.07
N ALA A 312 -28.83 35.86 24.38
CA ALA A 312 -29.26 36.01 25.76
C ALA A 312 -29.56 34.68 26.45
N GLN A 313 -29.63 33.58 25.70
CA GLN A 313 -29.95 32.28 26.29
C GLN A 313 -28.73 31.54 26.82
N ARG A 314 -27.54 31.79 26.28
CA ARG A 314 -26.34 31.18 26.82
C ARG A 314 -25.76 32.04 27.93
N ARG A 315 -24.79 31.47 28.64
CA ARG A 315 -24.00 32.19 29.62
C ARG A 315 -22.58 32.37 29.09
N TYR A 316 -21.85 33.32 29.67
CA TYR A 316 -20.56 33.73 29.14
C TYR A 316 -19.46 33.48 30.17
N ALA A 317 -18.29 33.08 29.67
CA ALA A 317 -17.20 32.67 30.56
C ALA A 317 -16.70 33.82 31.41
N ALA A 318 -16.85 35.04 30.94
CA ALA A 318 -16.45 36.22 31.70
C ALA A 318 -17.38 37.37 31.35
N ASP A 319 -17.25 38.46 32.09
CA ASP A 319 -18.08 39.63 31.85
C ASP A 319 -17.80 40.21 30.47
N VAL A 320 -18.85 40.64 29.78
CA VAL A 320 -18.74 41.25 28.46
C VAL A 320 -19.79 42.34 28.33
N ASP A 321 -19.38 43.47 27.74
CA ASP A 321 -20.28 44.57 27.40
C ASP A 321 -19.77 45.08 26.05
N VAL A 322 -20.28 44.51 24.97
CA VAL A 322 -19.77 44.77 23.64
C VAL A 322 -20.94 45.09 22.72
N VAL A 323 -20.69 45.93 21.72
CA VAL A 323 -21.67 46.28 20.71
C VAL A 323 -21.27 45.60 19.40
N LEU A 324 -22.15 44.75 18.89
CA LEU A 324 -21.88 43.96 17.70
C LEU A 324 -22.68 44.51 16.53
N GLU A 325 -21.98 44.83 15.43
CA GLU A 325 -22.62 45.20 14.18
C GLU A 325 -22.72 43.92 13.35
N VAL A 326 -23.89 43.30 13.36
CA VAL A 326 -24.10 41.98 12.75
C VAL A 326 -24.73 42.16 11.39
N THR A 327 -24.14 41.54 10.38
CA THR A 327 -24.64 41.56 9.01
C THR A 327 -25.11 40.15 8.65
N ASP A 328 -26.37 40.05 8.23
CA ASP A 328 -26.96 38.78 7.82
C ASP A 328 -27.34 38.93 6.34
N ASP A 329 -26.48 38.40 5.46
CA ASP A 329 -26.70 38.59 4.03
C ASP A 329 -27.90 37.80 3.53
N PHE A 330 -28.06 36.57 4.00
CA PHE A 330 -29.14 35.71 3.49
C PHE A 330 -30.50 36.15 4.02
N LEU A 331 -30.55 36.57 5.29
CA LEU A 331 -31.78 37.02 5.94
C LEU A 331 -31.54 38.43 6.48
N PRO A 332 -31.61 39.44 5.62
CA PRO A 332 -31.27 40.81 6.07
C PRO A 332 -32.13 41.34 7.20
N GLU A 333 -33.29 40.73 7.48
CA GLU A 333 -34.09 41.19 8.60
C GLU A 333 -33.37 41.03 9.93
N ASN A 334 -32.39 40.13 10.02
CA ASN A 334 -31.63 39.92 11.24
C ASN A 334 -30.45 40.86 11.38
N SER A 335 -30.10 41.61 10.33
CA SER A 335 -29.00 42.55 10.44
C SER A 335 -29.34 43.64 11.45
N GLY A 336 -28.33 44.07 12.20
CA GLY A 336 -28.57 45.09 13.22
C GLY A 336 -27.36 45.25 14.10
N ARG A 337 -27.45 46.25 14.96
CA ARG A 337 -26.40 46.59 15.91
C ARG A 337 -26.92 46.26 17.30
N TYR A 338 -26.30 45.27 17.95
CA TYR A 338 -26.78 44.74 19.21
C TYR A 338 -25.74 44.96 20.30
N ARG A 339 -26.21 45.41 21.47
CA ARG A 339 -25.38 45.48 22.65
C ARG A 339 -25.55 44.18 23.44
N LEU A 340 -24.45 43.47 23.64
CA LEU A 340 -24.45 42.23 24.40
C LEU A 340 -23.85 42.49 25.77
N ARG A 341 -24.67 42.32 26.81
CA ARG A 341 -24.22 42.41 28.20
C ARG A 341 -24.38 41.02 28.82
N GLY A 342 -23.26 40.38 29.14
CA GLY A 342 -23.31 39.01 29.60
C GLY A 342 -22.24 38.68 30.60
N GLY A 343 -22.45 37.54 31.26
CA GLY A 343 -21.50 37.05 32.23
C GLY A 343 -21.84 35.64 32.62
N LEU A 344 -21.28 35.20 33.74
CA LEU A 344 -21.50 33.82 34.19
C LEU A 344 -22.95 33.59 34.61
N ASP A 345 -23.65 34.61 35.11
CA ASP A 345 -24.99 34.42 35.65
C ASP A 345 -26.02 35.38 35.06
N HIS A 346 -25.74 35.97 33.90
CA HIS A 346 -26.67 36.92 33.30
C HIS A 346 -26.29 37.11 31.84
N ALA A 347 -27.29 37.45 31.03
CA ALA A 347 -27.06 37.77 29.62
C ALA A 347 -28.25 38.54 29.09
N SER A 348 -27.98 39.62 28.35
CA SER A 348 -29.01 40.38 27.67
C SER A 348 -28.46 40.86 26.33
N CYS A 349 -29.36 41.01 25.36
CA CYS A 349 -28.95 41.43 24.03
C CYS A 349 -30.09 42.23 23.42
N GLU A 350 -29.81 43.48 23.04
CA GLU A 350 -30.86 44.37 22.55
C GLU A 350 -30.26 45.34 21.55
N ILE A 351 -31.13 45.86 20.67
CA ILE A 351 -30.72 46.88 19.71
C ILE A 351 -30.19 48.10 20.44
N THR A 352 -29.16 48.72 19.89
CA THR A 352 -28.60 49.94 20.42
C THR A 352 -28.14 50.82 19.28
N THR A 353 -28.08 52.13 19.54
CA THR A 353 -27.52 53.09 18.59
C THR A 353 -26.13 53.55 18.99
N ASP A 354 -25.58 53.04 20.09
CA ASP A 354 -24.21 53.35 20.45
C ASP A 354 -23.25 52.89 19.36
N ASP A 355 -22.03 53.42 19.40
CA ASP A 355 -21.02 53.04 18.42
C ASP A 355 -20.73 51.55 18.53
N ALA A 356 -20.49 50.92 17.39
CA ALA A 356 -20.21 49.49 17.35
C ALA A 356 -18.75 49.22 17.71
N ASP A 357 -18.53 48.10 18.40
CA ASP A 357 -17.19 47.65 18.78
C ASP A 357 -16.62 46.62 17.81
N ILE A 358 -17.47 45.75 17.27
CA ILE A 358 -17.03 44.66 16.39
C ILE A 358 -18.03 44.55 15.25
N ALA A 359 -17.51 44.32 14.05
CA ALA A 359 -18.34 44.05 12.87
C ALA A 359 -18.12 42.61 12.43
N LEU A 360 -19.20 41.85 12.29
CA LEU A 360 -19.09 40.45 11.89
C LEU A 360 -20.39 40.01 11.24
N THR A 361 -20.29 38.93 10.45
CA THR A 361 -21.45 38.32 9.82
C THR A 361 -22.13 37.37 10.78
N VAL A 362 -23.40 37.07 10.50
CA VAL A 362 -24.13 36.12 11.33
C VAL A 362 -23.48 34.74 11.30
N ARG A 363 -22.86 34.39 10.18
CA ARG A 363 -22.17 33.10 10.07
C ARG A 363 -21.03 33.02 11.07
N ASP A 364 -20.20 34.07 11.14
CA ASP A 364 -19.08 34.05 12.09
C ASP A 364 -19.57 34.19 13.53
N LEU A 365 -20.64 34.93 13.76
CA LEU A 365 -21.24 34.96 15.09
C LEU A 365 -21.71 33.57 15.50
N GLY A 366 -22.28 32.82 14.57
CA GLY A 366 -22.67 31.44 14.86
C GLY A 366 -21.48 30.55 15.16
N SER A 367 -20.34 30.80 14.48
CA SER A 367 -19.16 29.96 14.69
C SER A 367 -18.61 30.09 16.10
N VAL A 368 -18.70 31.29 16.69
CA VAL A 368 -18.19 31.51 18.05
C VAL A 368 -19.25 31.25 19.10
N TYR A 369 -20.49 30.95 18.71
CA TYR A 369 -21.60 30.93 19.65
C TYR A 369 -21.48 29.82 20.68
N MSE A 370 -20.85 28.70 20.32
CA MSE A 370 -20.78 27.55 21.23
C MSE A 370 -19.45 27.46 21.99
O MSE A 370 -19.21 26.50 22.71
CB MSE A 370 -21.06 26.25 20.50
CG MSE A 370 -22.45 26.17 19.89
SE MSE A 370 -23.85 26.17 21.25
CE MSE A 370 -23.39 24.51 22.15
N GLY A 371 -18.59 28.46 21.81
CA GLY A 371 -17.31 28.45 22.49
C GLY A 371 -16.27 27.53 21.89
N GLY A 372 -16.47 27.08 20.67
CA GLY A 372 -15.52 26.18 20.03
C GLY A 372 -14.58 26.86 19.06
N VAL A 373 -14.85 28.13 18.75
CA VAL A 373 -14.05 28.90 17.79
C VAL A 373 -13.79 30.26 18.40
N SER A 374 -12.52 30.68 18.41
CA SER A 374 -12.13 31.95 19.02
C SER A 374 -12.46 33.12 18.11
N LEU A 375 -13.20 34.09 18.64
CA LEU A 375 -13.45 35.32 17.90
C LEU A 375 -12.17 36.08 17.61
N GLN A 376 -11.16 35.95 18.47
CA GLN A 376 -9.89 36.65 18.25
C GLN A 376 -9.13 36.08 17.06
N VAL A 377 -9.20 34.77 16.86
CA VAL A 377 -8.53 34.17 15.71
C VAL A 377 -9.24 34.56 14.42
N LEU A 378 -10.57 34.65 14.46
CA LEU A 378 -11.30 35.12 13.29
C LEU A 378 -10.94 36.56 12.95
N ALA A 379 -10.72 37.38 13.96
CA ALA A 379 -10.31 38.77 13.72
C ALA A 379 -8.88 38.83 13.18
N SER A 380 -7.97 38.02 13.73
CA SER A 380 -6.61 37.97 13.22
C SER A 380 -6.57 37.46 11.79
N ALA A 381 -7.50 36.57 11.43
CA ALA A 381 -7.59 36.07 10.07
C ALA A 381 -8.16 37.10 9.10
N GLY A 382 -8.76 38.17 9.60
CA GLY A 382 -9.39 39.17 8.76
C GLY A 382 -10.84 38.94 8.47
N LEU A 383 -11.46 37.91 9.07
CA LEU A 383 -12.86 37.62 8.81
C LEU A 383 -13.80 38.44 9.68
N VAL A 384 -13.33 38.91 10.83
CA VAL A 384 -14.08 39.77 11.72
C VAL A 384 -13.25 41.04 11.92
N THR A 385 -13.92 42.19 12.02
CA THR A 385 -13.24 43.47 12.14
C THR A 385 -13.46 44.08 13.51
N GLU A 386 -12.36 44.44 14.18
CA GLU A 386 -12.45 45.18 15.43
C GLU A 386 -12.57 46.66 15.14
N LEU A 387 -13.61 47.30 15.70
CA LEU A 387 -13.85 48.71 15.48
C LEU A 387 -13.36 49.60 16.62
N ARG A 388 -13.23 49.05 17.83
CA ARG A 388 -12.71 49.79 18.97
C ARG A 388 -11.71 48.92 19.71
N ALA A 389 -10.64 49.54 20.20
CA ALA A 389 -9.51 48.79 20.73
C ALA A 389 -9.90 47.95 21.94
N GLY A 390 -9.32 46.76 22.03
CA GLY A 390 -9.54 45.87 23.15
C GLY A 390 -10.87 45.16 23.19
N ALA A 391 -11.78 45.46 22.26
CA ALA A 391 -13.11 44.87 22.30
C ALA A 391 -13.09 43.39 21.93
N VAL A 392 -12.36 43.03 20.88
CA VAL A 392 -12.37 41.64 20.41
C VAL A 392 -11.81 40.71 21.47
N GLN A 393 -10.73 41.14 22.15
CA GLN A 393 -10.08 40.30 23.16
C GLN A 393 -11.05 39.91 24.26
N ARG A 394 -11.77 40.88 24.81
CA ARG A 394 -12.70 40.58 25.91
C ARG A 394 -13.89 39.78 25.42
N ALA A 395 -14.43 40.14 24.25
CA ALA A 395 -15.57 39.39 23.70
C ALA A 395 -15.18 37.95 23.37
N ALA A 396 -13.95 37.74 22.90
CA ALA A 396 -13.53 36.39 22.53
C ALA A 396 -13.46 35.48 23.75
N THR A 397 -12.92 35.99 24.86
CA THR A 397 -12.89 35.20 26.10
C THR A 397 -14.30 34.94 26.61
N ALA A 398 -15.18 35.94 26.52
CA ALA A 398 -16.55 35.77 27.01
C ALA A 398 -17.31 34.72 26.20
N PHE A 399 -17.15 34.72 24.89
CA PHE A 399 -17.81 33.72 24.05
C PHE A 399 -17.23 32.33 24.23
N GLY A 400 -16.04 32.22 24.81
CA GLY A 400 -15.46 30.92 25.09
C GLY A 400 -16.18 30.24 26.24
N TRP A 401 -15.63 29.09 26.63
CA TRP A 401 -16.20 28.33 27.75
C TRP A 401 -15.14 27.35 28.23
N PRO A 402 -15.04 27.10 29.54
CA PRO A 402 -14.00 26.17 30.04
C PRO A 402 -14.14 24.76 29.52
N VAL A 403 -15.34 24.34 29.12
CA VAL A 403 -15.58 23.02 28.54
C VAL A 403 -15.88 23.23 27.07
N ALA A 404 -15.05 22.62 26.21
CA ALA A 404 -15.26 22.74 24.78
C ALA A 404 -16.60 22.10 24.40
N PRO A 405 -17.29 22.66 23.42
CA PRO A 405 -18.50 22.01 22.92
C PRO A 405 -18.15 20.72 22.21
N SER A 406 -19.12 19.80 22.18
CA SER A 406 -18.89 18.48 21.63
C SER A 406 -20.07 18.07 20.77
N ALA A 407 -19.84 17.04 19.95
CA ALA A 407 -20.80 16.64 18.93
C ALA A 407 -21.93 15.82 19.57
N PRO A 408 -23.17 16.10 19.23
CA PRO A 408 -24.29 15.30 19.73
C PRO A 408 -24.35 13.98 18.95
N ASP A 409 -25.36 13.17 19.30
CA ASP A 409 -25.61 11.96 18.52
C ASP A 409 -26.01 12.34 17.10
N ASP A 410 -25.74 11.44 16.16
CA ASP A 410 -25.84 11.76 14.74
C ASP A 410 -27.28 12.07 14.35
N PHE A 411 -27.43 12.99 13.40
CA PHE A 411 -28.72 13.26 12.78
C PHE A 411 -28.53 13.87 11.39
N GLU B 3 33.37 5.84 38.43
CA GLU B 3 33.73 5.70 37.02
C GLU B 3 33.12 6.82 36.17
N LEU B 4 31.90 7.22 36.52
CA LEU B 4 31.19 8.25 35.79
C LEU B 4 31.40 9.61 36.47
N THR B 5 31.55 10.65 35.65
CA THR B 5 31.77 12.00 36.13
C THR B 5 30.71 12.91 35.52
N LEU B 6 30.07 13.72 36.37
CA LEU B 6 29.10 14.71 35.93
C LEU B 6 29.85 16.03 35.73
N ARG B 7 29.98 16.47 34.48
CA ARG B 7 30.70 17.70 34.18
C ARG B 7 30.09 18.38 32.98
N THR B 8 30.54 19.60 32.71
CA THR B 8 30.12 20.36 31.55
C THR B 8 31.11 20.18 30.41
N ILE B 9 30.74 20.69 29.24
CA ILE B 9 31.62 20.63 28.08
C ILE B 9 32.82 21.54 28.31
N ALA B 10 34.00 21.08 27.90
CA ALA B 10 35.25 21.77 28.20
C ALA B 10 35.83 22.54 27.01
N ASP B 11 35.72 22.01 25.80
CA ASP B 11 36.33 22.65 24.63
C ASP B 11 35.57 22.21 23.38
N GLU B 12 36.13 22.54 22.22
CA GLU B 12 35.42 22.32 20.96
C GLU B 12 35.37 20.84 20.59
N ASP B 13 36.49 20.12 20.74
CA ASP B 13 36.49 18.69 20.49
C ASP B 13 35.56 17.97 21.45
N ASP B 14 35.53 18.40 22.71
CA ASP B 14 34.59 17.85 23.67
C ASP B 14 33.15 18.14 23.26
N TYR B 15 32.92 19.30 22.64
CA TYR B 15 31.57 19.64 22.18
C TYR B 15 31.11 18.70 21.07
N GLU B 16 32.00 18.38 20.14
CA GLU B 16 31.60 17.50 19.04
C GLU B 16 31.39 16.07 19.50
N SER B 17 32.17 15.61 20.48
CA SER B 17 31.95 14.27 21.03
C SER B 17 30.65 14.22 21.83
N TYR B 18 30.35 15.29 22.56
CA TYR B 18 29.09 15.40 23.29
C TYR B 18 27.90 15.30 22.34
N MSE B 19 27.91 16.08 21.26
CA MSE B 19 26.80 16.11 20.32
C MSE B 19 26.67 14.81 19.53
O MSE B 19 25.56 14.33 19.30
CB MSE B 19 26.94 17.30 19.36
CG MSE B 19 26.85 18.65 20.05
SE MSE B 19 25.12 18.91 20.91
CE MSE B 19 24.07 19.32 19.32
N ALA B 20 27.81 14.23 19.14
CA ALA B 20 27.79 12.95 18.45
C ALA B 20 27.16 11.87 19.34
N SER B 21 27.41 11.94 20.65
CA SER B 21 26.79 11.00 21.57
C SER B 21 25.27 11.15 21.58
N ALA B 22 24.79 12.40 21.58
CA ALA B 22 23.36 12.65 21.64
C ALA B 22 22.65 12.14 20.39
N TYR B 23 23.24 12.40 19.21
CA TYR B 23 22.68 11.86 17.97
C TYR B 23 22.69 10.33 17.99
N SER B 24 23.76 9.73 18.52
CA SER B 24 23.88 8.27 18.50
C SER B 24 22.80 7.61 19.35
N VAL B 25 22.44 8.23 20.48
CA VAL B 25 21.36 7.69 21.30
C VAL B 25 20.06 7.65 20.53
N PHE B 26 19.83 8.64 19.66
CA PHE B 26 18.63 8.70 18.84
C PHE B 26 18.81 8.02 17.48
N LEU B 27 19.78 7.13 17.35
CA LEU B 27 19.93 6.23 16.21
C LEU B 27 20.27 6.97 14.91
N ARG B 28 20.94 8.11 15.01
CA ARG B 28 21.27 8.92 13.86
C ARG B 28 22.76 9.22 13.83
N ASP B 29 23.28 9.44 12.62
CA ASP B 29 24.65 9.92 12.49
C ASP B 29 24.70 11.39 12.89
N PRO B 30 25.82 11.84 13.45
CA PRO B 30 25.93 13.25 13.85
C PRO B 30 25.80 14.16 12.63
N GLN B 31 24.90 15.13 12.74
CA GLN B 31 24.63 16.08 11.65
C GLN B 31 25.57 17.26 11.82
N LYS B 32 26.65 17.27 11.04
CA LYS B 32 27.72 18.24 11.25
C LYS B 32 27.27 19.67 10.94
N ASP B 33 26.40 19.85 9.95
CA ASP B 33 25.96 21.21 9.63
C ASP B 33 25.12 21.80 10.77
N GLU B 34 24.22 21.00 11.36
CA GLU B 34 23.47 21.46 12.52
C GLU B 34 24.37 21.71 13.71
N ILE B 35 25.31 20.80 13.95
CA ILE B 35 26.21 20.92 15.11
C ILE B 35 27.03 22.20 15.02
N GLU B 36 27.48 22.55 13.80
CA GLU B 36 28.35 23.71 13.64
C GLU B 36 27.58 25.01 13.85
N VAL B 37 26.36 25.11 13.32
CA VAL B 37 25.63 26.36 13.41
C VAL B 37 25.06 26.59 14.80
N ASN B 38 24.62 25.51 15.47
CA ASN B 38 24.07 25.66 16.81
C ASN B 38 25.13 25.98 17.85
N ARG B 39 26.40 25.66 17.56
CA ARG B 39 27.49 26.00 18.48
C ARG B 39 27.55 27.50 18.74
N LYS B 40 27.16 28.32 17.76
CA LYS B 40 27.27 29.78 17.88
C LYS B 40 26.41 30.35 19.00
N PHE B 41 25.33 29.67 19.39
CA PHE B 41 24.53 30.10 20.53
C PHE B 41 24.58 29.14 21.70
N THR B 42 25.51 28.18 21.68
CA THR B 42 25.64 27.21 22.76
C THR B 42 26.61 27.74 23.81
N GLU B 43 26.20 27.68 25.07
CA GLU B 43 27.07 27.99 26.19
C GLU B 43 27.52 26.66 26.80
N LEU B 44 28.83 26.40 26.75
CA LEU B 44 29.34 25.11 27.15
C LEU B 44 29.04 24.81 28.63
N ASP B 45 29.00 25.84 29.48
CA ASP B 45 28.73 25.62 30.89
C ASP B 45 27.28 25.28 31.18
N ARG B 46 26.38 25.38 30.20
CA ARG B 46 25.00 24.94 30.35
C ARG B 46 24.76 23.56 29.78
N MSE B 47 25.77 22.91 29.23
CA MSE B 47 25.64 21.58 28.67
C MSE B 47 26.34 20.58 29.57
O MSE B 47 27.56 20.55 29.64
CB MSE B 47 26.26 21.52 27.27
CG MSE B 47 25.93 22.71 26.38
SE MSE B 47 24.05 22.78 25.86
CE MSE B 47 23.96 21.18 24.77
N ILE B 48 25.56 19.75 30.28
CA ILE B 48 26.12 18.82 31.25
C ILE B 48 25.90 17.39 30.76
N GLY B 49 26.50 16.45 31.47
CA GLY B 49 26.34 15.05 31.16
C GLY B 49 27.28 14.19 31.98
N PHE B 50 27.18 12.89 31.75
CA PHE B 50 28.05 11.91 32.39
C PHE B 50 29.07 11.41 31.38
N HIS B 51 30.33 11.38 31.79
CA HIS B 51 31.43 10.92 30.95
C HIS B 51 32.16 9.81 31.70
N ASP B 52 32.44 8.71 31.01
CA ASP B 52 33.05 7.54 31.63
C ASP B 52 34.57 7.51 31.47
N GLY B 53 35.18 8.60 31.04
CA GLY B 53 36.61 8.66 30.78
C GLY B 53 36.97 8.57 29.33
N LYS B 54 36.09 8.02 28.49
CA LYS B 54 36.32 7.96 27.05
C LYS B 54 35.11 8.28 26.19
N LYS B 55 33.89 8.26 26.75
CA LYS B 55 32.69 8.59 26.00
C LYS B 55 31.71 9.32 26.91
N TRP B 56 30.93 10.22 26.30
CA TRP B 56 29.75 10.75 26.98
C TRP B 56 28.67 9.68 26.99
N VAL B 57 28.18 9.34 28.18
CA VAL B 57 27.15 8.31 28.32
C VAL B 57 25.78 8.88 28.66
N ALA B 58 25.67 10.17 28.92
CA ALA B 58 24.39 10.82 29.15
C ALA B 58 24.58 12.31 28.95
N THR B 59 23.54 12.98 28.47
CA THR B 59 23.62 14.40 28.19
C THR B 59 22.35 15.12 28.62
N THR B 60 22.49 16.41 28.91
CA THR B 60 21.36 17.28 29.22
C THR B 60 21.87 18.72 29.12
N GLY B 61 21.19 19.53 28.29
CA GLY B 61 21.63 20.89 28.05
C GLY B 61 20.48 21.87 28.11
N ALA B 62 20.84 23.15 28.03
CA ALA B 62 19.86 24.23 28.00
C ALA B 62 20.44 25.42 27.27
N PHE B 63 19.60 26.09 26.48
CA PHE B 63 19.94 27.36 25.87
C PHE B 63 19.29 28.49 26.65
N SER B 64 19.97 29.63 26.68
CA SER B 64 19.42 30.84 27.30
C SER B 64 18.53 31.54 26.29
N ARG B 65 17.23 31.41 26.44
CA ARG B 65 16.27 31.96 25.49
C ARG B 65 15.28 32.86 26.22
N HIS B 66 14.37 33.43 25.44
CA HIS B 66 13.32 34.31 25.97
C HIS B 66 12.02 33.98 25.25
N VAL B 67 10.94 33.82 26.01
CA VAL B 67 9.68 33.34 25.48
C VAL B 67 8.60 34.40 25.70
N VAL B 68 7.67 34.49 24.74
CA VAL B 68 6.51 35.37 24.85
C VAL B 68 5.45 34.68 25.68
N LEU B 69 4.92 35.38 26.68
CA LEU B 69 3.87 34.86 27.54
C LEU B 69 2.52 35.46 27.15
N PRO B 70 1.42 34.82 27.55
CA PRO B 70 0.10 35.45 27.38
C PRO B 70 0.07 36.84 27.97
N GLY B 71 -0.26 37.83 27.14
CA GLY B 71 -0.18 39.23 27.51
C GLY B 71 0.92 39.99 26.81
N GLY B 72 1.91 39.29 26.25
CA GLY B 72 2.96 39.90 25.47
C GLY B 72 4.30 40.04 26.15
N ALA B 73 4.38 39.74 27.44
CA ALA B 73 5.65 39.86 28.16
C ALA B 73 6.64 38.81 27.66
N VAL B 74 7.90 39.23 27.54
CA VAL B 74 8.99 38.36 27.13
C VAL B 74 9.89 38.14 28.33
N VAL B 75 10.05 36.88 28.75
CA VAL B 75 10.79 36.55 29.97
C VAL B 75 11.91 35.55 29.68
N PRO B 76 12.98 35.56 30.45
CA PRO B 76 14.03 34.55 30.25
C PRO B 76 13.50 33.14 30.51
N VAL B 77 13.97 32.20 29.71
CA VAL B 77 13.52 30.81 29.80
C VAL B 77 14.70 29.89 29.48
N ALA B 78 14.78 28.78 30.20
CA ALA B 78 15.77 27.73 29.91
C ALA B 78 15.19 26.82 28.84
N ALA B 79 15.77 26.87 27.64
CA ALA B 79 15.35 26.01 26.53
C ALA B 79 16.15 24.72 26.63
N VAL B 80 15.56 23.70 27.24
CA VAL B 80 16.25 22.46 27.53
C VAL B 80 16.37 21.63 26.26
N THR B 81 17.54 21.02 26.06
CA THR B 81 17.85 20.34 24.80
C THR B 81 18.80 19.19 25.07
N ALA B 82 18.90 18.29 24.09
CA ALA B 82 19.90 17.23 24.06
C ALA B 82 19.87 16.37 25.32
N VAL B 83 18.68 15.89 25.68
CA VAL B 83 18.49 15.05 26.86
C VAL B 83 18.57 13.60 26.40
N THR B 84 19.69 12.95 26.66
CA THR B 84 19.87 11.56 26.29
C THR B 84 20.55 10.79 27.43
N VAL B 85 20.31 9.48 27.45
CA VAL B 85 21.07 8.54 28.27
C VAL B 85 21.43 7.37 27.38
N SER B 86 22.71 6.99 27.38
CA SER B 86 23.16 5.89 26.54
C SER B 86 22.38 4.63 26.86
N PRO B 87 22.00 3.85 25.85
CA PRO B 87 21.21 2.62 26.12
C PRO B 87 21.94 1.62 27.01
N THR B 88 23.26 1.69 27.10
CA THR B 88 24.02 0.83 27.99
C THR B 88 24.08 1.37 29.42
N HIS B 89 23.60 2.59 29.66
CA HIS B 89 23.70 3.22 30.97
C HIS B 89 22.34 3.58 31.56
N ARG B 90 21.27 2.91 31.12
CA ARG B 90 19.95 3.14 31.69
C ARG B 90 19.85 2.48 33.06
N ARG B 91 18.84 2.90 33.82
CA ARG B 91 18.55 2.35 35.15
C ARG B 91 19.69 2.53 36.14
N ARG B 92 20.57 3.50 35.89
CA ARG B 92 21.61 3.89 36.83
C ARG B 92 21.24 5.13 37.63
N GLY B 93 20.15 5.81 37.28
CA GLY B 93 19.78 7.05 37.91
C GLY B 93 20.43 8.29 37.34
N LEU B 94 21.02 8.20 36.14
CA LEU B 94 21.73 9.34 35.58
C LEU B 94 20.79 10.48 35.21
N LEU B 95 19.57 10.15 34.75
CA LEU B 95 18.65 11.19 34.31
C LEU B 95 18.19 12.04 35.49
N THR B 96 17.76 11.41 36.59
CA THR B 96 17.34 12.17 37.76
C THR B 96 18.46 13.08 38.26
N THR B 97 19.70 12.59 38.26
CA THR B 97 20.83 13.40 38.72
C THR B 97 21.04 14.61 37.83
N MSE B 98 20.98 14.41 36.52
CA MSE B 98 21.14 15.53 35.59
C MSE B 98 19.99 16.52 35.73
O MSE B 98 20.21 17.73 35.65
CB MSE B 98 21.25 15.03 34.15
CG MSE B 98 22.55 14.27 33.87
SE MSE B 98 22.78 13.84 32.00
CE MSE B 98 21.14 12.82 31.73
N MSE B 99 18.78 16.02 35.95
CA MSE B 99 17.60 16.86 36.14
C MSE B 99 17.73 17.72 37.39
O MSE B 99 17.44 18.92 37.36
CB MSE B 99 16.32 16.01 36.24
CG MSE B 99 15.90 15.31 34.94
SE MSE B 99 15.32 16.52 33.52
CE MSE B 99 16.99 16.65 32.52
N ARG B 100 18.19 17.11 38.48
CA ARG B 100 18.38 17.87 39.72
C ARG B 100 19.43 18.96 39.54
N HIS B 101 20.53 18.65 38.86
CA HIS B 101 21.57 19.63 38.64
C HIS B 101 21.09 20.76 37.75
N GLN B 102 20.45 20.42 36.62
CA GLN B 102 20.01 21.42 35.67
C GLN B 102 18.95 22.34 36.27
N LEU B 103 17.93 21.76 36.90
CA LEU B 103 16.89 22.58 37.51
C LEU B 103 17.44 23.47 38.61
N ALA B 104 18.43 22.99 39.37
CA ALA B 104 19.10 23.84 40.33
C ALA B 104 19.85 24.97 39.64
N ASP B 105 20.55 24.65 38.54
CA ASP B 105 21.26 25.69 37.81
C ASP B 105 20.30 26.71 37.19
N ILE B 106 19.16 26.23 36.68
CA ILE B 106 18.14 27.14 36.16
C ILE B 106 17.66 28.07 37.26
N ARG B 107 17.48 27.54 38.47
CA ARG B 107 17.00 28.35 39.59
C ARG B 107 18.02 29.41 39.98
N SER B 108 19.29 29.02 40.12
CA SER B 108 20.31 29.99 40.51
C SER B 108 20.52 31.06 39.45
N ARG B 109 20.23 30.74 38.18
CA ARG B 109 20.31 31.71 37.11
C ARG B 109 19.14 32.68 37.10
N GLY B 110 18.12 32.45 37.93
CA GLY B 110 16.99 33.34 38.01
C GLY B 110 15.93 33.13 36.96
N GLU B 111 16.01 32.06 36.17
CA GLU B 111 14.98 31.76 35.18
C GLU B 111 13.78 31.12 35.87
N SER B 112 12.59 31.66 35.60
CA SER B 112 11.38 31.24 36.28
C SER B 112 10.79 29.95 35.74
N LEU B 113 11.19 29.51 34.55
CA LEU B 113 10.63 28.31 33.97
C LEU B 113 11.61 27.70 32.98
N ALA B 114 11.40 26.42 32.69
CA ALA B 114 12.11 25.71 31.63
C ALA B 114 11.09 25.21 30.62
N MSE B 115 11.52 25.10 29.37
CA MSE B 115 10.68 24.56 28.31
C MSE B 115 11.43 23.49 27.53
O MSE B 115 12.63 23.61 27.29
CB MSE B 115 10.17 25.67 27.39
CG MSE B 115 9.01 26.46 27.98
SE MSE B 115 8.56 28.03 26.92
CE MSE B 115 6.87 28.50 27.78
N LEU B 116 10.71 22.45 27.13
CA LEU B 116 11.31 21.27 26.52
C LEU B 116 10.37 20.75 25.44
N PHE B 117 10.91 20.44 24.28
CA PHE B 117 10.11 19.82 23.23
C PHE B 117 9.81 18.37 23.59
N ALA B 118 8.55 17.98 23.41
CA ALA B 118 8.16 16.61 23.70
C ALA B 118 8.86 15.65 22.74
N SER B 119 9.43 14.57 23.28
CA SER B 119 10.15 13.61 22.46
C SER B 119 9.42 12.27 22.41
N TYR B 124 8.76 12.53 31.40
CA TYR B 124 9.40 13.61 32.13
C TYR B 124 8.46 14.18 33.20
N GLY B 125 7.21 13.71 33.18
CA GLY B 125 6.21 14.23 34.11
C GLY B 125 6.62 14.14 35.55
N ARG B 126 7.44 13.15 35.91
CA ARG B 126 7.88 12.98 37.28
C ARG B 126 8.87 14.05 37.71
N PHE B 127 9.40 14.85 36.78
CA PHE B 127 10.29 15.95 37.13
C PHE B 127 9.57 17.29 37.20
N GLY B 128 8.26 17.32 36.93
CA GLY B 128 7.49 18.54 36.96
C GLY B 128 7.10 19.07 35.60
N TYR B 129 7.64 18.49 34.53
CA TYR B 129 7.31 18.93 33.18
C TYR B 129 5.89 18.50 32.82
N GLY B 130 5.14 19.44 32.26
CA GLY B 130 3.80 19.14 31.77
C GLY B 130 3.58 19.77 30.42
N VAL B 131 2.91 19.04 29.55
CA VAL B 131 2.65 19.53 28.20
C VAL B 131 1.72 20.74 28.29
N ALA B 132 2.21 21.89 27.83
CA ALA B 132 1.45 23.13 27.91
C ALA B 132 1.00 23.67 26.56
N THR B 133 1.68 23.29 25.48
CA THR B 133 1.32 23.74 24.14
C THR B 133 1.29 22.56 23.20
N GLU B 134 0.40 22.65 22.20
CA GLU B 134 0.29 21.65 21.15
C GLU B 134 0.65 22.28 19.82
N SER B 135 0.87 21.42 18.83
CA SER B 135 1.05 21.86 17.45
C SER B 135 0.17 21.01 16.55
N ALA B 136 -0.11 21.53 15.37
CA ALA B 136 -0.95 20.87 14.39
C ALA B 136 -0.15 20.66 13.12
N GLU B 137 -0.25 19.46 12.56
CA GLU B 137 0.23 19.20 11.21
C GLU B 137 -0.96 19.41 10.28
N LEU B 138 -0.90 20.45 9.46
CA LEU B 138 -1.94 20.76 8.49
C LEU B 138 -1.49 20.31 7.12
N SER B 139 -2.36 19.59 6.41
CA SER B 139 -2.01 19.07 5.10
C SER B 139 -3.27 18.92 4.25
N GLY B 140 -3.07 18.89 2.94
CA GLY B 140 -4.17 18.69 2.04
C GLY B 140 -3.74 18.92 0.61
N GLN B 141 -4.67 18.59 -0.30
CA GLN B 141 -4.46 18.83 -1.73
C GLN B 141 -4.67 20.30 -2.01
N VAL B 142 -3.66 20.95 -2.61
CA VAL B 142 -3.70 22.41 -2.77
C VAL B 142 -4.90 22.86 -3.60
N ARG B 143 -5.29 22.06 -4.60
CA ARG B 143 -6.43 22.42 -5.44
C ARG B 143 -7.75 22.44 -4.69
N GLU B 144 -7.80 21.89 -3.48
CA GLU B 144 -9.01 21.89 -2.66
C GLU B 144 -9.01 22.99 -1.61
N LEU B 145 -7.99 23.84 -1.59
CA LEU B 145 -7.77 24.79 -0.49
C LEU B 145 -8.11 26.23 -0.87
N ALA B 146 -9.16 26.41 -1.66
CA ALA B 146 -9.66 27.76 -1.93
C ALA B 146 -10.07 28.42 -0.61
N PHE B 147 -9.93 29.73 -0.56
CA PHE B 147 -10.29 30.49 0.63
C PHE B 147 -11.76 30.93 0.55
N ARG B 148 -12.29 31.33 1.70
CA ARG B 148 -13.61 31.94 1.74
C ARG B 148 -13.62 33.20 0.88
N PRO B 149 -14.77 33.55 0.28
CA PRO B 149 -14.78 34.67 -0.67
C PRO B 149 -14.52 36.03 -0.04
N THR B 150 -14.76 36.21 1.26
CA THR B 150 -14.54 37.50 1.91
C THR B 150 -13.10 37.72 2.33
N VAL B 151 -12.19 36.80 2.01
CA VAL B 151 -10.78 36.92 2.39
C VAL B 151 -10.12 37.91 1.44
N ASP B 152 -9.66 39.04 1.98
CA ASP B 152 -8.97 40.03 1.17
C ASP B 152 -7.50 39.64 1.06
N LEU B 153 -7.03 39.45 -0.17
CA LEU B 153 -5.63 39.11 -0.42
C LEU B 153 -4.73 40.33 -0.53
N GLY B 154 -5.30 41.53 -0.68
CA GLY B 154 -4.51 42.73 -0.80
C GLY B 154 -3.87 42.87 -2.16
N ASP B 155 -3.06 43.93 -2.30
CA ASP B 155 -2.38 44.25 -3.54
C ASP B 155 -0.88 44.02 -3.46
N GLY B 156 -0.43 43.19 -2.52
CA GLY B 156 0.99 42.96 -2.37
C GLY B 156 1.57 42.03 -3.42
N THR B 157 2.90 42.04 -3.49
CA THR B 157 3.64 41.16 -4.38
C THR B 157 4.61 40.30 -3.58
N LEU B 158 5.12 39.25 -4.22
CA LEU B 158 6.03 38.32 -3.56
C LEU B 158 7.25 38.08 -4.42
N GLU B 159 8.35 37.70 -3.75
CA GLU B 159 9.59 37.34 -4.41
C GLU B 159 10.23 36.18 -3.67
N GLU B 160 10.81 35.26 -4.41
CA GLU B 160 11.66 34.23 -3.83
C GLU B 160 13.08 34.76 -3.78
N VAL B 161 13.70 34.69 -2.60
CA VAL B 161 14.94 35.39 -2.33
C VAL B 161 15.95 34.43 -1.72
N SER B 162 17.21 34.87 -1.70
CA SER B 162 18.26 34.12 -1.02
C SER B 162 18.06 34.21 0.48
N ALA B 163 18.76 33.33 1.21
CA ALA B 163 18.71 33.36 2.66
C ALA B 163 19.18 34.71 3.20
N GLU B 164 20.21 35.29 2.57
CA GLU B 164 20.73 36.58 3.01
C GLU B 164 19.66 37.67 2.90
N THR B 165 19.02 37.77 1.73
CA THR B 165 17.97 38.77 1.55
C THR B 165 16.78 38.51 2.48
N PHE B 166 16.47 37.23 2.69
CA PHE B 166 15.41 36.87 3.62
C PHE B 166 15.71 37.36 5.03
N LEU B 167 16.95 37.16 5.48
CA LEU B 167 17.32 37.53 6.85
C LEU B 167 17.45 39.03 7.03
N ALA B 168 17.36 39.82 5.96
CA ALA B 168 17.37 41.27 6.07
C ALA B 168 15.97 41.86 6.28
N SER B 169 14.93 41.04 6.22
CA SER B 169 13.55 41.50 6.39
C SER B 169 12.75 40.63 7.35
N ALA B 170 12.98 39.32 7.34
CA ALA B 170 12.20 38.42 8.20
C ALA B 170 12.29 38.72 9.68
N PRO B 171 13.48 39.05 10.25
CA PRO B 171 13.51 39.36 11.69
C PRO B 171 12.57 40.47 12.11
N ALA B 172 12.46 41.55 11.33
CA ALA B 172 11.59 42.66 11.72
C ALA B 172 10.12 42.28 11.64
N ILE B 173 9.76 41.44 10.65
CA ILE B 173 8.41 40.93 10.58
C ILE B 173 8.12 40.03 11.77
N TYR B 174 9.05 39.12 12.09
CA TYR B 174 8.89 38.20 13.19
C TYR B 174 8.77 38.95 14.52
N ASP B 175 9.64 39.93 14.73
CA ASP B 175 9.63 40.68 15.99
C ASP B 175 8.30 41.42 16.20
N ALA B 176 7.65 41.84 15.12
CA ALA B 176 6.41 42.61 15.26
C ALA B 176 5.21 41.72 15.55
N VAL B 177 5.26 40.45 15.16
CA VAL B 177 4.08 39.59 15.31
C VAL B 177 4.07 38.80 16.62
N ILE B 178 5.23 38.36 17.10
CA ILE B 178 5.30 37.43 18.23
C ILE B 178 4.71 37.92 19.56
N PRO B 179 4.69 39.22 19.88
CA PRO B 179 4.03 39.63 21.13
C PRO B 179 2.59 39.19 21.24
N GLY B 180 1.93 38.86 20.13
CA GLY B 180 0.59 38.32 20.14
C GLY B 180 0.50 36.83 19.97
N LEU B 181 1.63 36.11 19.94
CA LEU B 181 1.67 34.66 19.77
C LEU B 181 2.44 34.06 20.93
N PRO B 182 1.78 33.83 22.07
CA PRO B 182 2.48 33.26 23.23
C PRO B 182 3.09 31.91 22.88
N GLY B 183 4.28 31.66 23.45
CA GLY B 183 5.04 30.47 23.16
C GLY B 183 6.16 30.68 22.17
N GLN B 184 6.07 31.70 21.32
CA GLN B 184 7.17 32.02 20.43
C GLN B 184 8.33 32.61 21.21
N MSE B 185 9.53 32.41 20.67
CA MSE B 185 10.74 32.84 21.35
C MSE B 185 11.53 33.86 20.53
O MSE B 185 11.50 33.83 19.30
CB MSE B 185 11.62 31.65 21.69
CG MSE B 185 11.01 30.70 22.72
SE MSE B 185 12.16 29.17 23.06
CE MSE B 185 11.15 28.32 24.48
N SER B 186 12.24 34.74 21.23
CA SER B 186 13.13 35.70 20.57
C SER B 186 14.13 34.96 19.69
N ARG B 187 14.48 35.57 18.56
CA ARG B 187 15.42 35.00 17.62
C ARG B 187 16.55 35.98 17.38
N THR B 188 17.73 35.68 17.90
CA THR B 188 18.94 36.41 17.57
C THR B 188 19.38 36.01 16.17
N PRO B 189 20.31 36.74 15.56
CA PRO B 189 20.87 36.30 14.27
C PRO B 189 21.41 34.88 14.30
N GLU B 190 21.98 34.44 15.43
CA GLU B 190 22.49 33.08 15.52
C GLU B 190 21.35 32.06 15.48
N TRP B 191 20.23 32.36 16.13
CA TRP B 191 19.08 31.45 16.06
C TRP B 191 18.43 31.48 14.68
N TRP B 192 18.40 32.64 14.03
CA TRP B 192 17.93 32.69 12.64
C TRP B 192 18.82 31.85 11.73
N ALA B 193 20.12 31.79 12.01
CA ALA B 193 21.03 31.04 11.14
C ALA B 193 20.75 29.54 11.22
N SER B 194 20.42 29.04 12.42
CA SER B 194 20.06 27.65 12.56
C SER B 194 18.68 27.37 11.97
N TRP B 195 17.73 28.28 12.21
CA TRP B 195 16.37 28.10 11.73
C TRP B 195 16.30 28.09 10.20
N THR B 196 17.21 28.81 9.53
CA THR B 196 17.23 28.89 8.08
C THR B 196 18.31 28.02 7.44
N LEU B 197 18.94 27.14 8.21
CA LEU B 197 20.00 26.30 7.65
C LEU B 197 19.42 25.33 6.63
N ASP B 198 20.07 25.21 5.48
CA ASP B 198 19.67 24.25 4.46
C ASP B 198 20.25 22.88 4.84
N SER B 199 19.71 22.31 5.90
CA SER B 199 20.27 21.10 6.48
C SER B 199 20.16 19.93 5.50
N GLU B 200 21.21 19.10 5.49
CA GLU B 200 21.24 17.96 4.58
C GLU B 200 20.12 16.96 4.90
N GLU B 201 19.79 16.81 6.18
CA GLU B 201 18.77 15.84 6.55
C GLU B 201 17.39 16.25 6.04
N LEU B 202 17.10 17.56 6.07
CA LEU B 202 15.83 18.02 5.52
C LEU B 202 15.84 18.04 3.99
N GLN B 203 17.01 18.24 3.38
CA GLN B 203 17.10 18.13 1.92
C GLN B 203 16.73 16.72 1.46
N LYS B 204 17.16 15.71 2.20
CA LYS B 204 16.86 14.33 1.83
C LYS B 204 15.37 14.03 1.93
N GLU B 205 14.67 14.65 2.88
CA GLU B 205 13.23 14.43 3.01
C GLU B 205 12.44 15.19 1.94
N SER B 206 12.96 16.31 1.45
CA SER B 206 12.22 17.11 0.49
C SER B 206 13.17 17.75 -0.53
N GLY B 207 13.70 18.92 -0.19
CA GLY B 207 14.61 19.60 -1.08
C GLY B 207 15.27 20.77 -0.39
N LYS B 208 16.00 21.56 -1.18
CA LYS B 208 16.70 22.71 -0.62
C LYS B 208 15.71 23.77 -0.15
N VAL B 209 16.00 24.37 1.00
CA VAL B 209 15.10 25.33 1.60
C VAL B 209 14.98 26.58 0.73
N ARG B 210 13.77 27.14 0.67
CA ARG B 210 13.49 28.33 -0.11
C ARG B 210 12.88 29.39 0.78
N PHE B 211 13.01 30.66 0.37
CA PHE B 211 12.56 31.79 1.16
C PHE B 211 11.71 32.73 0.31
N VAL B 212 10.59 33.17 0.88
CA VAL B 212 9.66 34.06 0.19
C VAL B 212 9.44 35.28 1.07
N LEU B 213 9.45 36.46 0.45
CA LEU B 213 9.09 37.71 1.11
C LEU B 213 7.86 38.29 0.44
N HIS B 214 6.94 38.80 1.25
CA HIS B 214 5.74 39.49 0.78
C HIS B 214 5.90 40.97 1.03
N TYR B 215 5.71 41.78 -0.01
CA TYR B 215 5.86 43.23 0.07
C TYR B 215 4.50 43.90 -0.12
N GLU B 216 4.25 44.92 0.70
CA GLU B 216 3.09 45.77 0.47
C GLU B 216 3.28 46.58 -0.81
N SER B 217 2.23 47.31 -1.20
CA SER B 217 2.29 48.08 -2.43
C SER B 217 3.31 49.21 -2.38
N ASP B 218 3.75 49.60 -1.18
CA ASP B 218 4.75 50.65 -1.02
C ASP B 218 6.16 50.11 -0.87
N GLY B 219 6.34 48.79 -0.97
CA GLY B 219 7.65 48.17 -0.84
C GLY B 219 7.95 47.61 0.53
N THR B 220 7.08 47.82 1.51
CA THR B 220 7.32 47.34 2.87
C THR B 220 7.17 45.82 2.92
N ALA B 221 8.21 45.14 3.37
CA ALA B 221 8.12 43.71 3.60
C ALA B 221 7.18 43.45 4.78
N SER B 222 6.08 42.76 4.51
CA SER B 222 5.06 42.52 5.54
C SER B 222 4.76 41.05 5.77
N GLY B 223 5.43 40.13 5.08
CA GLY B 223 5.19 38.71 5.28
C GLY B 223 6.35 37.90 4.75
N PHE B 224 6.45 36.66 5.23
CA PHE B 224 7.49 35.77 4.76
C PHE B 224 7.04 34.32 4.86
N ALA B 225 7.75 33.46 4.13
CA ALA B 225 7.50 32.03 4.16
C ALA B 225 8.81 31.30 3.99
N ILE B 226 8.95 30.18 4.69
CA ILE B 226 10.06 29.26 4.54
C ILE B 226 9.48 27.91 4.13
N TYR B 227 9.96 27.36 3.02
CA TYR B 227 9.40 26.10 2.55
C TYR B 227 10.42 25.35 1.72
N ARG B 228 10.17 24.04 1.56
CA ARG B 228 11.03 23.16 0.78
C ARG B 228 10.16 22.42 -0.23
N PRO B 229 10.58 22.33 -1.48
CA PRO B 229 9.84 21.53 -2.45
C PRO B 229 10.22 20.06 -2.34
N LYS B 230 9.25 19.20 -2.60
CA LYS B 230 9.47 17.77 -2.73
C LYS B 230 8.94 17.36 -4.09
N PRO B 231 9.81 17.27 -5.11
CA PRO B 231 9.31 17.00 -6.47
C PRO B 231 8.68 15.62 -6.56
N GLY B 232 7.84 15.45 -7.57
CA GLY B 232 7.12 14.20 -7.71
C GLY B 232 8.06 13.03 -7.92
N TRP B 233 7.76 11.92 -7.26
CA TRP B 233 8.58 10.72 -7.32
C TRP B 233 7.79 9.48 -7.72
N GLY B 234 6.55 9.64 -8.18
CA GLY B 234 5.75 8.51 -8.60
C GLY B 234 6.25 7.83 -9.85
N ALA B 236 2.33 5.65 -9.46
CA ALA B 236 2.64 6.71 -10.42
C ALA B 236 1.67 7.87 -10.28
N GLY B 237 1.86 8.89 -11.11
CA GLY B 237 1.01 10.06 -11.09
C GLY B 237 1.68 11.24 -10.41
N PRO B 238 1.19 12.45 -10.70
CA PRO B 238 1.77 13.64 -10.08
C PRO B 238 1.51 13.66 -8.58
N ASN B 239 2.54 14.03 -7.82
CA ASN B 239 2.43 14.06 -6.36
C ASN B 239 3.50 14.95 -5.74
N ALA B 240 3.88 16.02 -6.42
CA ALA B 240 4.84 16.97 -5.86
C ALA B 240 4.25 17.65 -4.63
N GLU B 241 5.06 17.84 -3.60
CA GLU B 241 4.62 18.37 -2.33
C GLU B 241 5.42 19.61 -1.95
N LEU B 242 4.78 20.50 -1.21
CA LEU B 242 5.45 21.62 -0.56
C LEU B 242 5.42 21.38 0.95
N HIS B 243 6.60 21.43 1.56
CA HIS B 243 6.74 21.27 3.01
C HIS B 243 7.03 22.63 3.60
N VAL B 244 6.04 23.21 4.28
CA VAL B 244 6.13 24.56 4.79
C VAL B 244 6.73 24.53 6.19
N GLN B 245 7.73 25.39 6.42
CA GLN B 245 8.35 25.49 7.74
C GLN B 245 7.77 26.62 8.57
N GLU B 246 7.41 27.74 7.95
CA GLU B 246 6.88 28.88 8.69
C GLU B 246 6.27 29.87 7.71
N VAL B 247 5.11 30.43 8.08
CA VAL B 247 4.49 31.53 7.35
C VAL B 247 4.00 32.54 8.37
N LEU B 248 4.38 33.81 8.19
CA LEU B 248 3.96 34.88 9.08
C LEU B 248 3.70 36.14 8.28
N GLY B 249 2.74 36.93 8.73
CA GLY B 249 2.48 38.23 8.14
C GLY B 249 2.07 39.22 9.22
N THR B 250 2.37 40.49 8.97
CA THR B 250 2.04 41.54 9.93
C THR B 250 0.61 42.04 9.81
N ASN B 251 -0.13 41.64 8.77
CA ASN B 251 -1.53 41.98 8.62
C ASN B 251 -2.27 40.81 8.01
N PRO B 252 -3.61 40.78 8.04
CA PRO B 252 -4.31 39.60 7.50
C PRO B 252 -4.13 39.41 6.00
N ARG B 253 -3.93 40.48 5.25
CA ARG B 253 -3.80 40.37 3.81
C ARG B 253 -2.46 39.74 3.43
N SER B 254 -1.37 40.21 4.05
CA SER B 254 -0.05 39.65 3.77
CA SER B 254 -0.05 39.65 3.76
C SER B 254 0.01 38.17 4.11
N TYR B 255 -0.60 37.79 5.23
CA TYR B 255 -0.64 36.38 5.62
C TYR B 255 -1.43 35.55 4.61
N ALA B 256 -2.63 36.02 4.25
CA ALA B 256 -3.45 35.27 3.30
C ALA B 256 -2.81 35.21 1.92
N ARG B 257 -2.22 36.33 1.47
CA ARG B 257 -1.62 36.34 0.14
C ARG B 257 -0.40 35.43 0.08
N THR B 258 0.38 35.36 1.17
CA THR B 258 1.53 34.47 1.19
C THR B 258 1.11 33.02 1.09
N TRP B 259 0.08 32.62 1.85
CA TRP B 259 -0.44 31.26 1.72
C TRP B 259 -1.01 31.01 0.33
N ARG B 260 -1.74 31.98 -0.22
CA ARG B 260 -2.28 31.83 -1.57
C ARG B 260 -1.17 31.62 -2.59
N TYR B 261 -0.01 32.26 -2.38
CA TYR B 261 1.12 32.05 -3.26
C TYR B 261 1.58 30.60 -3.23
N LEU B 262 1.73 30.02 -2.03
CA LEU B 262 2.14 28.63 -1.92
C LEU B 262 1.08 27.69 -2.49
N LEU B 263 -0.20 27.96 -2.20
CA LEU B 263 -1.26 27.04 -2.58
C LEU B 263 -1.53 27.05 -4.08
N ASP B 264 -1.26 28.17 -4.76
CA ASP B 264 -1.54 28.29 -6.18
C ASP B 264 -0.34 27.99 -7.07
N MSE B 265 0.74 27.46 -6.50
CA MSE B 265 1.94 27.17 -7.28
C MSE B 265 1.73 25.95 -8.18
O MSE B 265 1.22 24.93 -7.73
CB MSE B 265 3.13 26.95 -6.35
CG MSE B 265 4.45 26.80 -7.06
SE MSE B 265 5.91 26.58 -5.79
CE MSE B 265 5.67 28.23 -4.79
N ASP B 266 2.12 26.08 -9.45
CA ASP B 266 1.98 24.98 -10.38
C ASP B 266 2.83 23.78 -9.96
N LEU B 267 2.43 22.60 -10.43
CA LEU B 267 3.12 21.33 -10.22
C LEU B 267 2.88 20.77 -8.82
N VAL B 268 2.49 21.61 -7.88
CA VAL B 268 2.27 21.17 -6.51
C VAL B 268 0.92 20.47 -6.42
N ARG B 269 0.90 19.30 -5.77
CA ARG B 269 -0.33 18.59 -5.49
C ARG B 269 -0.75 18.65 -4.03
N LYS B 270 0.20 18.50 -3.11
CA LYS B 270 -0.09 18.44 -1.69
C LYS B 270 0.81 19.43 -0.95
N ILE B 271 0.26 20.01 0.10
CA ILE B 271 1.01 20.91 0.97
C ILE B 271 0.96 20.34 2.39
N LYS B 272 2.05 20.55 3.14
CA LYS B 272 2.13 20.09 4.51
C LYS B 272 2.81 21.17 5.34
N TYR B 273 2.19 21.50 6.48
CA TYR B 273 2.74 22.48 7.43
C TYR B 273 2.79 21.77 8.77
N HIS B 274 3.97 21.29 9.14
CA HIS B 274 4.15 20.66 10.44
C HIS B 274 4.53 21.71 11.48
N GLY B 275 4.04 21.53 12.70
CA GLY B 275 4.33 22.49 13.74
C GLY B 275 3.57 23.79 13.63
N ALA B 276 2.41 23.78 12.97
CA ALA B 276 1.54 24.94 12.95
C ALA B 276 0.85 25.10 14.30
N SER B 277 0.19 26.25 14.47
CA SER B 277 -0.66 26.43 15.63
C SER B 277 -1.93 25.62 15.47
N VAL B 278 -2.47 25.13 16.60
CA VAL B 278 -3.76 24.46 16.56
C VAL B 278 -4.88 25.43 16.21
N GLN B 279 -4.63 26.72 16.32
CA GLN B 279 -5.55 27.78 15.89
C GLN B 279 -4.93 28.60 14.78
N GLU B 280 -4.16 27.95 13.91
CA GLU B 280 -3.54 28.64 12.78
C GLU B 280 -4.62 29.32 11.93
N GLU B 281 -4.37 30.59 11.59
CA GLU B 281 -5.36 31.36 10.83
C GLU B 281 -5.72 30.67 9.52
N LEU B 282 -4.78 29.96 8.92
CA LEU B 282 -5.04 29.24 7.67
C LEU B 282 -6.26 28.32 7.80
N ARG B 283 -6.42 27.68 8.95
CA ARG B 283 -7.53 26.75 9.15
C ARG B 283 -8.87 27.41 8.93
N TYR B 284 -8.97 28.72 9.21
CA TYR B 284 -10.23 29.43 9.11
C TYR B 284 -10.38 30.22 7.81
N LEU B 285 -9.28 30.42 7.07
CA LEU B 285 -9.39 31.00 5.74
C LEU B 285 -9.93 30.00 4.74
N VAL B 286 -9.59 28.71 4.90
CA VAL B 286 -9.99 27.68 3.95
C VAL B 286 -11.50 27.56 3.90
N ALA B 287 -12.06 27.56 2.69
CA ALA B 287 -13.51 27.50 2.54
C ALA B 287 -14.05 26.15 2.99
N ASN B 288 -13.37 25.06 2.64
CA ASN B 288 -13.80 23.70 2.97
C ASN B 288 -12.82 23.15 4.00
N HIS B 289 -13.16 23.32 5.27
CA HIS B 289 -12.31 22.81 6.37
C HIS B 289 -11.89 21.35 6.21
N PRO B 290 -12.75 20.40 5.82
CA PRO B 290 -12.29 19.01 5.71
C PRO B 290 -11.16 18.80 4.72
N SER B 291 -10.94 19.73 3.78
CA SER B 291 -9.83 19.57 2.85
C SER B 291 -8.47 19.79 3.51
N LEU B 292 -8.44 20.47 4.66
CA LEU B 292 -7.20 20.73 5.38
C LEU B 292 -7.19 19.85 6.64
N GLU B 293 -6.55 18.68 6.54
CA GLU B 293 -6.47 17.76 7.67
C GLU B 293 -5.67 18.39 8.80
N CYS B 294 -6.10 18.13 10.03
CA CYS B 294 -5.47 18.72 11.22
C CYS B 294 -5.20 17.63 12.24
N VAL B 295 -3.94 17.29 12.43
CA VAL B 295 -3.53 16.31 13.44
C VAL B 295 -2.83 17.05 14.56
N VAL B 296 -3.34 16.90 15.79
CA VAL B 296 -2.87 17.64 16.95
C VAL B 296 -1.97 16.73 17.79
N SER B 297 -0.84 17.26 18.24
CA SER B 297 0.11 16.50 19.02
C SER B 297 0.82 17.41 20.01
N ASP B 298 1.48 16.80 21.00
CA ASP B 298 2.24 17.55 21.99
C ASP B 298 3.33 18.38 21.33
N ALA B 299 3.57 19.56 21.88
CA ALA B 299 4.65 20.41 21.38
C ALA B 299 5.67 20.72 22.48
N ILE B 300 5.32 21.61 23.41
CA ILE B 300 6.24 22.11 24.42
C ILE B 300 5.76 21.70 25.81
N GLN B 301 6.68 21.20 26.62
CA GLN B 301 6.43 20.94 28.03
C GLN B 301 7.02 22.07 28.86
N VAL B 302 6.29 22.50 29.88
CA VAL B 302 6.71 23.59 30.77
C VAL B 302 7.04 23.02 32.14
N ARG B 303 8.18 23.43 32.69
CA ARG B 303 8.56 23.13 34.07
C ARG B 303 8.67 24.46 34.80
N LEU B 304 7.74 24.73 35.71
CA LEU B 304 7.79 25.95 36.49
C LEU B 304 8.87 25.82 37.56
N VAL B 305 9.81 26.76 37.57
CA VAL B 305 10.89 26.78 38.53
C VAL B 305 10.64 27.78 39.66
N ASP B 306 10.16 28.98 39.31
CA ASP B 306 9.74 29.98 40.28
C ASP B 306 8.25 30.15 40.10
N ILE B 307 7.46 29.44 40.92
CA ILE B 307 6.01 29.45 40.75
C ILE B 307 5.40 30.83 40.89
N PRO B 308 5.62 31.58 41.99
CA PRO B 308 4.94 32.88 42.12
C PRO B 308 5.35 33.88 41.05
N ARG B 309 6.62 33.87 40.64
CA ARG B 309 7.06 34.82 39.64
C ARG B 309 6.50 34.48 38.26
N ALA B 310 6.53 33.20 37.88
CA ALA B 310 5.97 32.79 36.59
C ALA B 310 4.50 33.15 36.50
N LEU B 311 3.74 32.88 37.57
CA LEU B 311 2.32 33.19 37.57
C LEU B 311 2.08 34.70 37.49
N ALA B 312 2.97 35.50 38.06
CA ALA B 312 2.83 36.95 38.01
C ALA B 312 3.37 37.56 36.72
N GLN B 313 4.13 36.80 35.93
CA GLN B 313 4.72 37.35 34.71
C GLN B 313 3.75 37.34 33.53
N ARG B 314 2.83 36.39 33.48
CA ARG B 314 1.83 36.37 32.42
C ARG B 314 0.60 37.18 32.83
N ARG B 315 -0.26 37.44 31.84
CA ARG B 315 -1.54 38.07 32.07
C ARG B 315 -2.65 37.05 31.83
N TYR B 316 -3.84 37.35 32.36
CA TYR B 316 -4.94 36.40 32.38
C TYR B 316 -6.11 36.93 31.56
N ALA B 317 -6.80 35.99 30.89
CA ALA B 317 -7.85 36.37 29.94
C ALA B 317 -9.02 37.05 30.61
N ALA B 318 -9.22 36.81 31.91
CA ALA B 318 -10.25 37.50 32.67
C ALA B 318 -9.77 37.58 34.12
N ASP B 319 -10.49 38.39 34.91
CA ASP B 319 -10.12 38.56 36.31
C ASP B 319 -10.22 37.24 37.05
N VAL B 320 -9.31 37.03 38.00
CA VAL B 320 -9.27 35.81 38.80
C VAL B 320 -8.69 36.14 40.16
N ASP B 321 -9.25 35.53 41.19
CA ASP B 321 -8.73 35.62 42.55
C ASP B 321 -8.91 34.23 43.15
N VAL B 322 -7.85 33.43 43.10
CA VAL B 322 -7.92 32.00 43.43
C VAL B 322 -6.69 31.62 44.23
N VAL B 323 -6.88 30.68 45.15
CA VAL B 323 -5.82 30.18 46.02
C VAL B 323 -5.51 28.74 45.60
N LEU B 324 -4.26 28.50 45.22
CA LEU B 324 -3.83 27.22 44.65
C LEU B 324 -2.90 26.51 45.62
N GLU B 325 -3.27 25.31 46.04
CA GLU B 325 -2.40 24.46 46.85
C GLU B 325 -1.60 23.59 45.89
N VAL B 326 -0.32 23.91 45.72
CA VAL B 326 0.53 23.31 44.70
C VAL B 326 1.49 22.34 45.38
N THR B 327 1.61 21.14 44.80
CA THR B 327 2.52 20.11 45.29
C THR B 327 3.58 19.85 44.22
N ASP B 328 4.85 19.97 44.61
CA ASP B 328 5.98 19.72 43.73
C ASP B 328 6.75 18.54 44.33
N ASP B 329 6.51 17.34 43.81
CA ASP B 329 7.13 16.15 44.37
C ASP B 329 8.64 16.16 44.15
N PHE B 330 9.08 16.47 42.93
CA PHE B 330 10.51 16.40 42.62
C PHE B 330 11.29 17.49 43.34
N LEU B 331 10.73 18.70 43.42
CA LEU B 331 11.37 19.84 44.10
C LEU B 331 10.44 20.31 45.21
N PRO B 332 10.45 19.64 46.37
CA PRO B 332 9.48 19.98 47.43
C PRO B 332 9.59 21.40 47.95
N GLU B 333 10.70 22.10 47.69
CA GLU B 333 10.82 23.48 48.15
C GLU B 333 9.86 24.43 47.43
N ASN B 334 9.28 24.02 46.31
CA ASN B 334 8.32 24.83 45.59
C ASN B 334 6.88 24.64 46.06
N SER B 335 6.61 23.57 46.82
CA SER B 335 5.26 23.33 47.30
C SER B 335 4.80 24.45 48.22
N GLY B 336 3.54 24.84 48.07
CA GLY B 336 3.01 25.91 48.89
C GLY B 336 1.61 26.29 48.42
N ARG B 337 1.02 27.22 49.18
CA ARG B 337 -0.32 27.72 48.92
C ARG B 337 -0.20 29.16 48.45
N TYR B 338 -0.63 29.43 47.21
CA TYR B 338 -0.43 30.72 46.57
C TYR B 338 -1.77 31.33 46.18
N ARG B 339 -1.92 32.63 46.47
CA ARG B 339 -3.09 33.38 46.04
C ARG B 339 -2.75 34.12 44.75
N LEU B 340 -3.43 33.76 43.68
CA LEU B 340 -3.23 34.37 42.37
C LEU B 340 -4.33 35.41 42.13
N ARG B 341 -3.91 36.66 41.96
CA ARG B 341 -4.81 37.75 41.59
C ARG B 341 -4.37 38.25 40.22
N GLY B 342 -5.15 37.94 39.19
CA GLY B 342 -4.74 38.22 37.83
C GLY B 342 -5.86 38.80 36.99
N GLY B 343 -5.46 39.33 35.85
CA GLY B 343 -6.39 39.90 34.89
C GLY B 343 -5.65 40.30 33.64
N LEU B 344 -6.36 41.01 32.76
CA LEU B 344 -5.75 41.47 31.51
C LEU B 344 -4.67 42.53 31.77
N ASP B 345 -4.79 43.28 32.86
CA ASP B 345 -3.91 44.41 33.12
C ASP B 345 -3.07 44.26 34.38
N HIS B 346 -3.15 43.14 35.09
CA HIS B 346 -2.42 42.98 36.34
C HIS B 346 -2.25 41.50 36.62
N ALA B 347 -1.26 41.20 37.46
CA ALA B 347 -1.01 39.82 37.89
C ALA B 347 -0.10 39.86 39.11
N SER B 348 -0.51 39.20 40.18
CA SER B 348 0.32 39.03 41.35
C SER B 348 0.07 37.64 41.93
N CYS B 349 1.13 37.04 42.47
CA CYS B 349 1.05 35.72 43.08
C CYS B 349 1.98 35.70 44.27
N GLU B 350 1.49 35.16 45.39
CA GLU B 350 2.24 35.24 46.64
C GLU B 350 1.73 34.18 47.60
N ILE B 351 2.59 33.85 48.57
CA ILE B 351 2.19 32.96 49.66
C ILE B 351 1.00 33.57 50.37
N THR B 352 -0.01 32.75 50.66
CA THR B 352 -1.18 33.20 51.38
C THR B 352 -1.56 32.18 52.44
N THR B 353 -2.28 32.66 53.45
CA THR B 353 -2.80 31.82 54.51
C THR B 353 -4.29 31.58 54.39
N ASP B 354 -4.95 32.17 53.39
CA ASP B 354 -6.36 31.93 53.15
C ASP B 354 -6.59 30.47 52.77
N ASP B 355 -7.86 30.07 52.78
CA ASP B 355 -8.23 28.71 52.42
C ASP B 355 -7.95 28.45 50.94
N ALA B 356 -7.47 27.26 50.63
CA ALA B 356 -7.14 26.89 49.26
C ALA B 356 -8.41 26.58 48.48
N ASP B 357 -8.42 26.98 47.21
CA ASP B 357 -9.54 26.72 46.32
C ASP B 357 -9.32 25.53 45.41
N ILE B 358 -8.08 25.28 45.00
CA ILE B 358 -7.75 24.21 44.06
C ILE B 358 -6.47 23.54 44.53
N ALA B 359 -6.43 22.21 44.42
CA ALA B 359 -5.23 21.43 44.71
C ALA B 359 -4.74 20.78 43.42
N LEU B 360 -3.48 20.99 43.10
CA LEU B 360 -2.91 20.44 41.88
C LEU B 360 -1.40 20.32 42.04
N THR B 361 -0.80 19.52 41.16
CA THR B 361 0.64 19.34 41.12
C THR B 361 1.29 20.43 40.28
N VAL B 362 2.60 20.57 40.45
CA VAL B 362 3.33 21.56 39.66
C VAL B 362 3.31 21.19 38.17
N ARG B 363 3.26 19.90 37.86
CA ARG B 363 3.21 19.47 36.47
C ARG B 363 1.93 19.94 35.79
N ASP B 364 0.79 19.72 36.44
CA ASP B 364 -0.49 20.15 35.87
C ASP B 364 -0.60 21.67 35.83
N LEU B 365 -0.01 22.35 36.81
CA LEU B 365 0.02 23.81 36.78
C LEU B 365 0.79 24.31 35.58
N GLY B 366 1.94 23.69 35.28
CA GLY B 366 2.66 24.04 34.07
C GLY B 366 1.86 23.76 32.81
N SER B 367 1.04 22.70 32.83
CA SER B 367 0.25 22.35 31.65
C SER B 367 -0.75 23.42 31.27
N VAL B 368 -1.32 24.12 32.26
CA VAL B 368 -2.30 25.17 31.98
C VAL B 368 -1.66 26.55 31.89
N TYR B 369 -0.33 26.64 32.07
CA TYR B 369 0.32 27.94 32.23
C TYR B 369 0.28 28.77 30.95
N MSE B 370 0.26 28.15 29.79
CA MSE B 370 0.31 28.89 28.54
C MSE B 370 -1.07 29.04 27.88
O MSE B 370 -1.18 29.56 26.78
CB MSE B 370 1.27 28.22 27.55
CG MSE B 370 2.72 28.14 28.04
SE MSE B 370 3.52 29.90 28.29
CE MSE B 370 3.48 30.53 26.45
N GLY B 371 -2.10 28.59 28.59
CA GLY B 371 -3.44 28.63 28.04
C GLY B 371 -3.73 27.62 26.97
N GLY B 372 -2.92 26.57 26.86
CA GLY B 372 -3.14 25.56 25.84
C GLY B 372 -3.91 24.35 26.34
N VAL B 373 -4.04 24.22 27.66
CA VAL B 373 -4.76 23.13 28.29
C VAL B 373 -5.72 23.72 29.31
N SER B 374 -6.96 23.24 29.31
CA SER B 374 -7.99 23.76 30.20
C SER B 374 -7.86 23.16 31.58
N LEU B 375 -7.80 24.01 32.60
CA LEU B 375 -7.78 23.52 33.98
C LEU B 375 -9.07 22.78 34.32
N GLN B 376 -10.18 23.14 33.68
CA GLN B 376 -11.46 22.48 33.95
C GLN B 376 -11.45 21.04 33.45
N VAL B 377 -10.88 20.79 32.28
CA VAL B 377 -10.81 19.44 31.75
C VAL B 377 -9.95 18.55 32.64
N LEU B 378 -8.82 19.09 33.13
CA LEU B 378 -7.98 18.32 34.05
C LEU B 378 -8.74 18.00 35.33
N ALA B 379 -9.59 18.92 35.79
CA ALA B 379 -10.41 18.66 36.97
C ALA B 379 -11.45 17.58 36.68
N SER B 380 -12.18 17.73 35.57
CA SER B 380 -13.16 16.71 35.20
C SER B 380 -12.50 15.35 34.97
N ALA B 381 -11.25 15.35 34.53
CA ALA B 381 -10.50 14.11 34.36
C ALA B 381 -10.08 13.48 35.67
N GLY B 382 -10.18 14.22 36.78
CA GLY B 382 -9.75 13.72 38.07
C GLY B 382 -8.29 13.97 38.41
N LEU B 383 -7.58 14.74 37.58
CA LEU B 383 -6.18 15.04 37.83
C LEU B 383 -5.98 16.26 38.73
N VAL B 384 -6.95 17.16 38.76
CA VAL B 384 -6.93 18.36 39.59
C VAL B 384 -8.17 18.35 40.46
N THR B 385 -8.04 18.80 41.70
CA THR B 385 -9.12 18.71 42.69
C THR B 385 -9.64 20.10 43.02
N GLU B 386 -10.94 20.30 42.83
CA GLU B 386 -11.59 21.55 43.23
C GLU B 386 -11.95 21.45 44.71
N LEU B 387 -11.47 22.41 45.50
CA LEU B 387 -11.71 22.43 46.94
C LEU B 387 -12.88 23.31 47.34
N ARG B 388 -13.19 24.34 46.56
CA ARG B 388 -14.32 25.22 46.82
C ARG B 388 -15.09 25.43 45.53
N ALA B 389 -16.42 25.42 45.63
CA ALA B 389 -17.27 25.39 44.44
C ALA B 389 -17.07 26.62 43.57
N GLY B 390 -17.07 26.41 42.26
CA GLY B 390 -16.93 27.48 41.29
C GLY B 390 -15.53 27.98 41.06
N ALA B 391 -14.55 27.47 41.80
CA ALA B 391 -13.20 28.02 41.69
C ALA B 391 -12.52 27.59 40.40
N VAL B 392 -12.65 26.31 40.03
CA VAL B 392 -11.96 25.81 38.84
C VAL B 392 -12.46 26.50 37.58
N GLN B 393 -13.79 26.66 37.47
CA GLN B 393 -14.36 27.25 36.25
C GLN B 393 -13.81 28.66 36.01
N ARG B 394 -13.76 29.48 37.05
CA ARG B 394 -13.22 30.83 36.90
C ARG B 394 -11.72 30.81 36.66
N ALA B 395 -10.99 29.95 37.37
CA ALA B 395 -9.55 29.83 37.15
C ALA B 395 -9.24 29.30 35.77
N ALA B 396 -10.03 28.34 35.28
CA ALA B 396 -9.78 27.78 33.96
C ALA B 396 -9.93 28.84 32.87
N THR B 397 -10.96 29.67 32.97
CA THR B 397 -11.15 30.74 31.99
C THR B 397 -10.00 31.74 32.05
N ALA B 398 -9.53 32.06 33.26
CA ALA B 398 -8.47 33.05 33.40
C ALA B 398 -7.12 32.52 32.91
N PHE B 399 -6.83 31.25 33.17
CA PHE B 399 -5.60 30.66 32.65
C PHE B 399 -5.62 30.47 31.14
N GLY B 400 -6.78 30.56 30.52
CA GLY B 400 -6.87 30.49 29.07
C GLY B 400 -6.37 31.77 28.43
N TRP B 401 -6.55 31.83 27.10
CA TRP B 401 -6.14 33.01 26.35
C TRP B 401 -6.84 32.97 24.99
N PRO B 402 -7.24 34.10 24.44
CA PRO B 402 -7.95 34.07 23.14
C PRO B 402 -7.10 33.59 21.99
N VAL B 403 -5.78 33.60 22.12
CA VAL B 403 -4.87 33.09 21.10
C VAL B 403 -4.14 31.90 21.69
N ALA B 404 -4.30 30.73 21.07
CA ALA B 404 -3.68 29.53 21.58
C ALA B 404 -2.16 29.67 21.54
N PRO B 405 -1.45 29.09 22.50
CA PRO B 405 0.01 29.07 22.42
C PRO B 405 0.46 28.19 21.27
N SER B 406 1.66 28.46 20.77
CA SER B 406 2.16 27.76 19.60
C SER B 406 3.64 27.43 19.81
N ALA B 407 4.13 26.50 19.00
CA ALA B 407 5.47 25.98 19.16
C ALA B 407 6.50 26.96 18.59
N PRO B 408 7.60 27.18 19.29
CA PRO B 408 8.67 28.05 18.77
C PRO B 408 9.52 27.29 17.77
N ASP B 409 10.56 27.95 17.27
CA ASP B 409 11.52 27.26 16.43
C ASP B 409 12.19 26.14 17.22
N ASP B 410 12.50 25.04 16.52
CA ASP B 410 12.91 23.82 17.18
C ASP B 410 14.22 24.01 17.95
N PHE B 411 14.29 23.38 19.12
CA PHE B 411 15.52 23.33 19.89
C PHE B 411 15.61 22.03 20.68
N GLU C 3 10.67 47.42 -15.32
CA GLU C 3 11.35 46.54 -14.36
C GLU C 3 11.84 45.26 -15.01
N LEU C 4 11.01 44.65 -15.85
CA LEU C 4 11.33 43.39 -16.49
C LEU C 4 11.77 43.64 -17.93
N THR C 5 12.84 42.96 -18.34
CA THR C 5 13.41 43.11 -19.67
C THR C 5 13.32 41.78 -20.41
N LEU C 6 12.76 41.80 -21.62
CA LEU C 6 12.72 40.63 -22.48
C LEU C 6 13.99 40.63 -23.33
N ARG C 7 14.78 39.56 -23.24
CA ARG C 7 16.05 39.52 -23.93
C ARG C 7 16.49 38.07 -24.09
N THR C 8 17.57 37.88 -24.85
CA THR C 8 18.16 36.57 -25.03
C THR C 8 19.31 36.38 -24.04
N ILE C 9 19.82 35.15 -23.99
CA ILE C 9 20.95 34.84 -23.12
C ILE C 9 22.20 35.53 -23.66
N ALA C 10 22.97 36.16 -22.77
CA ALA C 10 24.10 36.97 -23.19
C ALA C 10 25.42 36.21 -23.21
N ASP C 11 25.69 35.40 -22.19
CA ASP C 11 26.96 34.67 -22.13
C ASP C 11 26.73 33.36 -21.37
N GLU C 12 27.83 32.72 -20.96
CA GLU C 12 27.74 31.40 -20.34
C GLU C 12 27.21 31.47 -18.91
N ASP C 13 27.65 32.47 -18.12
CA ASP C 13 27.10 32.64 -16.79
C ASP C 13 25.60 32.94 -16.86
N ASP C 14 25.20 33.79 -17.81
CA ASP C 14 23.78 34.06 -18.02
C ASP C 14 23.03 32.77 -18.37
N TYR C 15 23.69 31.88 -19.13
CA TYR C 15 23.06 30.61 -19.52
C TYR C 15 22.81 29.72 -18.30
N GLU C 16 23.81 29.59 -17.43
CA GLU C 16 23.66 28.73 -16.27
C GLU C 16 22.59 29.27 -15.31
N SER C 17 22.53 30.59 -15.15
CA SER C 17 21.47 31.18 -14.32
C SER C 17 20.11 31.01 -14.97
N TYR C 18 20.04 31.12 -16.29
CA TYR C 18 18.79 30.93 -17.02
C TYR C 18 18.26 29.52 -16.81
N MSE C 19 19.11 28.52 -16.99
CA MSE C 19 18.72 27.12 -16.82
C MSE C 19 18.37 26.81 -15.37
O MSE C 19 17.43 26.06 -15.09
CB MSE C 19 19.82 26.19 -17.32
CG MSE C 19 20.09 26.30 -18.81
SE MSE C 19 18.56 25.79 -19.90
CE MSE C 19 18.42 23.92 -19.36
N ALA C 20 19.13 27.39 -14.43
CA ALA C 20 18.86 27.18 -13.02
C ALA C 20 17.46 27.68 -12.65
N SER C 21 17.06 28.83 -13.20
CA SER C 21 15.72 29.34 -12.92
C SER C 21 14.66 28.41 -13.49
N ALA C 22 14.90 27.86 -14.68
CA ALA C 22 13.93 26.96 -15.29
C ALA C 22 13.78 25.67 -14.48
N TYR C 23 14.90 25.12 -14.00
CA TYR C 23 14.81 23.96 -13.12
C TYR C 23 14.11 24.33 -11.82
N SER C 24 14.38 25.52 -11.29
CA SER C 24 13.80 25.92 -10.01
C SER C 24 12.28 26.03 -10.09
N VAL C 25 11.77 26.62 -11.19
CA VAL C 25 10.33 26.71 -11.37
C VAL C 25 9.69 25.32 -11.32
N PHE C 26 10.39 24.31 -11.84
CA PHE C 26 9.90 22.94 -11.83
C PHE C 26 10.32 22.16 -10.59
N LEU C 27 10.60 22.85 -9.48
CA LEU C 27 10.82 22.27 -8.16
C LEU C 27 12.06 21.39 -8.08
N ARG C 28 13.00 21.56 -9.00
CA ARG C 28 14.19 20.72 -9.07
C ARG C 28 15.45 21.56 -8.93
N ASP C 29 16.47 20.96 -8.34
CA ASP C 29 17.79 21.56 -8.37
C ASP C 29 18.34 21.48 -9.80
N PRO C 30 19.22 22.42 -10.17
CA PRO C 30 19.77 22.39 -11.54
C PRO C 30 20.59 21.12 -11.76
N GLN C 31 20.34 20.47 -12.90
CA GLN C 31 21.04 19.24 -13.28
C GLN C 31 22.25 19.63 -14.12
N LYS C 32 23.41 19.73 -13.48
CA LYS C 32 24.58 20.32 -14.13
C LYS C 32 25.08 19.49 -15.31
N ASP C 33 24.97 18.16 -15.24
CA ASP C 33 25.43 17.35 -16.35
C ASP C 33 24.59 17.56 -17.60
N GLU C 34 23.26 17.59 -17.45
CA GLU C 34 22.38 17.88 -18.58
C GLU C 34 22.62 19.28 -19.11
N ILE C 35 22.79 20.25 -18.21
CA ILE C 35 23.00 21.64 -18.62
C ILE C 35 24.27 21.76 -19.44
N GLU C 36 25.32 21.03 -19.04
CA GLU C 36 26.60 21.12 -19.74
C GLU C 36 26.54 20.49 -21.12
N VAL C 37 25.93 19.30 -21.24
CA VAL C 37 25.92 18.63 -22.53
C VAL C 37 24.94 19.27 -23.50
N ASN C 38 23.82 19.79 -23.00
CA ASN C 38 22.84 20.43 -23.88
C ASN C 38 23.34 21.78 -24.41
N ARG C 39 24.29 22.41 -23.71
CA ARG C 39 24.85 23.66 -24.18
C ARG C 39 25.46 23.52 -25.58
N LYS C 40 26.00 22.35 -25.90
CA LYS C 40 26.72 22.16 -27.16
C LYS C 40 25.85 22.36 -28.39
N PHE C 41 24.53 22.20 -28.28
CA PHE C 41 23.63 22.46 -29.39
C PHE C 41 22.68 23.62 -29.11
N THR C 42 22.92 24.39 -28.05
CA THR C 42 22.07 25.52 -27.72
C THR C 42 22.56 26.76 -28.45
N GLU C 43 21.64 27.47 -29.08
CA GLU C 43 21.91 28.77 -29.69
C GLU C 43 21.36 29.82 -28.74
N LEU C 44 22.26 30.62 -28.16
CA LEU C 44 21.85 31.58 -27.12
C LEU C 44 20.85 32.60 -27.65
N ASP C 45 20.93 32.94 -28.94
CA ASP C 45 19.99 33.90 -29.51
C ASP C 45 18.58 33.33 -29.65
N ARG C 46 18.41 32.01 -29.57
CA ARG C 46 17.08 31.40 -29.57
C ARG C 46 16.55 31.16 -28.17
N MSE C 47 17.30 31.51 -27.13
CA MSE C 47 16.83 31.35 -25.76
C MSE C 47 16.46 32.71 -25.18
O MSE C 47 17.33 33.50 -24.84
CB MSE C 47 17.91 30.69 -24.91
CG MSE C 47 18.61 29.51 -25.56
SE MSE C 47 17.44 27.98 -25.82
CE MSE C 47 17.09 27.54 -23.95
N ILE C 48 15.17 32.98 -25.07
CA ILE C 48 14.68 34.27 -24.61
C ILE C 48 14.07 34.12 -23.22
N GLY C 49 13.75 35.25 -22.62
CA GLY C 49 13.11 35.25 -21.32
C GLY C 49 13.05 36.65 -20.74
N PHE C 50 12.41 36.75 -19.58
CA PHE C 50 12.31 38.00 -18.84
C PHE C 50 13.28 37.98 -17.67
N HIS C 51 13.97 39.10 -17.47
CA HIS C 51 14.95 39.25 -16.40
C HIS C 51 14.63 40.54 -15.66
N ASP C 52 14.60 40.48 -14.33
CA ASP C 52 14.21 41.63 -13.52
C ASP C 52 15.39 42.46 -13.04
N GLY C 53 16.59 42.20 -13.56
CA GLY C 53 17.80 42.87 -13.12
C GLY C 53 18.71 42.03 -12.25
N LYS C 54 18.17 40.98 -11.61
CA LYS C 54 18.98 40.11 -10.78
C LYS C 54 18.70 38.63 -10.95
N LYS C 55 17.61 38.23 -11.61
CA LYS C 55 17.36 36.83 -11.91
C LYS C 55 16.38 36.75 -13.07
N TRP C 56 16.40 35.60 -13.74
CA TRP C 56 15.41 35.31 -14.77
C TRP C 56 14.09 34.94 -14.10
N VAL C 57 13.01 35.53 -14.57
CA VAL C 57 11.68 35.26 -14.02
C VAL C 57 10.75 34.56 -14.99
N ALA C 58 11.15 34.41 -16.26
CA ALA C 58 10.40 33.66 -17.24
C ALA C 58 11.36 33.29 -18.36
N THR C 59 11.12 32.12 -18.97
CA THR C 59 12.02 31.62 -19.99
C THR C 59 11.23 30.92 -21.09
N THR C 60 11.79 30.93 -22.29
CA THR C 60 11.32 30.08 -23.38
C THR C 60 12.43 30.02 -24.42
N GLY C 61 12.73 28.82 -24.91
CA GLY C 61 13.78 28.64 -25.89
C GLY C 61 13.36 27.68 -26.99
N ALA C 62 14.26 27.52 -27.96
CA ALA C 62 14.01 26.62 -29.07
C ALA C 62 15.35 26.11 -29.58
N PHE C 63 15.38 24.83 -29.96
CA PHE C 63 16.53 24.25 -30.65
C PHE C 63 16.21 24.16 -32.13
N SER C 64 17.21 24.40 -32.97
CA SER C 64 17.09 24.21 -34.41
C SER C 64 17.22 22.71 -34.68
N ARG C 65 16.11 22.07 -35.02
CA ARG C 65 16.10 20.64 -35.30
C ARG C 65 15.40 20.38 -36.62
N HIS C 66 15.34 19.09 -36.99
CA HIS C 66 14.69 18.66 -38.21
C HIS C 66 13.91 17.39 -37.91
N VAL C 67 12.69 17.31 -38.43
CA VAL C 67 11.78 16.22 -38.08
C VAL C 67 11.32 15.51 -39.34
N VAL C 68 11.14 14.19 -39.22
CA VAL C 68 10.61 13.38 -40.31
C VAL C 68 9.10 13.56 -40.37
N LEU C 69 8.58 13.81 -41.57
CA LEU C 69 7.15 13.97 -41.79
C LEU C 69 6.57 12.71 -42.40
N PRO C 70 5.25 12.53 -42.33
CA PRO C 70 4.62 11.43 -43.08
C PRO C 70 4.94 11.53 -44.56
N GLY C 71 5.61 10.50 -45.07
CA GLY C 71 6.13 10.49 -46.43
C GLY C 71 7.64 10.43 -46.51
N GLY C 72 8.34 10.81 -45.44
CA GLY C 72 9.78 10.70 -45.37
C GLY C 72 10.53 12.02 -45.40
N ALA C 73 9.87 13.11 -45.81
CA ALA C 73 10.54 14.39 -45.91
C ALA C 73 11.00 14.87 -44.54
N VAL C 74 12.23 15.38 -44.49
CA VAL C 74 12.82 15.92 -43.27
C VAL C 74 12.84 17.44 -43.40
N VAL C 75 12.13 18.11 -42.50
CA VAL C 75 11.96 19.57 -42.60
C VAL C 75 12.47 20.24 -41.32
N PRO C 76 12.93 21.49 -41.40
CA PRO C 76 13.32 22.21 -40.18
C PRO C 76 12.13 22.44 -39.26
N VAL C 77 12.39 22.34 -37.96
CA VAL C 77 11.37 22.51 -36.94
C VAL C 77 12.01 23.17 -35.72
N ALA C 78 11.25 24.01 -35.04
CA ALA C 78 11.67 24.59 -33.78
C ALA C 78 11.31 23.60 -32.67
N ALA C 79 12.33 23.06 -32.00
CA ALA C 79 12.12 22.18 -30.85
C ALA C 79 12.06 23.06 -29.62
N VAL C 80 10.84 23.45 -29.23
CA VAL C 80 10.64 24.41 -28.15
C VAL C 80 10.93 23.74 -26.81
N THR C 81 11.55 24.50 -25.89
CA THR C 81 12.06 23.93 -24.66
C THR C 81 12.11 25.01 -23.59
N ALA C 82 12.25 24.56 -22.34
CA ALA C 82 12.57 25.42 -21.20
C ALA C 82 11.57 26.58 -21.04
N VAL C 83 10.28 26.26 -21.15
CA VAL C 83 9.23 27.25 -21.02
C VAL C 83 8.81 27.29 -19.56
N THR C 84 9.11 28.40 -18.88
CA THR C 84 8.74 28.57 -17.48
C THR C 84 8.33 30.01 -17.22
N VAL C 85 7.50 30.20 -16.21
CA VAL C 85 7.27 31.50 -15.60
C VAL C 85 7.37 31.31 -14.09
N SER C 86 8.21 32.13 -13.45
CA SER C 86 8.36 32.05 -12.01
C SER C 86 7.00 32.22 -11.34
N PRO C 87 6.69 31.44 -10.30
CA PRO C 87 5.39 31.58 -9.62
C PRO C 87 5.14 32.98 -9.07
N THR C 88 6.19 33.74 -8.78
CA THR C 88 6.03 35.11 -8.31
C THR C 88 5.63 36.07 -9.42
N HIS C 89 5.78 35.67 -10.68
CA HIS C 89 5.55 36.57 -11.82
C HIS C 89 4.43 36.08 -12.74
N ARG C 90 3.50 35.29 -12.23
CA ARG C 90 2.36 34.86 -13.02
C ARG C 90 1.31 35.98 -13.08
N ARG C 91 0.39 35.86 -14.03
CA ARG C 91 -0.71 36.80 -14.21
C ARG C 91 -0.21 38.22 -14.55
N ARG C 92 0.90 38.30 -15.28
CA ARG C 92 1.44 39.59 -15.73
C ARG C 92 1.57 39.65 -17.24
N GLY C 93 1.11 38.63 -17.96
CA GLY C 93 1.20 38.60 -19.40
C GLY C 93 2.54 38.19 -19.96
N LEU C 94 3.44 37.66 -19.13
CA LEU C 94 4.79 37.35 -19.59
C LEU C 94 4.78 36.21 -20.60
N LEU C 95 3.91 35.22 -20.40
CA LEU C 95 3.91 34.07 -21.29
C LEU C 95 3.41 34.43 -22.68
N THR C 96 2.27 35.12 -22.76
CA THR C 96 1.78 35.58 -24.05
C THR C 96 2.83 36.39 -24.80
N THR C 97 3.54 37.29 -24.10
CA THR C 97 4.55 38.09 -24.75
C THR C 97 5.68 37.23 -25.31
N MSE C 98 6.14 36.25 -24.55
CA MSE C 98 7.19 35.36 -25.02
C MSE C 98 6.73 34.50 -26.19
O MSE C 98 7.49 34.24 -27.13
CB MSE C 98 7.70 34.47 -23.88
CG MSE C 98 8.47 35.21 -22.79
SE MSE C 98 9.39 34.00 -21.56
CE MSE C 98 7.84 33.00 -20.92
N MSE C 99 5.47 34.06 -26.14
CA MSE C 99 4.90 33.26 -27.22
C MSE C 99 4.82 34.04 -28.54
O MSE C 99 5.16 33.51 -29.60
CB MSE C 99 3.53 32.71 -26.84
CG MSE C 99 3.53 31.70 -25.69
SE MSE C 99 4.32 29.95 -26.11
CE MSE C 99 6.18 30.34 -25.71
N ARG C 100 4.35 35.29 -28.48
CA ARG C 100 4.30 36.10 -29.69
C ARG C 100 5.70 36.33 -30.26
N HIS C 101 6.67 36.61 -29.40
CA HIS C 101 8.04 36.81 -29.87
C HIS C 101 8.61 35.53 -30.46
N GLN C 102 8.45 34.40 -29.76
CA GLN C 102 9.05 33.16 -30.21
C GLN C 102 8.41 32.67 -31.50
N LEU C 103 7.08 32.68 -31.58
CA LEU C 103 6.40 32.20 -32.78
C LEU C 103 6.72 33.05 -34.00
N ALA C 104 6.89 34.36 -33.82
CA ALA C 104 7.31 35.20 -34.94
C ALA C 104 8.75 34.89 -35.34
N ASP C 105 9.61 34.61 -34.35
CA ASP C 105 11.00 34.27 -34.65
C ASP C 105 11.10 32.93 -35.37
N ILE C 106 10.29 31.96 -34.97
CA ILE C 106 10.27 30.67 -35.65
C ILE C 106 9.86 30.83 -37.10
N ARG C 107 8.84 31.68 -37.35
CA ARG C 107 8.40 31.93 -38.72
C ARG C 107 9.52 32.54 -39.56
N SER C 108 10.18 33.57 -39.03
CA SER C 108 11.21 34.25 -39.80
C SER C 108 12.42 33.38 -40.07
N ARG C 109 12.64 32.34 -39.27
CA ARG C 109 13.75 31.42 -39.48
C ARG C 109 13.46 30.35 -40.52
N GLY C 110 12.29 30.38 -41.16
CA GLY C 110 11.96 29.42 -42.19
C GLY C 110 11.33 28.13 -41.70
N GLU C 111 11.18 27.95 -40.39
CA GLU C 111 10.56 26.76 -39.86
C GLU C 111 9.04 26.88 -39.96
N SER C 112 8.41 25.89 -40.59
CA SER C 112 6.98 25.94 -40.83
C SER C 112 6.15 25.52 -39.61
N LEU C 113 6.79 24.93 -38.59
CA LEU C 113 6.06 24.49 -37.42
C LEU C 113 7.01 24.44 -36.22
N ALA C 114 6.41 24.46 -35.04
CA ALA C 114 7.13 24.27 -33.79
C ALA C 114 6.62 23.00 -33.12
N MSE C 115 7.50 22.33 -32.39
CA MSE C 115 7.12 21.14 -31.66
C MSE C 115 7.58 21.23 -30.23
O MSE C 115 8.61 21.84 -29.92
CB MSE C 115 7.68 19.88 -32.34
CG MSE C 115 6.84 19.39 -33.49
SE MSE C 115 7.74 17.97 -34.49
CE MSE C 115 6.20 17.30 -35.45
N LEU C 116 6.81 20.63 -29.33
CA LEU C 116 7.02 20.85 -27.91
C LEU C 116 6.50 19.63 -27.16
N PHE C 117 7.32 19.10 -26.27
CA PHE C 117 6.87 17.98 -25.46
C PHE C 117 5.76 18.43 -24.50
N ALA C 118 4.61 17.75 -24.58
CA ALA C 118 3.54 17.92 -23.59
C ALA C 118 3.98 17.27 -22.29
N SER C 119 4.00 18.06 -21.22
CA SER C 119 4.35 17.55 -19.90
C SER C 119 3.39 18.15 -18.88
N GLU C 120 3.91 18.68 -17.79
CA GLU C 120 3.14 19.62 -16.98
C GLU C 120 3.45 21.07 -17.38
N ALA C 121 3.70 21.24 -18.68
CA ALA C 121 4.20 22.51 -19.19
C ALA C 121 3.13 23.59 -19.06
N LEU C 122 3.59 24.85 -18.96
CA LEU C 122 2.67 25.97 -18.81
C LEU C 122 1.83 26.18 -20.07
N ILE C 123 2.44 25.94 -21.23
CA ILE C 123 1.81 26.23 -22.51
C ILE C 123 0.94 25.09 -23.03
N TYR C 124 0.66 24.09 -22.21
CA TYR C 124 -0.10 22.93 -22.68
C TYR C 124 -1.45 23.41 -23.20
N GLY C 125 -1.74 23.07 -24.45
CA GLY C 125 -3.05 23.36 -24.99
C GLY C 125 -3.25 24.76 -25.51
N ARG C 126 -2.33 25.68 -25.23
CA ARG C 126 -2.54 27.08 -25.55
C ARG C 126 -1.72 27.52 -26.75
N PHE C 127 -2.03 28.75 -27.23
CA PHE C 127 -1.30 29.48 -28.27
C PHE C 127 -1.30 28.83 -29.64
N GLY C 128 -2.22 27.89 -29.87
CA GLY C 128 -2.28 27.16 -31.12
C GLY C 128 -1.62 25.80 -31.11
N TYR C 129 -0.99 25.41 -30.00
CA TYR C 129 -0.39 24.10 -29.91
C TYR C 129 -1.48 23.05 -29.75
N GLY C 130 -1.37 21.97 -30.49
CA GLY C 130 -2.28 20.84 -30.35
C GLY C 130 -1.51 19.55 -30.30
N VAL C 131 -1.97 18.65 -29.41
CA VAL C 131 -1.30 17.36 -29.26
C VAL C 131 -1.48 16.55 -30.53
N ALA C 132 -0.37 16.23 -31.20
CA ALA C 132 -0.40 15.50 -32.45
C ALA C 132 0.19 14.11 -32.37
N THR C 133 0.97 13.82 -31.33
CA THR C 133 1.64 12.54 -31.18
C THR C 133 1.43 12.03 -29.76
N GLU C 134 1.23 10.72 -29.63
CA GLU C 134 1.13 10.07 -28.34
C GLU C 134 2.31 9.13 -28.15
N SER C 135 2.55 8.77 -26.90
CA SER C 135 3.56 7.78 -26.56
C SER C 135 2.92 6.73 -25.67
N ALA C 136 3.46 5.52 -25.72
CA ALA C 136 2.96 4.42 -24.93
C ALA C 136 4.01 4.00 -23.91
N GLU C 137 3.60 3.80 -22.67
CA GLU C 137 4.43 3.18 -21.65
C GLU C 137 4.09 1.70 -21.63
N LEU C 138 5.00 0.88 -22.12
CA LEU C 138 4.82 -0.57 -22.17
C LEU C 138 5.59 -1.20 -21.03
N SER C 139 4.96 -2.16 -20.35
CA SER C 139 5.58 -2.78 -19.18
C SER C 139 4.91 -4.12 -18.90
N GLY C 140 5.62 -4.96 -18.15
CA GLY C 140 5.10 -6.26 -17.78
C GLY C 140 6.19 -7.16 -17.27
N GLN C 141 5.76 -8.37 -16.86
CA GLN C 141 6.67 -9.39 -16.37
C GLN C 141 7.36 -10.06 -17.56
N VAL C 142 8.69 -10.02 -17.57
CA VAL C 142 9.44 -10.50 -18.74
C VAL C 142 9.21 -11.99 -18.98
N ARG C 143 8.92 -12.76 -17.92
CA ARG C 143 8.65 -14.18 -18.09
C ARG C 143 7.32 -14.45 -18.78
N GLU C 144 6.44 -13.45 -18.88
CA GLU C 144 5.16 -13.59 -19.55
C GLU C 144 5.17 -13.05 -20.97
N LEU C 145 6.33 -12.63 -21.47
CA LEU C 145 6.43 -11.90 -22.72
C LEU C 145 7.07 -12.71 -23.84
N ALA C 146 6.67 -13.97 -23.98
CA ALA C 146 7.12 -14.76 -25.12
C ALA C 146 6.51 -14.20 -26.40
N PHE C 147 7.20 -14.42 -27.51
CA PHE C 147 6.74 -13.94 -28.81
C PHE C 147 5.85 -14.98 -29.47
N ARG C 148 5.09 -14.52 -30.47
CA ARG C 148 4.34 -15.43 -31.32
C ARG C 148 5.29 -16.44 -31.96
N PRO C 149 4.84 -17.67 -32.21
CA PRO C 149 5.77 -18.71 -32.69
C PRO C 149 6.42 -18.42 -34.04
N THR C 150 5.80 -17.61 -34.88
CA THR C 150 6.33 -17.34 -36.22
C THR C 150 7.34 -16.20 -36.24
N VAL C 151 7.69 -15.61 -35.11
CA VAL C 151 8.64 -14.50 -35.06
C VAL C 151 10.05 -15.03 -35.27
N ASP C 152 10.70 -14.58 -36.35
CA ASP C 152 12.04 -15.02 -36.69
C ASP C 152 13.06 -14.12 -35.98
N LEU C 153 13.92 -14.73 -35.17
CA LEU C 153 14.94 -13.99 -34.44
C LEU C 153 16.25 -13.85 -35.21
N GLY C 154 16.45 -14.64 -36.26
CA GLY C 154 17.64 -14.50 -37.08
C GLY C 154 18.88 -15.10 -36.44
N ASP C 155 20.00 -14.93 -37.15
CA ASP C 155 21.28 -15.48 -36.74
C ASP C 155 22.17 -14.46 -36.02
N GLY C 156 21.62 -13.32 -35.64
CA GLY C 156 22.43 -12.24 -35.10
C GLY C 156 22.97 -12.55 -33.72
N THR C 157 23.88 -11.69 -33.28
CA THR C 157 24.48 -11.77 -31.97
C THR C 157 24.43 -10.39 -31.32
N LEU C 158 24.65 -10.35 -30.01
CA LEU C 158 24.59 -9.12 -29.25
C LEU C 158 25.80 -8.98 -28.34
N GLU C 159 26.20 -7.73 -28.12
CA GLU C 159 27.28 -7.39 -27.20
C GLU C 159 26.90 -6.12 -26.47
N GLU C 160 27.18 -6.08 -25.17
CA GLU C 160 27.06 -4.85 -24.40
C GLU C 160 28.36 -4.08 -24.52
N VAL C 161 28.26 -2.82 -24.92
CA VAL C 161 29.40 -2.03 -25.37
C VAL C 161 29.44 -0.71 -24.59
N SER C 162 30.56 0.00 -24.76
CA SER C 162 30.70 1.32 -24.18
C SER C 162 29.93 2.34 -25.01
N ALA C 163 29.75 3.53 -24.43
CA ALA C 163 29.09 4.61 -25.16
C ALA C 163 29.82 4.93 -26.45
N GLU C 164 31.15 4.94 -26.43
CA GLU C 164 31.93 5.26 -27.62
C GLU C 164 31.73 4.21 -28.70
N THR C 165 31.83 2.92 -28.33
CA THR C 165 31.52 1.86 -29.28
C THR C 165 30.09 1.97 -29.77
N PHE C 166 29.16 2.25 -28.86
CA PHE C 166 27.76 2.43 -29.23
C PHE C 166 27.60 3.56 -30.25
N LEU C 167 28.23 4.70 -29.98
CA LEU C 167 28.06 5.87 -30.85
C LEU C 167 28.74 5.73 -32.20
N ALA C 168 29.54 4.68 -32.41
CA ALA C 168 30.14 4.42 -33.71
C ALA C 168 29.26 3.58 -34.62
N SER C 169 28.18 3.00 -34.10
CA SER C 169 27.26 2.18 -34.87
C SER C 169 25.81 2.63 -34.80
N ALA C 170 25.38 3.19 -33.68
CA ALA C 170 23.97 3.57 -33.54
C ALA C 170 23.49 4.65 -34.50
N PRO C 171 24.27 5.71 -34.80
CA PRO C 171 23.75 6.73 -35.73
C PRO C 171 23.37 6.18 -37.10
N ALA C 172 24.20 5.32 -37.69
CA ALA C 172 23.88 4.79 -39.01
C ALA C 172 22.62 3.91 -38.97
N ILE C 173 22.48 3.10 -37.92
CA ILE C 173 21.25 2.34 -37.72
C ILE C 173 20.06 3.29 -37.60
N TYR C 174 20.23 4.33 -36.78
CA TYR C 174 19.14 5.28 -36.54
C TYR C 174 18.77 6.04 -37.82
N ASP C 175 19.78 6.44 -38.60
CA ASP C 175 19.51 7.23 -39.80
C ASP C 175 18.80 6.40 -40.86
N ALA C 176 19.01 5.07 -40.87
CA ALA C 176 18.36 4.23 -41.86
C ALA C 176 16.93 3.89 -41.50
N VAL C 177 16.55 4.03 -40.24
CA VAL C 177 15.23 3.63 -39.77
C VAL C 177 14.24 4.79 -39.77
N ILE C 178 14.66 5.98 -39.36
CA ILE C 178 13.75 7.11 -39.11
C ILE C 178 12.97 7.62 -40.33
N PRO C 179 13.45 7.50 -41.58
CA PRO C 179 12.60 7.94 -42.70
C PRO C 179 11.20 7.33 -42.71
N GLY C 180 11.03 6.13 -42.15
CA GLY C 180 9.72 5.51 -42.05
C GLY C 180 8.99 5.75 -40.75
N LEU C 181 9.55 6.56 -39.84
CA LEU C 181 8.97 6.82 -38.53
C LEU C 181 8.73 8.32 -38.40
N PRO C 182 7.59 8.84 -38.84
CA PRO C 182 7.32 10.27 -38.70
C PRO C 182 7.33 10.68 -37.24
N GLY C 183 7.82 11.89 -36.98
CA GLY C 183 7.98 12.41 -35.65
C GLY C 183 9.38 12.28 -35.09
N GLN C 184 10.17 11.34 -35.60
CA GLN C 184 11.56 11.23 -35.21
C GLN C 184 12.35 12.41 -35.76
N MSE C 185 13.40 12.79 -35.04
CA MSE C 185 14.20 13.94 -35.43
C MSE C 185 15.63 13.55 -35.74
O MSE C 185 16.13 12.54 -35.25
CB MSE C 185 14.16 15.01 -34.34
CG MSE C 185 12.83 15.69 -34.18
SE MSE C 185 12.80 16.91 -32.67
CE MSE C 185 10.98 17.58 -32.84
N SER C 186 16.30 14.36 -36.56
CA SER C 186 17.71 14.16 -36.84
C SER C 186 18.52 14.27 -35.56
N ARG C 187 19.60 13.51 -35.48
CA ARG C 187 20.48 13.49 -34.31
C ARG C 187 21.91 13.74 -34.77
N THR C 188 22.43 14.92 -34.48
CA THR C 188 23.83 15.23 -34.66
C THR C 188 24.62 14.56 -33.54
N PRO C 189 25.96 14.52 -33.64
CA PRO C 189 26.74 14.02 -32.50
C PRO C 189 26.45 14.73 -31.20
N GLU C 190 26.15 16.03 -31.26
CA GLU C 190 25.81 16.77 -30.04
C GLU C 190 24.52 16.25 -29.42
N TRP C 191 23.52 15.94 -30.25
CA TRP C 191 22.26 15.42 -29.71
C TRP C 191 22.40 13.99 -29.22
N TRP C 192 23.24 13.19 -29.88
CA TRP C 192 23.55 11.86 -29.37
C TRP C 192 24.22 11.92 -28.01
N ALA C 193 25.10 12.91 -27.81
CA ALA C 193 25.77 13.06 -26.53
C ALA C 193 24.78 13.31 -25.40
N SER C 194 23.74 14.11 -25.66
CA SER C 194 22.72 14.33 -24.64
C SER C 194 21.86 13.09 -24.44
N TRP C 195 21.46 12.44 -25.53
CA TRP C 195 20.56 11.29 -25.46
C TRP C 195 21.22 10.11 -24.73
N THR C 196 22.55 9.98 -24.82
CA THR C 196 23.27 8.88 -24.21
C THR C 196 23.97 9.27 -22.91
N LEU C 197 23.68 10.45 -22.37
CA LEU C 197 24.31 10.90 -21.14
C LEU C 197 23.91 10.01 -19.97
N ASP C 198 24.88 9.61 -19.16
CA ASP C 198 24.61 8.85 -17.94
C ASP C 198 24.24 9.83 -16.82
N SER C 199 23.10 10.47 -17.00
CA SER C 199 22.68 11.54 -16.11
C SER C 199 22.49 11.03 -14.69
N GLU C 200 22.84 11.87 -13.71
CA GLU C 200 22.68 11.50 -12.31
C GLU C 200 21.22 11.38 -11.91
N GLU C 201 20.31 12.06 -12.61
CA GLU C 201 18.89 11.97 -12.27
C GLU C 201 18.34 10.59 -12.59
N LEU C 202 18.64 10.05 -13.77
CA LEU C 202 18.18 8.72 -14.11
C LEU C 202 18.95 7.64 -13.37
N GLN C 203 20.18 7.92 -12.92
CA GLN C 203 20.91 6.96 -12.10
C GLN C 203 20.21 6.74 -10.77
N LYS C 204 19.61 7.80 -10.21
CA LYS C 204 18.90 7.65 -8.94
C LYS C 204 17.63 6.82 -9.09
N GLU C 205 16.97 6.90 -10.25
CA GLU C 205 15.72 6.16 -10.45
C GLU C 205 15.96 4.70 -10.82
N SER C 206 17.12 4.38 -11.40
CA SER C 206 17.40 3.02 -11.84
C SER C 206 18.87 2.68 -11.67
N GLY C 207 19.66 2.95 -12.71
CA GLY C 207 21.09 2.66 -12.64
C GLY C 207 21.81 3.32 -13.79
N LYS C 208 23.11 3.04 -13.87
CA LYS C 208 23.93 3.61 -14.93
C LYS C 208 23.47 3.09 -16.29
N VAL C 209 23.58 3.95 -17.31
CA VAL C 209 23.08 3.62 -18.64
C VAL C 209 23.96 2.56 -19.28
N ARG C 210 23.34 1.65 -20.02
CA ARG C 210 24.02 0.57 -20.69
C ARG C 210 23.62 0.55 -22.16
N PHE C 211 24.50 0.00 -23.00
CA PHE C 211 24.33 0.05 -24.45
C PHE C 211 24.49 -1.35 -25.03
N VAL C 212 23.57 -1.72 -25.91
CA VAL C 212 23.57 -3.00 -26.58
C VAL C 212 23.63 -2.78 -28.09
N LEU C 213 24.45 -3.55 -28.78
CA LEU C 213 24.50 -3.56 -30.23
C LEU C 213 24.17 -4.95 -30.73
N HIS C 214 23.42 -5.00 -31.83
CA HIS C 214 23.05 -6.25 -32.48
C HIS C 214 23.78 -6.34 -33.82
N TYR C 215 24.50 -7.43 -34.03
CA TYR C 215 25.29 -7.63 -35.24
C TYR C 215 24.69 -8.76 -36.06
N GLU C 216 24.54 -8.53 -37.35
CA GLU C 216 24.19 -9.61 -38.26
C GLU C 216 25.33 -10.62 -38.33
N SER C 217 25.07 -11.75 -39.00
CA SER C 217 26.05 -12.82 -39.05
C SER C 217 27.33 -12.41 -39.78
N ASP C 218 27.26 -11.39 -40.63
CA ASP C 218 28.44 -10.88 -41.32
C ASP C 218 29.15 -9.77 -40.53
N GLY C 219 28.72 -9.51 -39.30
CA GLY C 219 29.35 -8.52 -38.46
C GLY C 219 28.75 -7.13 -38.52
N THR C 220 27.88 -6.85 -39.47
CA THR C 220 27.34 -5.51 -39.62
C THR C 220 26.33 -5.23 -38.50
N ALA C 221 26.45 -4.05 -37.89
CA ALA C 221 25.51 -3.65 -36.85
C ALA C 221 24.16 -3.33 -37.47
N SER C 222 23.11 -3.94 -36.93
CA SER C 222 21.76 -3.76 -37.45
C SER C 222 20.72 -3.44 -36.39
N GLY C 223 21.11 -3.31 -35.13
CA GLY C 223 20.18 -2.97 -34.08
C GLY C 223 20.91 -2.46 -32.85
N PHE C 224 20.17 -1.78 -31.98
CA PHE C 224 20.76 -1.25 -30.77
C PHE C 224 19.69 -1.09 -29.70
N ALA C 225 20.15 -1.00 -28.45
CA ALA C 225 19.27 -0.77 -27.32
C ALA C 225 20.00 0.11 -26.30
N ILE C 226 19.23 0.95 -25.63
CA ILE C 226 19.70 1.78 -24.52
C ILE C 226 18.80 1.46 -23.34
N TYR C 227 19.38 1.02 -22.22
CA TYR C 227 18.58 0.65 -21.07
C TYR C 227 19.37 0.87 -19.78
N ARG C 228 18.64 0.86 -18.67
CA ARG C 228 19.20 1.01 -17.35
C ARG C 228 18.64 -0.07 -16.44
N PRO C 229 19.47 -0.78 -15.68
CA PRO C 229 18.94 -1.75 -14.73
C PRO C 229 18.54 -1.09 -13.43
N LYS C 230 17.51 -1.65 -12.80
CA LYS C 230 17.08 -1.25 -11.46
C LYS C 230 17.13 -2.50 -10.59
N PRO C 231 18.17 -2.67 -9.79
CA PRO C 231 18.29 -3.89 -8.98
C PRO C 231 17.19 -3.98 -7.93
N GLY C 232 16.98 -5.20 -7.44
CA GLY C 232 15.88 -5.45 -6.53
C GLY C 232 16.06 -4.70 -5.21
N TRP C 233 14.95 -4.17 -4.69
CA TRP C 233 14.97 -3.42 -3.44
C TRP C 233 13.84 -3.88 -2.54
N ASN C 239 13.00 -8.69 -7.67
CA ASN C 239 12.12 -7.76 -8.38
C ASN C 239 12.91 -6.71 -9.17
N ALA C 240 14.01 -7.14 -9.77
CA ALA C 240 14.83 -6.23 -10.56
C ALA C 240 14.12 -5.84 -11.85
N GLU C 241 14.30 -4.59 -12.25
CA GLU C 241 13.64 -4.04 -13.43
C GLU C 241 14.67 -3.58 -14.44
N LEU C 242 14.26 -3.60 -15.72
CA LEU C 242 15.00 -2.97 -16.80
C LEU C 242 14.16 -1.80 -17.30
N HIS C 243 14.75 -0.60 -17.30
CA HIS C 243 14.11 0.59 -17.84
C HIS C 243 14.70 0.85 -19.22
N VAL C 244 13.91 0.59 -20.25
CA VAL C 244 14.37 0.68 -21.63
C VAL C 244 14.18 2.10 -22.13
N GLN C 245 15.23 2.68 -22.71
CA GLN C 245 15.15 4.01 -23.28
C GLN C 245 14.86 3.99 -24.77
N GLU C 246 15.43 3.04 -25.51
CA GLU C 246 15.21 2.99 -26.95
C GLU C 246 15.68 1.63 -27.47
N VAL C 247 14.94 1.09 -28.44
CA VAL C 247 15.33 -0.12 -29.17
C VAL C 247 14.94 0.09 -30.63
N LEU C 248 15.92 -0.05 -31.52
CA LEU C 248 15.67 0.10 -32.95
C LEU C 248 16.45 -0.95 -33.71
N GLY C 249 15.89 -1.37 -34.85
CA GLY C 249 16.55 -2.35 -35.70
C GLY C 249 16.22 -2.09 -37.15
N THR C 250 17.20 -2.36 -38.02
CA THR C 250 17.02 -2.12 -39.46
C THR C 250 16.24 -3.22 -40.16
N ASN C 251 15.96 -4.33 -39.49
CA ASN C 251 15.16 -5.40 -40.07
C ASN C 251 14.35 -6.06 -38.94
N PRO C 252 13.29 -6.80 -39.27
CA PRO C 252 12.47 -7.39 -38.20
C PRO C 252 13.20 -8.37 -37.31
N ARG C 253 14.20 -9.08 -37.85
CA ARG C 253 14.93 -10.04 -37.04
C ARG C 253 15.78 -9.34 -35.99
N SER C 254 16.48 -8.28 -36.38
CA SER C 254 17.34 -7.57 -35.44
CA SER C 254 17.35 -7.58 -35.43
C SER C 254 16.52 -6.91 -34.33
N TYR C 255 15.34 -6.38 -34.68
CA TYR C 255 14.48 -5.77 -33.67
C TYR C 255 13.98 -6.81 -32.67
N ALA C 256 13.45 -7.93 -33.18
CA ALA C 256 12.90 -8.96 -32.30
C ALA C 256 13.99 -9.62 -31.45
N ARG C 257 15.18 -9.83 -32.03
CA ARG C 257 16.26 -10.46 -31.27
C ARG C 257 16.77 -9.53 -30.17
N THR C 258 16.87 -8.23 -30.45
CA THR C 258 17.33 -7.29 -29.43
C THR C 258 16.36 -7.24 -28.27
N TRP C 259 15.06 -7.28 -28.54
CA TRP C 259 14.08 -7.34 -27.47
C TRP C 259 14.16 -8.66 -26.71
N ARG C 260 14.30 -9.77 -27.44
CA ARG C 260 14.44 -11.06 -26.78
C ARG C 260 15.64 -11.09 -25.84
N TYR C 261 16.72 -10.40 -26.20
CA TYR C 261 17.88 -10.33 -25.31
C TYR C 261 17.53 -9.65 -23.99
N LEU C 262 16.75 -8.57 -24.05
CA LEU C 262 16.36 -7.87 -22.84
C LEU C 262 15.34 -8.68 -22.03
N LEU C 263 14.44 -9.37 -22.72
CA LEU C 263 13.38 -10.11 -22.03
C LEU C 263 13.89 -11.40 -21.39
N ASP C 264 14.96 -11.98 -21.93
CA ASP C 264 15.49 -13.25 -21.44
C ASP C 264 16.65 -13.08 -20.47
N MSE C 265 16.94 -11.86 -20.05
CA MSE C 265 18.06 -11.63 -19.15
C MSE C 265 17.72 -12.17 -17.77
O MSE C 265 16.66 -11.87 -17.21
CB MSE C 265 18.38 -10.13 -19.07
CG MSE C 265 19.62 -9.81 -18.28
SE MSE C 265 20.08 -7.92 -18.37
CE MSE C 265 20.16 -7.73 -20.30
N ASP C 266 18.61 -12.99 -17.21
CA ASP C 266 18.43 -13.49 -15.85
C ASP C 266 18.40 -12.34 -14.85
N LEU C 267 17.80 -12.62 -13.68
CA LEU C 267 17.56 -11.74 -12.55
C LEU C 267 16.52 -10.64 -12.81
N VAL C 268 16.09 -10.44 -14.05
CA VAL C 268 15.12 -9.40 -14.37
C VAL C 268 13.71 -9.98 -14.21
N ARG C 269 12.84 -9.24 -13.52
CA ARG C 269 11.44 -9.64 -13.36
C ARG C 269 10.47 -8.78 -14.14
N LYS C 270 10.72 -7.48 -14.22
CA LYS C 270 9.82 -6.55 -14.89
C LYS C 270 10.62 -5.68 -15.85
N ILE C 271 9.99 -5.31 -16.95
CA ILE C 271 10.56 -4.41 -17.94
C ILE C 271 9.59 -3.25 -18.15
N LYS C 272 10.15 -2.07 -18.43
CA LYS C 272 9.35 -0.88 -18.69
C LYS C 272 9.96 -0.12 -19.86
N TYR C 273 9.14 0.29 -20.80
CA TYR C 273 9.58 1.09 -21.95
C TYR C 273 8.66 2.32 -22.01
N HIS C 274 9.15 3.44 -21.51
CA HIS C 274 8.41 4.69 -21.59
C HIS C 274 8.81 5.42 -22.87
N GLY C 275 7.83 6.09 -23.48
CA GLY C 275 8.09 6.82 -24.70
C GLY C 275 8.12 5.99 -25.95
N ALA C 276 7.56 4.78 -25.92
CA ALA C 276 7.45 3.96 -27.11
C ALA C 276 6.33 4.46 -28.00
N SER C 277 6.32 4.00 -29.24
CA SER C 277 5.21 4.28 -30.14
C SER C 277 3.95 3.55 -29.66
N VAL C 278 2.79 4.18 -29.90
CA VAL C 278 1.53 3.49 -29.61
C VAL C 278 1.33 2.31 -30.54
N GLN C 279 2.05 2.27 -31.65
CA GLN C 279 2.09 1.11 -32.56
C GLN C 279 3.48 0.48 -32.58
N GLU C 280 4.13 0.45 -31.41
CA GLU C 280 5.44 -0.20 -31.29
C GLU C 280 5.33 -1.65 -31.72
N GLU C 281 6.29 -2.08 -32.56
CA GLU C 281 6.24 -3.44 -33.11
C GLU C 281 6.24 -4.50 -32.02
N LEU C 282 6.89 -4.21 -30.88
CA LEU C 282 6.91 -5.15 -29.77
C LEU C 282 5.51 -5.55 -29.33
N ARG C 283 4.55 -4.62 -29.41
CA ARG C 283 3.19 -4.93 -28.97
C ARG C 283 2.57 -6.08 -29.75
N TYR C 284 2.94 -6.22 -31.03
CA TYR C 284 2.36 -7.26 -31.88
C TYR C 284 3.21 -8.52 -31.96
N LEU C 285 4.48 -8.45 -31.55
CA LEU C 285 5.29 -9.65 -31.45
C LEU C 285 4.91 -10.51 -30.25
N VAL C 286 4.47 -9.87 -29.16
CA VAL C 286 4.13 -10.59 -27.94
C VAL C 286 2.93 -11.51 -28.18
N ALA C 287 3.03 -12.74 -27.68
CA ALA C 287 1.96 -13.71 -27.90
C ALA C 287 0.72 -13.36 -27.10
N ASN C 288 0.88 -12.96 -25.84
CA ASN C 288 -0.22 -12.66 -24.94
C ASN C 288 -0.21 -11.15 -24.69
N HIS C 289 -0.99 -10.42 -25.48
CA HIS C 289 -1.05 -8.96 -25.34
C HIS C 289 -1.32 -8.46 -23.92
N PRO C 290 -2.25 -9.02 -23.14
CA PRO C 290 -2.47 -8.50 -21.79
C PRO C 290 -1.24 -8.50 -20.91
N SER C 291 -0.25 -9.34 -21.19
CA SER C 291 0.96 -9.37 -20.38
C SER C 291 1.82 -8.12 -20.57
N LEU C 292 1.59 -7.35 -21.63
CA LEU C 292 2.32 -6.11 -21.89
C LEU C 292 1.33 -4.96 -21.74
N GLU C 293 1.34 -4.32 -20.56
CA GLU C 293 0.43 -3.22 -20.32
C GLU C 293 0.81 -2.04 -21.20
N CYS C 294 -0.20 -1.34 -21.70
CA CYS C 294 -0.01 -0.22 -22.63
C CYS C 294 -0.79 0.98 -22.10
N VAL C 295 -0.08 1.98 -21.59
CA VAL C 295 -0.66 3.22 -21.10
C VAL C 295 -0.30 4.33 -22.08
N VAL C 296 -1.32 4.96 -22.66
CA VAL C 296 -1.14 5.94 -23.73
C VAL C 296 -1.29 7.35 -23.17
N SER C 297 -0.41 8.26 -23.59
CA SER C 297 -0.44 9.62 -23.10
C SER C 297 0.11 10.57 -24.15
N ASP C 298 -0.08 11.87 -23.90
CA ASP C 298 0.40 12.91 -24.81
C ASP C 298 1.92 12.84 -24.95
N ALA C 299 2.40 13.11 -26.17
CA ALA C 299 3.84 13.20 -26.40
C ALA C 299 4.22 14.57 -26.96
N ILE C 300 3.92 14.86 -28.22
CA ILE C 300 4.39 16.07 -28.88
C ILE C 300 3.19 16.91 -29.29
N GLN C 301 3.26 18.22 -29.01
CA GLN C 301 2.31 19.19 -29.53
C GLN C 301 2.91 19.91 -30.71
N VAL C 302 2.07 20.18 -31.72
CA VAL C 302 2.49 20.86 -32.95
C VAL C 302 1.84 22.23 -32.99
N ARG C 303 2.64 23.24 -33.34
CA ARG C 303 2.13 24.59 -33.61
C ARG C 303 2.49 24.91 -35.06
N LEU C 304 1.49 24.88 -35.94
CA LEU C 304 1.73 25.27 -37.32
C LEU C 304 1.91 26.77 -37.42
N VAL C 305 2.97 27.19 -38.09
CA VAL C 305 3.37 28.59 -38.14
C VAL C 305 3.30 29.09 -39.58
N ASP C 306 3.58 28.20 -40.52
CA ASP C 306 3.38 28.45 -41.96
C ASP C 306 2.45 27.35 -42.45
N ILE C 307 1.13 27.62 -42.37
CA ILE C 307 0.15 26.60 -42.72
C ILE C 307 0.31 26.07 -44.14
N PRO C 308 0.39 26.91 -45.19
CA PRO C 308 0.53 26.35 -46.54
C PRO C 308 1.78 25.50 -46.74
N ARG C 309 2.91 25.91 -46.15
CA ARG C 309 4.14 25.15 -46.34
C ARG C 309 4.12 23.83 -45.56
N ALA C 310 3.64 23.85 -44.32
CA ALA C 310 3.59 22.62 -43.53
C ALA C 310 2.71 21.58 -44.20
N LEU C 311 1.56 22.00 -44.75
CA LEU C 311 0.64 21.06 -45.38
C LEU C 311 1.18 20.54 -46.70
N ALA C 312 1.98 21.33 -47.40
CA ALA C 312 2.60 20.88 -48.64
C ALA C 312 3.89 20.11 -48.44
N GLN C 313 4.44 20.11 -47.23
CA GLN C 313 5.70 19.41 -46.98
C GLN C 313 5.50 17.95 -46.66
N ARG C 314 4.36 17.58 -46.07
CA ARG C 314 4.09 16.18 -45.81
C ARG C 314 3.39 15.53 -47.00
N ARG C 315 3.29 14.21 -46.95
CA ARG C 315 2.51 13.44 -47.92
C ARG C 315 1.30 12.85 -47.21
N TYR C 316 0.35 12.38 -48.00
CA TYR C 316 -0.95 11.99 -47.48
C TYR C 316 -1.26 10.53 -47.84
N ALA C 317 -1.96 9.86 -46.92
CA ALA C 317 -2.19 8.42 -47.06
C ALA C 317 -3.07 8.10 -48.26
N ALA C 318 -3.90 9.05 -48.69
CA ALA C 318 -4.74 8.88 -49.86
C ALA C 318 -4.99 10.25 -50.49
N ASP C 319 -5.60 10.24 -51.67
CA ASP C 319 -5.89 11.49 -52.37
C ASP C 319 -6.85 12.35 -51.56
N VAL C 320 -6.67 13.66 -51.65
CA VAL C 320 -7.51 14.61 -50.92
C VAL C 320 -7.56 15.92 -51.69
N ASP C 321 -8.76 16.50 -51.76
CA ASP C 321 -8.96 17.84 -52.29
C ASP C 321 -10.02 18.48 -51.39
N VAL C 322 -9.57 19.33 -50.47
CA VAL C 322 -10.44 19.87 -49.43
C VAL C 322 -10.08 21.33 -49.20
N VAL C 323 -11.08 22.13 -48.85
CA VAL C 323 -10.89 23.51 -48.43
C VAL C 323 -11.13 23.57 -46.93
N LEU C 324 -10.13 24.03 -46.19
CA LEU C 324 -10.18 24.09 -44.74
C LEU C 324 -10.34 25.54 -44.30
N GLU C 325 -11.39 25.82 -43.55
CA GLU C 325 -11.62 27.14 -42.95
C GLU C 325 -10.90 27.13 -41.59
N VAL C 326 -9.72 27.75 -41.55
CA VAL C 326 -8.83 27.70 -40.39
C VAL C 326 -8.96 28.99 -39.61
N THR C 327 -9.18 28.86 -38.30
CA THR C 327 -9.19 30.01 -37.40
C THR C 327 -7.97 29.91 -36.49
N ASP C 328 -7.16 30.97 -36.47
CA ASP C 328 -5.96 31.06 -35.63
C ASP C 328 -6.18 32.23 -34.69
N ASP C 329 -6.76 31.96 -33.52
CA ASP C 329 -7.10 33.04 -32.60
C ASP C 329 -5.86 33.75 -32.07
N PHE C 330 -4.76 33.03 -31.88
CA PHE C 330 -3.57 33.68 -31.32
C PHE C 330 -2.79 34.43 -32.38
N LEU C 331 -2.67 33.88 -33.59
CA LEU C 331 -1.97 34.50 -34.70
C LEU C 331 -2.96 34.70 -35.84
N PRO C 332 -3.82 35.72 -35.75
CA PRO C 332 -4.92 35.86 -36.73
C PRO C 332 -4.45 36.09 -38.15
N GLU C 333 -3.19 36.46 -38.36
CA GLU C 333 -2.70 36.60 -39.73
C GLU C 333 -2.72 35.28 -40.49
N ASN C 334 -2.78 34.15 -39.78
CA ASN C 334 -2.82 32.83 -40.40
C ASN C 334 -4.25 32.34 -40.66
N SER C 335 -5.26 33.04 -40.14
CA SER C 335 -6.64 32.61 -40.34
C SER C 335 -7.03 32.77 -41.80
N GLY C 336 -7.74 31.78 -42.32
CA GLY C 336 -8.19 31.85 -43.69
C GLY C 336 -8.64 30.49 -44.20
N ARG C 337 -8.98 30.48 -45.47
CA ARG C 337 -9.43 29.28 -46.16
C ARG C 337 -8.29 28.75 -47.02
N TYR C 338 -7.88 27.52 -46.76
CA TYR C 338 -6.77 26.89 -47.48
C TYR C 338 -7.31 25.69 -48.26
N ARG C 339 -6.91 25.59 -49.53
CA ARG C 339 -7.26 24.44 -50.35
C ARG C 339 -6.08 23.48 -50.32
N LEU C 340 -6.30 22.29 -49.76
CA LEU C 340 -5.27 21.26 -49.70
C LEU C 340 -5.55 20.23 -50.79
N ARG C 341 -4.56 20.01 -51.65
CA ARG C 341 -4.59 18.98 -52.68
C ARG C 341 -3.38 18.08 -52.44
N GLY C 342 -3.61 16.87 -51.95
CA GLY C 342 -2.52 16.01 -51.53
C GLY C 342 -2.77 14.55 -51.86
N GLY C 343 -1.69 13.80 -51.82
CA GLY C 343 -1.73 12.37 -52.03
C GLY C 343 -0.44 11.74 -51.57
N LEU C 344 -0.24 10.49 -51.98
CA LEU C 344 0.99 9.79 -51.60
C LEU C 344 2.22 10.41 -52.26
N ASP C 345 2.06 11.06 -53.41
CA ASP C 345 3.19 11.54 -54.19
C ASP C 345 3.08 13.01 -54.57
N HIS C 346 2.21 13.77 -53.90
CA HIS C 346 2.07 15.19 -54.19
C HIS C 346 1.38 15.87 -53.02
N ALA C 347 1.63 17.18 -52.89
CA ALA C 347 0.98 17.98 -51.87
C ALA C 347 1.14 19.45 -52.24
N SER C 348 0.03 20.17 -52.28
CA SER C 348 0.04 21.61 -52.48
C SER C 348 -1.04 22.23 -51.60
N CYS C 349 -0.80 23.46 -51.18
CA CYS C 349 -1.75 24.17 -50.34
C CYS C 349 -1.55 25.67 -50.54
N GLU C 350 -2.66 26.38 -50.76
CA GLU C 350 -2.61 27.82 -50.93
C GLU C 350 -3.90 28.42 -50.37
N ILE C 351 -3.81 29.68 -49.92
CA ILE C 351 -5.01 30.39 -49.50
C ILE C 351 -5.96 30.51 -50.68
N THR C 352 -7.25 30.36 -50.41
CA THR C 352 -8.26 30.42 -51.46
C THR C 352 -9.50 31.11 -50.93
N THR C 353 -10.36 31.51 -51.87
CA THR C 353 -11.69 32.04 -51.55
C THR C 353 -12.80 31.08 -51.92
N ASP C 354 -12.47 29.87 -52.38
CA ASP C 354 -13.47 28.86 -52.69
C ASP C 354 -14.25 28.50 -51.43
N ASP C 355 -15.38 27.82 -51.64
CA ASP C 355 -16.22 27.43 -50.52
C ASP C 355 -15.48 26.44 -49.62
N ALA C 356 -15.69 26.56 -48.31
CA ALA C 356 -15.00 25.75 -47.33
C ALA C 356 -15.73 24.43 -47.10
N ASP C 357 -14.95 23.37 -46.93
CA ASP C 357 -15.47 22.04 -46.65
C ASP C 357 -15.46 21.70 -45.16
N ILE C 358 -14.43 22.13 -44.44
CA ILE C 358 -14.25 21.81 -43.04
C ILE C 358 -13.82 23.09 -42.30
N ALA C 359 -14.36 23.28 -41.10
CA ALA C 359 -14.01 24.41 -40.25
C ALA C 359 -13.30 23.88 -39.01
N LEU C 360 -12.14 24.43 -38.70
CA LEU C 360 -11.37 23.97 -37.55
C LEU C 360 -10.38 25.05 -37.15
N THR C 361 -9.89 24.93 -35.91
CA THR C 361 -8.88 25.84 -35.39
C THR C 361 -7.49 25.35 -35.77
N VAL C 362 -6.52 26.27 -35.71
CA VAL C 362 -5.14 25.90 -36.05
C VAL C 362 -4.59 24.89 -35.04
N ARG C 363 -5.11 24.90 -33.81
CA ARG C 363 -4.71 23.92 -32.82
C ARG C 363 -5.10 22.51 -33.26
N ASP C 364 -6.35 22.33 -33.72
CA ASP C 364 -6.81 21.01 -34.12
C ASP C 364 -6.22 20.58 -35.45
N LEU C 365 -5.93 21.54 -36.35
CA LEU C 365 -5.22 21.18 -37.58
C LEU C 365 -3.83 20.65 -37.24
N GLY C 366 -3.15 21.25 -36.27
CA GLY C 366 -1.89 20.73 -35.82
C GLY C 366 -2.01 19.36 -35.17
N SER C 367 -3.14 19.11 -34.50
CA SER C 367 -3.33 17.82 -33.84
C SER C 367 -3.43 16.68 -34.84
N VAL C 368 -3.96 16.92 -36.03
CA VAL C 368 -4.08 15.88 -37.05
C VAL C 368 -2.91 15.88 -38.02
N TYR C 369 -1.97 16.83 -37.88
CA TYR C 369 -0.95 17.03 -38.91
C TYR C 369 0.00 15.85 -39.03
N MSE C 370 0.26 15.13 -37.95
CA MSE C 370 1.23 14.04 -37.97
C MSE C 370 0.58 12.66 -38.12
O MSE C 370 1.27 11.64 -38.05
CB MSE C 370 2.10 14.07 -36.71
CG MSE C 370 2.95 15.32 -36.56
SE MSE C 370 4.24 15.52 -38.01
CE MSE C 370 5.31 13.93 -37.67
N GLY C 371 -0.73 12.63 -38.32
CA GLY C 371 -1.43 11.39 -38.47
C GLY C 371 -1.69 10.62 -37.19
N GLY C 372 -1.59 11.28 -36.04
CA GLY C 372 -1.77 10.60 -34.77
C GLY C 372 -3.13 10.82 -34.15
N VAL C 373 -3.92 11.74 -34.70
CA VAL C 373 -5.26 12.06 -34.21
C VAL C 373 -6.19 12.09 -35.42
N SER C 374 -7.34 11.45 -35.30
CA SER C 374 -8.27 11.35 -36.42
C SER C 374 -9.12 12.62 -36.52
N LEU C 375 -9.11 13.21 -37.71
CA LEU C 375 -9.95 14.39 -37.95
C LEU C 375 -11.43 14.03 -37.79
N GLN C 376 -11.81 12.81 -38.19
CA GLN C 376 -13.21 12.39 -38.07
C GLN C 376 -13.65 12.31 -36.62
N VAL C 377 -12.78 11.80 -35.74
CA VAL C 377 -13.13 11.75 -34.32
C VAL C 377 -13.29 13.16 -33.75
N LEU C 378 -12.42 14.08 -34.17
CA LEU C 378 -12.57 15.47 -33.72
C LEU C 378 -13.89 16.06 -34.21
N ALA C 379 -14.31 15.69 -35.42
CA ALA C 379 -15.60 16.15 -35.92
C ALA C 379 -16.75 15.55 -35.12
N SER C 380 -16.66 14.25 -34.79
CA SER C 380 -17.69 13.61 -34.00
C SER C 380 -17.76 14.18 -32.59
N ALA C 381 -16.63 14.61 -32.04
CA ALA C 381 -16.61 15.21 -30.71
C ALA C 381 -17.14 16.64 -30.71
N GLY C 382 -17.33 17.26 -31.87
CA GLY C 382 -17.83 18.62 -31.94
C GLY C 382 -16.77 19.69 -32.01
N LEU C 383 -15.49 19.33 -31.91
CA LEU C 383 -14.41 20.31 -32.00
C LEU C 383 -14.15 20.77 -33.42
N VAL C 384 -14.51 19.96 -34.42
CA VAL C 384 -14.33 20.27 -35.82
C VAL C 384 -15.70 20.16 -36.48
N THR C 385 -16.00 21.06 -37.42
CA THR C 385 -17.31 21.13 -38.04
C THR C 385 -17.20 20.80 -39.52
N GLU C 386 -18.00 19.84 -39.97
CA GLU C 386 -18.08 19.51 -41.39
C GLU C 386 -19.07 20.46 -42.07
N LEU C 387 -18.62 21.12 -43.13
CA LEU C 387 -19.45 22.07 -43.85
C LEU C 387 -20.08 21.50 -45.11
N ARG C 388 -19.42 20.54 -45.76
CA ARG C 388 -19.97 19.85 -46.92
C ARG C 388 -19.87 18.35 -46.69
N ALA C 389 -20.96 17.64 -47.01
CA ALA C 389 -21.07 16.24 -46.66
C ALA C 389 -19.97 15.41 -47.31
N GLY C 390 -19.42 14.48 -46.53
CA GLY C 390 -18.39 13.58 -47.01
C GLY C 390 -16.98 14.13 -47.02
N ALA C 391 -16.80 15.40 -46.65
CA ALA C 391 -15.47 16.01 -46.72
C ALA C 391 -14.56 15.47 -45.62
N VAL C 392 -15.07 15.35 -44.40
CA VAL C 392 -14.23 14.96 -43.27
C VAL C 392 -13.70 13.54 -43.45
N GLN C 393 -14.55 12.61 -43.90
CA GLN C 393 -14.14 11.22 -44.04
C GLN C 393 -12.90 11.10 -44.92
N ARG C 394 -12.92 11.71 -46.10
CA ARG C 394 -11.79 11.61 -47.01
C ARG C 394 -10.59 12.40 -46.48
N ALA C 395 -10.83 13.55 -45.86
CA ALA C 395 -9.73 14.33 -45.29
C ALA C 395 -9.12 13.62 -44.10
N ALA C 396 -9.94 12.95 -43.29
CA ALA C 396 -9.43 12.24 -42.12
C ALA C 396 -8.52 11.09 -42.54
N THR C 397 -8.94 10.31 -43.53
CA THR C 397 -8.10 9.23 -44.03
C THR C 397 -6.80 9.76 -44.60
N ALA C 398 -6.87 10.85 -45.39
CA ALA C 398 -5.68 11.39 -46.02
C ALA C 398 -4.68 11.92 -44.98
N PHE C 399 -5.17 12.61 -43.96
CA PHE C 399 -4.28 13.10 -42.90
C PHE C 399 -3.67 11.98 -42.09
N GLY C 400 -4.26 10.79 -42.09
CA GLY C 400 -3.69 9.66 -41.40
C GLY C 400 -2.43 9.16 -42.09
N TRP C 401 -1.89 8.07 -41.55
CA TRP C 401 -0.70 7.46 -42.11
C TRP C 401 -0.61 6.03 -41.61
N PRO C 402 -0.15 5.08 -42.43
CA PRO C 402 -0.08 3.68 -41.97
C PRO C 402 0.87 3.44 -40.81
N VAL C 403 1.77 4.38 -40.53
CA VAL C 403 2.67 4.28 -39.39
C VAL C 403 2.39 5.46 -38.48
N ALA C 404 1.99 5.17 -37.24
CA ALA C 404 1.69 6.22 -36.28
C ALA C 404 2.95 7.04 -36.00
N PRO C 405 2.80 8.34 -35.77
CA PRO C 405 3.94 9.14 -35.35
C PRO C 405 4.40 8.71 -33.97
N SER C 406 5.67 9.00 -33.67
CA SER C 406 6.26 8.58 -32.41
C SER C 406 7.09 9.73 -31.84
N ALA C 407 7.36 9.64 -30.54
CA ALA C 407 8.05 10.72 -29.85
C ALA C 407 9.55 10.67 -30.15
N PRO C 408 10.17 11.81 -30.45
CA PRO C 408 11.61 11.86 -30.67
C PRO C 408 12.35 11.81 -29.33
N ASP C 409 13.67 11.91 -29.39
CA ASP C 409 14.44 12.01 -28.15
C ASP C 409 14.04 13.28 -27.40
N ASP C 410 14.13 13.21 -26.07
CA ASP C 410 13.54 14.24 -25.21
C ASP C 410 14.24 15.58 -25.38
N PHE C 411 13.45 16.65 -25.38
CA PHE C 411 13.99 18.01 -25.35
C PHE C 411 13.06 18.94 -24.59
N GLU D 3 -15.88 -42.12 -23.67
CA GLU D 3 -16.20 -41.60 -22.33
C GLU D 3 -16.78 -40.20 -22.39
N LEU D 4 -16.41 -39.44 -23.42
CA LEU D 4 -16.87 -38.07 -23.59
C LEU D 4 -17.72 -37.99 -24.86
N THR D 5 -18.82 -37.25 -24.76
CA THR D 5 -19.74 -37.06 -25.87
C THR D 5 -19.82 -35.58 -26.21
N LEU D 6 -19.59 -35.25 -27.48
CA LEU D 6 -19.77 -33.89 -27.97
C LEU D 6 -21.24 -33.73 -28.40
N ARG D 7 -21.95 -32.84 -27.73
CA ARG D 7 -23.37 -32.66 -27.99
C ARG D 7 -23.79 -31.25 -27.62
N THR D 8 -25.03 -30.91 -27.97
CA THR D 8 -25.61 -29.63 -27.65
C THR D 8 -26.45 -29.72 -26.38
N ILE D 9 -26.85 -28.56 -25.87
CA ILE D 9 -27.72 -28.51 -24.69
C ILE D 9 -29.07 -29.11 -25.04
N ALA D 10 -29.56 -30.00 -24.18
CA ALA D 10 -30.79 -30.74 -24.43
C ALA D 10 -32.05 -30.09 -23.86
N ASP D 11 -31.99 -29.55 -22.64
CA ASP D 11 -33.17 -28.97 -22.01
C ASP D 11 -32.71 -27.91 -21.01
N GLU D 12 -33.65 -27.48 -20.15
CA GLU D 12 -33.38 -26.36 -19.25
C GLU D 12 -32.46 -26.76 -18.11
N ASP D 13 -32.70 -27.93 -17.51
CA ASP D 13 -31.78 -28.43 -16.48
C ASP D 13 -30.38 -28.63 -17.06
N ASP D 14 -30.30 -29.12 -18.30
CA ASP D 14 -29.02 -29.27 -18.97
C ASP D 14 -28.38 -27.92 -19.24
N TYR D 15 -29.20 -26.87 -19.41
CA TYR D 15 -28.67 -25.54 -19.65
C TYR D 15 -28.02 -24.96 -18.39
N GLU D 16 -28.71 -25.07 -17.25
CA GLU D 16 -28.16 -24.55 -16.00
C GLU D 16 -26.91 -25.30 -15.59
N SER D 17 -26.87 -26.62 -15.81
CA SER D 17 -25.65 -27.39 -15.55
C SER D 17 -24.53 -26.95 -16.49
N TYR D 18 -24.86 -26.75 -17.76
CA TYR D 18 -23.87 -26.29 -18.75
C TYR D 18 -23.28 -24.95 -18.32
N MSE D 19 -24.12 -24.00 -17.94
CA MSE D 19 -23.66 -22.68 -17.53
C MSE D 19 -22.87 -22.74 -16.22
O MSE D 19 -21.83 -22.09 -16.10
CB MSE D 19 -24.83 -21.71 -17.41
CG MSE D 19 -25.43 -21.35 -18.76
SE MSE D 19 -24.06 -20.60 -19.92
CE MSE D 19 -24.94 -20.83 -21.64
N ALA D 20 -23.36 -23.51 -15.27
CA ALA D 20 -22.65 -23.67 -13.99
C ALA D 20 -21.26 -24.25 -14.20
N SER D 21 -21.10 -25.11 -15.21
CA SER D 21 -19.77 -25.66 -15.52
C SER D 21 -18.83 -24.55 -15.98
N ALA D 22 -19.31 -23.63 -16.82
CA ALA D 22 -18.45 -22.58 -17.34
C ALA D 22 -17.99 -21.63 -16.24
N TYR D 23 -18.92 -21.20 -15.37
CA TYR D 23 -18.55 -20.33 -14.26
C TYR D 23 -17.53 -21.01 -13.35
N SER D 24 -17.71 -22.31 -13.09
CA SER D 24 -16.81 -23.01 -12.17
C SER D 24 -15.39 -23.08 -12.72
N VAL D 25 -15.25 -23.27 -14.03
CA VAL D 25 -13.92 -23.27 -14.64
C VAL D 25 -13.22 -21.93 -14.41
N PHE D 26 -13.99 -20.84 -14.46
CA PHE D 26 -13.45 -19.51 -14.23
C PHE D 26 -13.49 -19.09 -12.76
N LEU D 27 -13.58 -20.06 -11.84
CA LEU D 27 -13.41 -19.85 -10.40
C LEU D 27 -14.57 -19.09 -9.76
N ARG D 28 -15.73 -19.05 -10.40
CA ARG D 28 -16.87 -18.28 -9.92
C ARG D 28 -18.07 -19.18 -9.68
N ASP D 29 -18.90 -18.78 -8.72
CA ASP D 29 -20.18 -19.42 -8.54
C ASP D 29 -21.11 -19.05 -9.70
N PRO D 30 -22.07 -19.91 -10.02
CA PRO D 30 -23.02 -19.58 -11.10
C PRO D 30 -23.86 -18.36 -10.75
N GLN D 31 -23.86 -17.38 -11.63
CA GLN D 31 -24.66 -16.17 -11.45
C GLN D 31 -26.05 -16.43 -12.00
N LYS D 32 -26.98 -16.77 -11.09
CA LYS D 32 -28.30 -17.21 -11.53
C LYS D 32 -29.06 -16.11 -12.25
N ASP D 33 -28.89 -14.85 -11.84
CA ASP D 33 -29.58 -13.75 -12.50
C ASP D 33 -29.09 -13.57 -13.93
N GLU D 34 -27.78 -13.69 -14.14
CA GLU D 34 -27.24 -13.60 -15.50
C GLU D 34 -27.65 -14.80 -16.33
N ILE D 35 -27.61 -15.99 -15.75
CA ILE D 35 -27.97 -17.20 -16.49
C ILE D 35 -29.41 -17.15 -16.95
N GLU D 36 -30.30 -16.61 -16.11
CA GLU D 36 -31.72 -16.56 -16.47
C GLU D 36 -31.98 -15.58 -17.60
N VAL D 37 -31.39 -14.39 -17.54
CA VAL D 37 -31.70 -13.36 -18.53
C VAL D 37 -31.06 -13.69 -19.88
N ASN D 38 -29.85 -14.25 -19.86
CA ASN D 38 -29.18 -14.61 -21.11
C ASN D 38 -29.85 -15.79 -21.80
N ARG D 39 -30.62 -16.59 -21.08
CA ARG D 39 -31.33 -17.71 -21.69
C ARG D 39 -32.27 -17.24 -22.80
N LYS D 40 -32.85 -16.04 -22.64
CA LYS D 40 -33.87 -15.56 -23.56
C LYS D 40 -33.37 -15.38 -24.99
N PHE D 41 -32.06 -15.19 -25.18
CA PHE D 41 -31.50 -15.09 -26.52
C PHE D 41 -30.54 -16.24 -26.86
N THR D 42 -30.51 -17.28 -26.03
CA THR D 42 -29.62 -18.41 -26.26
C THR D 42 -30.35 -19.46 -27.08
N GLU D 43 -29.70 -19.89 -28.17
CA GLU D 43 -30.19 -21.00 -28.99
C GLU D 43 -29.45 -22.25 -28.55
N LEU D 44 -30.20 -23.22 -28.02
CA LEU D 44 -29.56 -24.40 -27.43
C LEU D 44 -28.76 -25.19 -28.46
N ASP D 45 -29.18 -25.19 -29.73
CA ASP D 45 -28.46 -25.95 -30.74
C ASP D 45 -27.13 -25.33 -31.13
N ARG D 46 -26.83 -24.11 -30.68
CA ARG D 46 -25.54 -23.48 -30.91
C ARG D 46 -24.61 -23.62 -29.72
N MSE D 47 -25.06 -24.23 -28.63
CA MSE D 47 -24.24 -24.39 -27.44
C MSE D 47 -23.75 -25.83 -27.32
O MSE D 47 -24.50 -26.70 -26.87
CB MSE D 47 -25.04 -24.01 -26.19
CG MSE D 47 -25.86 -22.73 -26.32
SE MSE D 47 -24.76 -21.14 -26.50
CE MSE D 47 -23.68 -21.33 -24.90
N ILE D 48 -22.52 -26.08 -27.72
CA ILE D 48 -21.96 -27.42 -27.75
C ILE D 48 -21.01 -27.61 -26.58
N GLY D 49 -20.63 -28.86 -26.35
CA GLY D 49 -19.67 -29.17 -25.30
C GLY D 49 -19.49 -30.66 -25.17
N PHE D 50 -18.51 -31.03 -24.35
CA PHE D 50 -18.24 -32.42 -24.02
C PHE D 50 -18.87 -32.76 -22.68
N HIS D 51 -19.54 -33.91 -22.62
CA HIS D 51 -20.20 -34.38 -21.41
C HIS D 51 -19.72 -35.80 -21.14
N ASP D 52 -19.35 -36.08 -19.89
CA ASP D 52 -18.80 -37.38 -19.52
C ASP D 52 -19.84 -38.32 -18.93
N GLY D 53 -21.12 -37.97 -19.00
CA GLY D 53 -22.20 -38.75 -18.45
C GLY D 53 -22.79 -38.19 -17.17
N LYS D 54 -22.01 -37.41 -16.43
CA LYS D 54 -22.47 -36.82 -15.17
C LYS D 54 -22.14 -35.36 -14.99
N LYS D 55 -21.22 -34.80 -15.77
CA LYS D 55 -20.90 -33.37 -15.71
C LYS D 55 -20.48 -32.90 -17.10
N TRP D 56 -20.65 -31.60 -17.34
CA TRP D 56 -20.07 -30.97 -18.50
C TRP D 56 -18.60 -30.70 -18.23
N VAL D 57 -17.73 -31.17 -19.12
CA VAL D 57 -16.28 -31.04 -18.95
C VAL D 57 -15.64 -30.04 -19.90
N ALA D 58 -16.37 -29.57 -20.91
CA ALA D 58 -15.88 -28.55 -21.81
C ALA D 58 -17.09 -27.92 -22.48
N THR D 59 -17.02 -26.63 -22.76
CA THR D 59 -18.13 -25.91 -23.35
C THR D 59 -17.63 -24.97 -24.44
N THR D 60 -18.53 -24.68 -25.39
CA THR D 60 -18.31 -23.65 -26.41
C THR D 60 -19.65 -23.30 -27.06
N GLY D 61 -19.99 -22.00 -27.10
CA GLY D 61 -21.27 -21.59 -27.64
C GLY D 61 -21.13 -20.36 -28.52
N ALA D 62 -22.22 -20.01 -29.19
CA ALA D 62 -22.27 -18.83 -30.03
C ALA D 62 -23.69 -18.29 -30.04
N PHE D 63 -23.81 -16.96 -30.04
CA PHE D 63 -25.08 -16.29 -30.21
C PHE D 63 -25.18 -15.77 -31.64
N SER D 64 -26.40 -15.77 -32.17
CA SER D 64 -26.67 -15.22 -33.49
C SER D 64 -26.82 -13.71 -33.34
N ARG D 65 -25.82 -12.96 -33.78
CA ARG D 65 -25.81 -11.51 -33.64
C ARG D 65 -25.53 -10.87 -34.99
N HIS D 66 -25.47 -9.54 -35.01
CA HIS D 66 -25.18 -8.78 -36.20
C HIS D 66 -24.26 -7.63 -35.82
N VAL D 67 -23.24 -7.39 -36.64
CA VAL D 67 -22.18 -6.44 -36.32
C VAL D 67 -22.11 -5.36 -37.39
N VAL D 68 -21.85 -4.13 -36.98
CA VAL D 68 -21.61 -3.02 -37.89
C VAL D 68 -20.18 -3.14 -38.42
N LEU D 69 -20.03 -3.12 -39.73
CA LEU D 69 -18.73 -3.14 -40.37
C LEU D 69 -18.30 -1.74 -40.73
N PRO D 70 -17.01 -1.52 -41.02
CA PRO D 70 -16.59 -0.23 -41.57
C PRO D 70 -17.37 0.08 -42.85
N GLY D 71 -18.03 1.24 -42.86
CA GLY D 71 -18.90 1.63 -43.94
C GLY D 71 -20.37 1.62 -43.57
N GLY D 72 -20.74 0.95 -42.48
CA GLY D 72 -22.09 0.97 -41.98
C GLY D 72 -22.90 -0.28 -42.24
N ALA D 73 -22.38 -1.22 -43.02
CA ALA D 73 -23.13 -2.43 -43.32
C ALA D 73 -23.27 -3.31 -42.07
N VAL D 74 -24.45 -3.88 -41.90
CA VAL D 74 -24.76 -4.74 -40.77
C VAL D 74 -24.85 -6.18 -41.30
N VAL D 75 -23.93 -7.03 -40.85
CA VAL D 75 -23.85 -8.40 -41.36
C VAL D 75 -24.05 -9.39 -40.22
N PRO D 76 -24.54 -10.60 -40.50
CA PRO D 76 -24.63 -11.62 -39.45
C PRO D 76 -23.23 -12.00 -38.95
N VAL D 77 -23.13 -12.26 -37.65
CA VAL D 77 -21.88 -12.64 -37.02
C VAL D 77 -22.17 -13.64 -35.91
N ALA D 78 -21.25 -14.58 -35.73
CA ALA D 78 -21.32 -15.52 -34.62
C ALA D 78 -20.61 -14.91 -33.42
N ALA D 79 -21.38 -14.65 -32.36
CA ALA D 79 -20.82 -14.10 -31.13
C ALA D 79 -20.44 -15.27 -30.22
N VAL D 80 -19.19 -15.69 -30.33
CA VAL D 80 -18.72 -16.88 -29.61
C VAL D 80 -18.62 -16.57 -28.11
N THR D 81 -19.06 -17.52 -27.30
CA THR D 81 -19.17 -17.31 -25.87
C THR D 81 -18.94 -18.62 -25.13
N ALA D 82 -18.72 -18.52 -23.82
CA ALA D 82 -18.70 -19.67 -22.92
C ALA D 82 -17.73 -20.76 -23.37
N VAL D 83 -16.52 -20.35 -23.77
CA VAL D 83 -15.48 -21.29 -24.17
C VAL D 83 -14.70 -21.69 -22.93
N THR D 84 -14.91 -22.91 -22.46
CA THR D 84 -14.23 -23.40 -21.27
C THR D 84 -13.83 -24.86 -21.47
N VAL D 85 -12.70 -25.24 -20.87
CA VAL D 85 -12.28 -26.63 -20.75
C VAL D 85 -11.93 -26.86 -19.29
N SER D 86 -12.60 -27.82 -18.65
CA SER D 86 -12.36 -28.09 -17.25
C SER D 86 -10.87 -28.40 -17.01
N PRO D 87 -10.29 -27.91 -15.92
CA PRO D 87 -8.86 -28.18 -15.66
C PRO D 87 -8.52 -29.66 -15.62
N THR D 88 -9.44 -30.51 -15.21
CA THR D 88 -9.20 -31.95 -15.19
C THR D 88 -9.19 -32.58 -16.58
N HIS D 89 -9.63 -31.85 -17.60
CA HIS D 89 -9.72 -32.39 -18.95
C HIS D 89 -8.93 -31.57 -19.98
N ARG D 90 -7.93 -30.83 -19.52
CA ARG D 90 -7.05 -30.12 -20.43
C ARG D 90 -6.09 -31.10 -21.10
N ARG D 91 -5.45 -30.63 -22.18
CA ARG D 91 -4.44 -31.40 -22.89
C ARG D 91 -4.99 -32.73 -23.42
N ARG D 92 -6.24 -32.70 -23.88
CA ARG D 92 -6.87 -33.86 -24.50
C ARG D 92 -7.39 -33.56 -25.90
N GLY D 93 -7.16 -32.35 -26.40
CA GLY D 93 -7.66 -31.95 -27.70
C GLY D 93 -9.12 -31.56 -27.73
N LEU D 94 -9.76 -31.38 -26.57
CA LEU D 94 -11.17 -31.06 -26.54
C LEU D 94 -11.46 -29.72 -27.18
N LEU D 95 -10.58 -28.73 -26.97
CA LEU D 95 -10.80 -27.40 -27.53
C LEU D 95 -10.70 -27.41 -29.04
N THR D 96 -9.65 -28.04 -29.58
CA THR D 96 -9.50 -28.13 -31.03
C THR D 96 -10.73 -28.78 -31.68
N THR D 97 -11.27 -29.81 -31.04
CA THR D 97 -12.45 -30.49 -31.59
C THR D 97 -13.65 -29.55 -31.63
N MSE D 98 -13.93 -28.86 -30.53
CA MSE D 98 -15.05 -27.94 -30.49
C MSE D 98 -14.88 -26.80 -31.47
O MSE D 98 -15.84 -26.35 -32.10
CB MSE D 98 -15.26 -27.40 -29.06
CG MSE D 98 -15.64 -28.46 -28.05
SE MSE D 98 -16.07 -27.71 -26.30
CE MSE D 98 -14.34 -26.90 -25.90
N MSE D 99 -13.65 -26.31 -31.61
CA MSE D 99 -13.34 -25.24 -32.56
C MSE D 99 -13.62 -25.68 -33.99
O MSE D 99 -14.19 -24.93 -34.78
CB MSE D 99 -11.89 -24.78 -32.42
CG MSE D 99 -11.57 -24.00 -31.15
SE MSE D 99 -12.41 -22.23 -31.06
CE MSE D 99 -14.05 -22.70 -30.13
N ARG D 100 -13.22 -26.91 -34.33
CA ARG D 100 -13.48 -27.43 -35.67
C ARG D 100 -14.97 -27.59 -35.92
N HIS D 101 -15.72 -28.04 -34.90
CA HIS D 101 -17.16 -28.21 -35.08
C HIS D 101 -17.87 -26.87 -35.15
N GLN D 102 -17.48 -25.92 -34.30
CA GLN D 102 -18.16 -24.62 -34.28
C GLN D 102 -17.90 -23.84 -35.56
N LEU D 103 -16.65 -23.83 -36.04
CA LEU D 103 -16.32 -23.05 -37.22
C LEU D 103 -17.05 -23.57 -38.46
N ALA D 104 -17.23 -24.88 -38.55
CA ALA D 104 -18.02 -25.43 -39.64
C ALA D 104 -19.50 -25.06 -39.49
N ASP D 105 -19.99 -25.07 -38.25
CA ASP D 105 -21.39 -24.71 -38.02
C ASP D 105 -21.64 -23.25 -38.36
N ILE D 106 -20.68 -22.37 -38.03
CA ILE D 106 -20.83 -20.95 -38.31
C ILE D 106 -20.91 -20.71 -39.82
N ARG D 107 -20.08 -21.43 -40.59
CA ARG D 107 -20.11 -21.29 -42.05
C ARG D 107 -21.47 -21.65 -42.62
N SER D 108 -22.08 -22.74 -42.12
CA SER D 108 -23.36 -23.19 -42.68
C SER D 108 -24.48 -22.21 -42.40
N ARG D 109 -24.38 -21.45 -41.31
CA ARG D 109 -25.39 -20.46 -40.96
C ARG D 109 -25.26 -19.15 -41.72
N GLY D 110 -24.35 -19.09 -42.70
CA GLY D 110 -24.21 -17.89 -43.51
C GLY D 110 -23.50 -16.74 -42.84
N GLU D 111 -22.86 -16.97 -41.70
CA GLU D 111 -22.08 -15.93 -41.03
C GLU D 111 -20.68 -15.91 -41.61
N SER D 112 -20.30 -14.79 -42.23
CA SER D 112 -19.01 -14.68 -42.88
C SER D 112 -17.84 -14.61 -41.90
N LEU D 113 -18.11 -14.35 -40.62
CA LEU D 113 -17.03 -14.24 -39.65
C LEU D 113 -17.58 -14.53 -38.25
N ALA D 114 -16.65 -14.78 -37.33
CA ALA D 114 -16.97 -14.98 -35.92
C ALA D 114 -16.24 -13.94 -35.09
N MSE D 115 -16.80 -13.62 -33.93
CA MSE D 115 -16.17 -12.67 -33.02
C MSE D 115 -16.16 -13.19 -31.59
O MSE D 115 -17.11 -13.85 -31.15
CB MSE D 115 -16.82 -11.29 -33.11
CG MSE D 115 -16.38 -10.49 -34.32
SE MSE D 115 -17.39 -8.85 -34.59
CE MSE D 115 -16.26 -8.01 -35.92
N LEU D 116 -15.09 -12.90 -30.86
CA LEU D 116 -14.85 -13.48 -29.54
C LEU D 116 -14.13 -12.45 -28.69
N PHE D 117 -14.59 -12.27 -27.45
CA PHE D 117 -13.91 -11.39 -26.51
C PHE D 117 -12.63 -12.04 -26.01
N ALA D 118 -11.57 -11.25 -25.93
CA ALA D 118 -10.28 -11.77 -25.48
C ALA D 118 -10.32 -12.06 -23.99
N SER D 119 -9.92 -13.26 -23.60
CA SER D 119 -9.91 -13.66 -22.21
C SER D 119 -8.47 -13.82 -21.70
N TYR D 124 -5.76 -18.48 -28.76
CA TYR D 124 -6.78 -18.74 -29.76
C TYR D 124 -6.26 -18.46 -31.17
N GLY D 125 -5.08 -17.85 -31.24
CA GLY D 125 -4.51 -17.53 -32.54
C GLY D 125 -4.29 -18.75 -33.42
N ARG D 126 -4.02 -19.90 -32.80
CA ARG D 126 -3.82 -21.13 -33.55
C ARG D 126 -5.08 -21.61 -34.27
N PHE D 127 -6.24 -21.03 -33.97
CA PHE D 127 -7.47 -21.36 -34.67
C PHE D 127 -7.84 -20.35 -35.75
N GLY D 128 -7.05 -19.29 -35.91
CA GLY D 128 -7.34 -18.25 -36.87
C GLY D 128 -7.89 -16.97 -36.28
N TYR D 129 -8.17 -16.94 -34.97
CA TYR D 129 -8.65 -15.73 -34.32
C TYR D 129 -7.51 -14.74 -34.17
N GLY D 130 -7.74 -13.50 -34.56
CA GLY D 130 -6.78 -12.44 -34.36
C GLY D 130 -7.42 -11.23 -33.71
N VAL D 131 -6.69 -10.59 -32.81
CA VAL D 131 -7.20 -9.41 -32.13
C VAL D 131 -7.37 -8.29 -33.15
N ALA D 132 -8.62 -7.86 -33.36
CA ALA D 132 -8.95 -6.83 -34.33
C ALA D 132 -9.40 -5.52 -33.73
N THR D 133 -9.89 -5.53 -32.49
CA THR D 133 -10.41 -4.35 -31.84
C THR D 133 -9.81 -4.24 -30.45
N GLU D 134 -9.50 -3.01 -30.04
CA GLU D 134 -9.02 -2.72 -28.70
C GLU D 134 -10.07 -1.92 -27.95
N SER D 135 -9.92 -1.88 -26.63
CA SER D 135 -10.74 -1.04 -25.78
C SER D 135 -9.83 -0.29 -24.82
N ALA D 136 -10.30 0.86 -24.37
CA ALA D 136 -9.56 1.69 -23.43
C ALA D 136 -10.33 1.75 -22.12
N GLU D 137 -9.61 1.59 -21.01
CA GLU D 137 -10.14 1.93 -19.70
C GLU D 137 -9.73 3.36 -19.39
N LEU D 138 -10.70 4.26 -19.35
CA LEU D 138 -10.46 5.67 -19.06
C LEU D 138 -10.83 5.94 -17.61
N SER D 139 -9.96 6.67 -16.90
CA SER D 139 -10.21 6.95 -15.50
C SER D 139 -9.47 8.22 -15.09
N GLY D 140 -9.94 8.84 -14.01
CA GLY D 140 -9.31 10.04 -13.51
C GLY D 140 -10.14 10.69 -12.42
N GLN D 141 -9.53 11.68 -11.79
CA GLN D 141 -10.21 12.49 -10.78
C GLN D 141 -11.17 13.44 -11.47
N VAL D 142 -12.46 13.34 -11.14
CA VAL D 142 -13.48 14.12 -11.86
C VAL D 142 -13.21 15.62 -11.76
N ARG D 143 -12.59 16.07 -10.67
CA ARG D 143 -12.32 17.50 -10.51
C ARG D 143 -11.24 18.00 -11.47
N GLU D 144 -10.46 17.11 -12.08
CA GLU D 144 -9.43 17.49 -13.03
C GLU D 144 -9.89 17.37 -14.48
N LEU D 145 -11.15 17.04 -14.72
CA LEU D 145 -11.63 16.65 -16.04
C LEU D 145 -12.51 17.72 -16.68
N ALA D 146 -12.16 18.99 -16.51
CA ALA D 146 -12.84 20.05 -17.23
C ALA D 146 -12.64 19.88 -18.73
N PHE D 147 -13.62 20.34 -19.51
CA PHE D 147 -13.56 20.26 -20.95
C PHE D 147 -12.88 21.49 -21.53
N ARG D 148 -12.46 21.37 -22.79
CA ARG D 148 -11.95 22.51 -23.52
C ARG D 148 -13.04 23.59 -23.60
N PRO D 149 -12.65 24.87 -23.57
CA PRO D 149 -13.66 25.94 -23.47
C PRO D 149 -14.60 26.03 -24.67
N THR D 150 -14.21 25.53 -25.84
CA THR D 150 -15.07 25.61 -27.02
C THR D 150 -16.12 24.51 -27.08
N VAL D 151 -16.08 23.55 -26.16
CA VAL D 151 -17.03 22.44 -26.19
C VAL D 151 -18.41 22.93 -25.83
N ASP D 152 -19.35 22.82 -26.77
CA ASP D 152 -20.72 23.26 -26.57
C ASP D 152 -21.50 22.15 -25.89
N LEU D 153 -22.09 22.45 -24.74
CA LEU D 153 -22.90 21.49 -24.00
C LEU D 153 -24.36 21.54 -24.37
N GLY D 154 -24.78 22.55 -25.14
CA GLY D 154 -26.17 22.66 -25.53
C GLY D 154 -27.05 23.12 -24.38
N ASP D 155 -28.36 23.07 -24.63
CA ASP D 155 -29.36 23.50 -23.67
C ASP D 155 -30.26 22.34 -23.23
N GLY D 156 -29.74 21.12 -23.28
CA GLY D 156 -30.51 19.96 -22.88
C GLY D 156 -30.57 19.77 -21.38
N THR D 157 -31.43 18.84 -20.97
CA THR D 157 -31.59 18.48 -19.57
C THR D 157 -31.45 16.98 -19.41
N LEU D 158 -31.36 16.52 -18.17
CA LEU D 158 -31.15 15.11 -17.87
C LEU D 158 -32.08 14.66 -16.76
N GLU D 159 -32.39 13.37 -16.78
CA GLU D 159 -33.17 12.73 -15.72
C GLU D 159 -32.55 11.37 -15.44
N GLU D 160 -32.53 10.98 -14.17
CA GLU D 160 -32.20 9.61 -13.79
C GLU D 160 -33.51 8.84 -13.70
N VAL D 161 -33.61 7.74 -14.44
CA VAL D 161 -34.87 7.08 -14.70
C VAL D 161 -34.76 5.60 -14.36
N SER D 162 -35.92 4.94 -14.32
CA SER D 162 -35.98 3.51 -14.11
C SER D 162 -35.49 2.78 -15.37
N ALA D 163 -35.21 1.48 -15.20
CA ALA D 163 -34.77 0.67 -16.33
C ALA D 163 -35.81 0.66 -17.44
N GLU D 164 -37.10 0.60 -17.09
CA GLU D 164 -38.13 0.54 -18.12
C GLU D 164 -38.24 1.86 -18.88
N THR D 165 -38.19 3.00 -18.18
CA THR D 165 -38.16 4.28 -18.86
C THR D 165 -36.91 4.41 -19.73
N PHE D 166 -35.79 3.90 -19.23
CA PHE D 166 -34.55 3.91 -20.01
C PHE D 166 -34.70 3.11 -21.31
N LEU D 167 -35.30 1.93 -21.23
CA LEU D 167 -35.44 1.07 -22.39
C LEU D 167 -36.48 1.56 -23.39
N ALA D 168 -37.28 2.57 -23.02
CA ALA D 168 -38.21 3.18 -23.96
C ALA D 168 -37.56 4.26 -24.82
N SER D 169 -36.30 4.60 -24.57
CA SER D 169 -35.66 5.68 -25.30
C SER D 169 -34.28 5.29 -25.79
N ALA D 170 -33.56 4.50 -24.98
CA ALA D 170 -32.18 4.15 -25.33
C ALA D 170 -32.04 3.37 -26.63
N PRO D 171 -32.88 2.37 -26.94
CA PRO D 171 -32.67 1.63 -28.21
C PRO D 171 -32.67 2.52 -29.45
N ALA D 172 -33.59 3.48 -29.53
CA ALA D 172 -33.63 4.36 -30.70
C ALA D 172 -32.39 5.23 -30.79
N ILE D 173 -31.91 5.76 -29.66
CA ILE D 173 -30.66 6.49 -29.64
C ILE D 173 -29.52 5.59 -30.11
N TYR D 174 -29.42 4.39 -29.54
CA TYR D 174 -28.35 3.46 -29.88
C TYR D 174 -28.40 3.12 -31.37
N ASP D 175 -29.59 2.82 -31.89
CA ASP D 175 -29.72 2.43 -33.30
C ASP D 175 -29.27 3.54 -34.24
N ALA D 176 -29.48 4.81 -33.87
CA ALA D 176 -29.08 5.91 -34.73
C ALA D 176 -27.57 6.14 -34.72
N VAL D 177 -26.88 5.72 -33.67
CA VAL D 177 -25.47 6.04 -33.50
C VAL D 177 -24.56 4.97 -34.09
N ILE D 178 -24.90 3.69 -33.93
CA ILE D 178 -23.99 2.59 -34.24
C ILE D 178 -23.52 2.48 -35.70
N PRO D 179 -24.28 2.90 -36.72
CA PRO D 179 -23.73 2.84 -38.09
C PRO D 179 -22.39 3.54 -38.26
N GLY D 180 -22.09 4.54 -37.43
CA GLY D 180 -20.81 5.19 -37.44
C GLY D 180 -19.77 4.58 -36.54
N LEU D 181 -20.09 3.47 -35.87
CA LEU D 181 -19.19 2.84 -34.90
C LEU D 181 -19.02 1.37 -35.26
N PRO D 182 -18.12 1.06 -36.19
CA PRO D 182 -17.89 -0.34 -36.55
C PRO D 182 -17.48 -1.16 -35.33
N GLY D 183 -17.99 -2.39 -35.25
CA GLY D 183 -17.76 -3.26 -34.12
C GLY D 183 -18.91 -3.32 -33.15
N GLN D 184 -19.78 -2.31 -33.12
CA GLN D 184 -20.98 -2.39 -32.30
C GLN D 184 -21.95 -3.39 -32.92
N MSE D 185 -22.79 -3.97 -32.06
CA MSE D 185 -23.74 -4.98 -32.50
C MSE D 185 -25.19 -4.56 -32.26
O MSE D 185 -25.48 -3.82 -31.32
CB MSE D 185 -23.46 -6.31 -31.81
CG MSE D 185 -22.16 -6.95 -32.27
SE MSE D 185 -21.69 -8.54 -31.24
CE MSE D 185 -20.08 -9.03 -32.19
N SER D 186 -26.08 -5.04 -33.12
CA SER D 186 -27.50 -4.79 -32.94
C SER D 186 -27.95 -5.33 -31.59
N ARG D 187 -28.91 -4.64 -30.97
CA ARG D 187 -29.43 -5.03 -29.66
C ARG D 187 -30.94 -5.21 -29.77
N THR D 188 -31.39 -6.44 -29.63
CA THR D 188 -32.79 -6.76 -29.48
C THR D 188 -33.23 -6.41 -28.06
N PRO D 189 -34.54 -6.40 -27.78
CA PRO D 189 -34.97 -6.21 -26.39
C PRO D 189 -34.37 -7.22 -25.44
N GLU D 190 -34.16 -8.47 -25.88
CA GLU D 190 -33.57 -9.48 -25.02
C GLU D 190 -32.12 -9.15 -24.68
N TRP D 191 -31.34 -8.66 -25.66
CA TRP D 191 -29.98 -8.26 -25.37
C TRP D 191 -29.93 -7.02 -24.48
N TRP D 192 -30.87 -6.09 -24.67
CA TRP D 192 -30.96 -4.95 -23.76
C TRP D 192 -31.25 -5.39 -22.33
N ALA D 193 -32.06 -6.44 -22.18
CA ALA D 193 -32.36 -6.95 -20.84
C ALA D 193 -31.11 -7.43 -20.12
N SER D 194 -30.20 -8.09 -20.85
CA SER D 194 -28.95 -8.53 -20.24
C SER D 194 -28.03 -7.35 -20.00
N TRP D 195 -27.92 -6.45 -20.98
CA TRP D 195 -27.00 -5.31 -20.87
C TRP D 195 -27.37 -4.40 -19.70
N THR D 196 -28.66 -4.31 -19.37
CA THR D 196 -29.14 -3.44 -18.30
C THR D 196 -29.46 -4.19 -17.01
N LEU D 197 -29.08 -5.46 -16.91
CA LEU D 197 -29.37 -6.25 -15.72
C LEU D 197 -28.63 -5.67 -14.52
N ASP D 198 -29.34 -5.53 -13.40
CA ASP D 198 -28.71 -5.12 -12.15
C ASP D 198 -28.08 -6.34 -11.49
N SER D 199 -27.01 -6.82 -12.11
CA SER D 199 -26.39 -8.07 -11.70
C SER D 199 -25.81 -7.96 -10.29
N GLU D 200 -26.02 -9.01 -9.50
CA GLU D 200 -25.45 -9.02 -8.16
C GLU D 200 -23.93 -9.04 -8.18
N GLU D 201 -23.33 -9.53 -9.26
CA GLU D 201 -21.88 -9.51 -9.40
C GLU D 201 -21.35 -8.07 -9.37
N LEU D 202 -21.93 -7.21 -10.20
CA LEU D 202 -21.49 -5.82 -10.29
C LEU D 202 -21.95 -4.97 -9.10
N GLN D 203 -23.04 -5.36 -8.43
CA GLN D 203 -23.43 -4.66 -7.21
C GLN D 203 -22.36 -4.80 -6.13
N LYS D 204 -21.76 -5.99 -6.02
CA LYS D 204 -20.69 -6.20 -5.05
C LYS D 204 -19.48 -5.32 -5.35
N GLU D 205 -19.18 -5.10 -6.63
CA GLU D 205 -18.02 -4.30 -6.99
C GLU D 205 -18.27 -2.80 -6.83
N SER D 206 -19.52 -2.36 -6.97
CA SER D 206 -19.83 -0.95 -6.86
C SER D 206 -21.19 -0.72 -6.22
N GLY D 207 -22.24 -0.76 -7.03
CA GLY D 207 -23.57 -0.55 -6.51
C GLY D 207 -24.63 -0.87 -7.55
N LYS D 208 -25.87 -0.52 -7.21
CA LYS D 208 -26.98 -0.80 -8.11
C LYS D 208 -26.89 0.07 -9.35
N VAL D 209 -27.25 -0.51 -10.50
CA VAL D 209 -27.11 0.17 -11.77
C VAL D 209 -28.11 1.33 -11.87
N ARG D 210 -27.68 2.43 -12.48
CA ARG D 210 -28.50 3.61 -12.66
C ARG D 210 -28.55 3.97 -14.14
N PHE D 211 -29.59 4.69 -14.52
CA PHE D 211 -29.84 5.04 -15.92
C PHE D 211 -30.11 6.52 -16.04
N VAL D 212 -29.48 7.17 -17.02
CA VAL D 212 -29.63 8.59 -17.28
C VAL D 212 -30.09 8.77 -18.71
N LEU D 213 -31.06 9.67 -18.91
CA LEU D 213 -31.49 10.07 -20.25
C LEU D 213 -31.24 11.57 -20.40
N HIS D 214 -30.69 11.95 -21.56
CA HIS D 214 -30.50 13.33 -21.93
C HIS D 214 -31.57 13.73 -22.95
N TYR D 215 -32.23 14.86 -22.71
CA TYR D 215 -33.29 15.33 -23.57
C TYR D 215 -32.92 16.68 -24.18
N GLU D 216 -33.25 16.85 -25.45
CA GLU D 216 -33.11 18.16 -26.07
C GLU D 216 -34.16 19.11 -25.51
N SER D 217 -34.06 20.38 -25.90
CA SER D 217 -35.01 21.38 -25.38
C SER D 217 -36.44 21.10 -25.84
N ASP D 218 -36.62 20.39 -26.96
CA ASP D 218 -37.96 20.06 -27.45
C ASP D 218 -38.50 18.76 -26.85
N GLY D 219 -37.74 18.10 -25.97
CA GLY D 219 -38.21 16.90 -25.29
C GLY D 219 -37.69 15.60 -25.83
N THR D 220 -37.06 15.60 -27.02
CA THR D 220 -36.61 14.35 -27.61
C THR D 220 -35.39 13.82 -26.88
N ALA D 221 -35.40 12.52 -26.59
CA ALA D 221 -34.24 11.88 -25.98
C ALA D 221 -33.11 11.76 -27.00
N SER D 222 -31.94 12.26 -26.63
CA SER D 222 -30.80 12.27 -27.55
C SER D 222 -29.52 11.72 -26.96
N GLY D 223 -29.55 11.25 -25.71
CA GLY D 223 -28.36 10.70 -25.09
C GLY D 223 -28.73 9.90 -23.87
N PHE D 224 -27.84 8.98 -23.50
CA PHE D 224 -28.10 8.14 -22.34
C PHE D 224 -26.77 7.74 -21.69
N ALA D 225 -26.89 7.29 -20.45
CA ALA D 225 -25.73 6.83 -19.68
C ALA D 225 -26.18 5.68 -18.79
N ILE D 226 -25.30 4.70 -18.62
CA ILE D 226 -25.48 3.60 -17.67
C ILE D 226 -24.27 3.63 -16.75
N TYR D 227 -24.53 3.74 -15.44
CA TYR D 227 -23.43 3.82 -14.50
C TYR D 227 -23.85 3.23 -13.15
N ARG D 228 -22.85 2.96 -12.33
CA ARG D 228 -23.03 2.46 -10.98
C ARG D 228 -22.20 3.29 -10.02
N PRO D 229 -22.74 3.63 -8.86
CA PRO D 229 -21.95 4.34 -7.84
C PRO D 229 -21.18 3.36 -6.98
N LYS D 230 -20.03 3.83 -6.50
CA LYS D 230 -19.24 3.10 -5.51
C LYS D 230 -18.95 4.08 -4.39
N PRO D 231 -19.77 4.11 -3.34
CA PRO D 231 -19.60 5.10 -2.27
C PRO D 231 -18.27 4.90 -1.55
N GLY D 232 -17.84 5.97 -0.87
CA GLY D 232 -16.56 5.97 -0.20
C GLY D 232 -16.40 4.87 0.84
N TRP D 233 -15.31 4.11 0.74
CA TRP D 233 -15.05 3.01 1.66
C TRP D 233 -13.81 3.23 2.52
N GLY D 234 -13.08 4.32 2.32
CA GLY D 234 -11.89 4.60 3.10
C GLY D 234 -12.16 4.81 4.58
N GLY D 237 -9.42 9.03 3.59
CA GLY D 237 -9.89 10.11 2.76
C GLY D 237 -11.03 9.72 1.85
N PRO D 238 -11.76 10.72 1.34
CA PRO D 238 -12.87 10.42 0.42
C PRO D 238 -12.37 9.75 -0.85
N ASN D 239 -13.21 8.87 -1.41
CA ASN D 239 -12.83 8.11 -2.59
C ASN D 239 -14.04 7.49 -3.29
N ALA D 240 -15.17 8.17 -3.26
CA ALA D 240 -16.34 7.68 -3.98
C ALA D 240 -16.08 7.66 -5.48
N GLU D 241 -16.60 6.63 -6.15
CA GLU D 241 -16.34 6.44 -7.57
C GLU D 241 -17.64 6.27 -8.34
N LEU D 242 -17.57 6.56 -9.63
CA LEU D 242 -18.61 6.20 -10.59
C LEU D 242 -18.01 5.23 -11.59
N HIS D 243 -18.68 4.10 -11.80
CA HIS D 243 -18.26 3.12 -12.80
C HIS D 243 -19.22 3.25 -13.99
N VAL D 244 -18.74 3.85 -15.06
CA VAL D 244 -19.55 4.09 -16.24
C VAL D 244 -19.55 2.84 -17.11
N GLN D 245 -20.73 2.40 -17.51
CA GLN D 245 -20.87 1.25 -18.40
C GLN D 245 -21.01 1.67 -19.86
N GLU D 246 -21.71 2.78 -20.12
CA GLU D 246 -21.93 3.22 -21.49
C GLU D 246 -22.44 4.66 -21.47
N VAL D 247 -21.94 5.47 -22.39
CA VAL D 247 -22.47 6.81 -22.66
C VAL D 247 -22.51 7.00 -24.17
N LEU D 248 -23.67 7.37 -24.70
CA LEU D 248 -23.84 7.61 -26.12
C LEU D 248 -24.76 8.80 -26.33
N GLY D 249 -24.55 9.50 -27.44
CA GLY D 249 -25.39 10.64 -27.80
C GLY D 249 -25.47 10.78 -29.29
N THR D 250 -26.61 11.27 -29.77
CA THR D 250 -26.84 11.42 -31.20
C THR D 250 -26.25 12.70 -31.77
N ASN D 251 -25.69 13.58 -30.95
CA ASN D 251 -25.04 14.79 -31.40
C ASN D 251 -23.95 15.14 -30.40
N PRO D 252 -22.98 15.97 -30.79
CA PRO D 252 -21.87 16.27 -29.87
C PRO D 252 -22.30 16.95 -28.58
N ARG D 253 -23.37 17.75 -28.61
CA ARG D 253 -23.81 18.44 -27.40
C ARG D 253 -24.38 17.47 -26.38
N SER D 254 -25.24 16.55 -26.82
CA SER D 254 -25.82 15.57 -25.90
CA SER D 254 -25.81 15.57 -25.90
C SER D 254 -24.74 14.68 -25.30
N TYR D 255 -23.77 14.26 -26.11
CA TYR D 255 -22.68 13.43 -25.61
C TYR D 255 -21.86 14.19 -24.56
N ALA D 256 -21.43 15.41 -24.89
CA ALA D 256 -20.64 16.19 -23.94
C ALA D 256 -21.44 16.53 -22.69
N ARG D 257 -22.70 16.90 -22.85
CA ARG D 257 -23.52 17.29 -21.70
C ARG D 257 -23.73 16.12 -20.76
N THR D 258 -23.91 14.91 -21.30
CA THR D 258 -24.10 13.72 -20.47
C THR D 258 -22.84 13.39 -19.69
N TRP D 259 -21.67 13.49 -20.32
CA TRP D 259 -20.43 13.29 -19.59
C TRP D 259 -20.24 14.36 -18.53
N ARG D 260 -20.60 15.60 -18.86
CA ARG D 260 -20.53 16.68 -17.89
C ARG D 260 -21.39 16.38 -16.66
N TYR D 261 -22.56 15.76 -16.88
CA TYR D 261 -23.43 15.43 -15.77
C TYR D 261 -22.76 14.45 -14.81
N LEU D 262 -22.09 13.43 -15.34
CA LEU D 262 -21.41 12.46 -14.50
C LEU D 262 -20.20 13.08 -13.81
N LEU D 263 -19.46 13.95 -14.51
CA LEU D 263 -18.22 14.49 -14.00
C LEU D 263 -18.41 15.56 -12.95
N ASP D 264 -19.55 16.26 -12.95
CA ASP D 264 -19.81 17.33 -12.00
C ASP D 264 -20.66 16.88 -10.82
N MSE D 265 -20.91 15.58 -10.68
CA MSE D 265 -21.74 15.07 -9.59
C MSE D 265 -21.02 15.21 -8.25
O MSE D 265 -19.86 14.81 -8.12
CB MSE D 265 -22.11 13.62 -9.85
CG MSE D 265 -23.11 13.05 -8.86
SE MSE D 265 -23.64 11.23 -9.34
CE MSE D 265 -24.22 11.56 -11.18
N ASP D 266 -21.72 15.78 -7.27
CA ASP D 266 -21.14 15.95 -5.94
C ASP D 266 -20.76 14.60 -5.34
N LEU D 267 -19.83 14.65 -4.38
CA LEU D 267 -19.37 13.50 -3.61
C LEU D 267 -18.47 12.56 -4.41
N VAL D 268 -18.52 12.64 -5.73
CA VAL D 268 -17.69 11.78 -6.58
C VAL D 268 -16.27 12.32 -6.63
N ARG D 269 -15.30 11.42 -6.56
CA ARG D 269 -13.88 11.77 -6.67
C ARG D 269 -13.22 11.23 -7.93
N LYS D 270 -13.53 9.99 -8.31
CA LYS D 270 -12.88 9.32 -9.42
C LYS D 270 -13.92 8.67 -10.31
N ILE D 271 -13.66 8.66 -11.62
CA ILE D 271 -14.56 8.04 -12.58
C ILE D 271 -13.77 7.00 -13.35
N LYS D 272 -14.45 5.91 -13.73
CA LYS D 272 -13.86 4.82 -14.51
C LYS D 272 -14.82 4.45 -15.62
N TYR D 273 -14.28 4.31 -16.83
CA TYR D 273 -15.06 3.86 -17.99
C TYR D 273 -14.29 2.72 -18.62
N HIS D 274 -14.64 1.48 -18.27
CA HIS D 274 -14.00 0.32 -18.86
C HIS D 274 -14.68 -0.05 -20.17
N GLY D 275 -13.88 -0.52 -21.13
CA GLY D 275 -14.42 -0.91 -22.42
C GLY D 275 -14.80 0.24 -23.32
N ALA D 276 -14.23 1.42 -23.10
CA ALA D 276 -14.47 2.54 -24.01
C ALA D 276 -13.70 2.33 -25.31
N SER D 277 -14.00 3.17 -26.30
CA SER D 277 -13.22 3.18 -27.52
C SER D 277 -11.83 3.77 -27.25
N VAL D 278 -10.83 3.26 -27.96
CA VAL D 278 -9.51 3.86 -27.88
C VAL D 278 -9.52 5.28 -28.44
N GLN D 279 -10.51 5.61 -29.25
CA GLN D 279 -10.73 6.96 -29.77
C GLN D 279 -12.04 7.53 -29.23
N GLU D 280 -12.34 7.21 -27.97
CA GLU D 280 -13.55 7.73 -27.33
C GLU D 280 -13.52 9.26 -27.36
N GLU D 281 -14.63 9.85 -27.78
CA GLU D 281 -14.68 11.31 -27.96
C GLU D 281 -14.34 12.03 -26.66
N LEU D 282 -14.64 11.42 -25.51
CA LEU D 282 -14.32 12.04 -24.23
C LEU D 282 -12.84 12.37 -24.11
N ARG D 283 -11.97 11.53 -24.69
CA ARG D 283 -10.54 11.75 -24.59
C ARG D 283 -10.12 13.11 -25.15
N TYR D 284 -10.86 13.61 -26.15
CA TYR D 284 -10.51 14.86 -26.80
C TYR D 284 -11.30 16.05 -26.28
N LEU D 285 -12.40 15.81 -25.56
CA LEU D 285 -13.10 16.90 -24.88
C LEU D 285 -12.32 17.41 -23.67
N VAL D 286 -11.65 16.50 -22.97
CA VAL D 286 -10.90 16.87 -21.77
C VAL D 286 -9.82 17.88 -22.12
N ALA D 287 -9.72 18.95 -21.33
CA ALA D 287 -8.75 20.00 -21.60
C ALA D 287 -7.33 19.55 -21.28
N ASN D 288 -7.16 18.74 -20.24
CA ASN D 288 -5.85 18.25 -19.81
C ASN D 288 -5.84 16.73 -19.97
N HIS D 289 -5.38 16.26 -21.12
CA HIS D 289 -5.32 14.82 -21.39
C HIS D 289 -4.66 13.99 -20.30
N PRO D 290 -3.52 14.39 -19.70
CA PRO D 290 -2.92 13.55 -18.67
C PRO D 290 -3.83 13.24 -17.48
N SER D 291 -4.86 14.05 -17.24
CA SER D 291 -5.78 13.76 -16.15
C SER D 291 -6.68 12.57 -16.43
N LEU D 292 -6.87 12.21 -17.70
CA LEU D 292 -7.70 11.06 -18.06
C LEU D 292 -6.76 9.94 -18.51
N GLU D 293 -6.49 9.01 -17.60
CA GLU D 293 -5.60 7.90 -17.91
C GLU D 293 -6.25 6.96 -18.92
N CYS D 294 -5.45 6.45 -19.85
CA CYS D 294 -5.94 5.61 -20.94
C CYS D 294 -5.09 4.35 -21.01
N VAL D 295 -5.67 3.23 -20.61
CA VAL D 295 -5.03 1.92 -20.69
C VAL D 295 -5.69 1.13 -21.81
N VAL D 296 -4.90 0.72 -22.79
CA VAL D 296 -5.38 0.07 -24.00
C VAL D 296 -5.14 -1.43 -23.88
N SER D 297 -6.17 -2.23 -24.19
CA SER D 297 -6.04 -3.68 -24.11
C SER D 297 -6.87 -4.34 -25.20
N ASP D 298 -6.65 -5.65 -25.35
CA ASP D 298 -7.40 -6.43 -26.33
C ASP D 298 -8.89 -6.39 -26.03
N ALA D 299 -9.70 -6.33 -27.07
CA ALA D 299 -11.15 -6.40 -26.92
C ALA D 299 -11.72 -7.59 -27.69
N ILE D 300 -11.83 -7.46 -29.01
CA ILE D 300 -12.52 -8.44 -29.84
C ILE D 300 -11.52 -9.12 -30.76
N GLN D 301 -11.63 -10.45 -30.87
CA GLN D 301 -10.88 -11.23 -31.83
C GLN D 301 -11.81 -11.67 -32.96
N VAL D 302 -11.30 -11.66 -34.18
CA VAL D 302 -12.08 -11.96 -35.38
C VAL D 302 -11.53 -13.22 -36.03
N ARG D 303 -12.43 -14.14 -36.38
CA ARG D 303 -12.11 -15.32 -37.19
C ARG D 303 -12.92 -15.23 -38.46
N LEU D 304 -12.25 -14.94 -39.58
CA LEU D 304 -12.92 -14.90 -40.87
C LEU D 304 -13.24 -16.32 -41.32
N VAL D 305 -14.52 -16.59 -41.54
CA VAL D 305 -14.98 -17.91 -41.96
C VAL D 305 -15.20 -17.98 -43.46
N ASP D 306 -15.77 -16.93 -44.05
CA ASP D 306 -15.95 -16.80 -45.49
C ASP D 306 -15.13 -15.58 -45.91
N ILE D 307 -13.89 -15.82 -46.32
CA ILE D 307 -12.92 -14.76 -46.60
C ILE D 307 -13.38 -13.84 -47.74
N PRO D 308 -13.69 -14.35 -48.94
CA PRO D 308 -14.08 -13.42 -50.01
C PRO D 308 -15.34 -12.63 -49.69
N ARG D 309 -16.29 -13.22 -48.98
CA ARG D 309 -17.52 -12.52 -48.64
C ARG D 309 -17.26 -11.46 -47.58
N ALA D 310 -16.51 -11.81 -46.53
CA ALA D 310 -16.20 -10.84 -45.48
C ALA D 310 -15.46 -9.63 -46.04
N LEU D 311 -14.49 -9.87 -46.94
CA LEU D 311 -13.75 -8.77 -47.55
C LEU D 311 -14.63 -7.92 -48.46
N ALA D 312 -15.73 -8.46 -48.96
CA ALA D 312 -16.64 -7.72 -49.82
C ALA D 312 -17.78 -7.05 -49.07
N GLN D 313 -17.96 -7.38 -47.80
CA GLN D 313 -19.06 -6.82 -47.02
C GLN D 313 -18.73 -5.47 -46.40
N ARG D 314 -17.46 -5.21 -46.09
CA ARG D 314 -17.06 -3.93 -45.55
C ARG D 314 -16.71 -2.97 -46.68
N ARG D 315 -16.51 -1.71 -46.32
CA ARG D 315 -15.99 -0.70 -47.23
C ARG D 315 -14.59 -0.29 -46.78
N TYR D 316 -13.88 0.41 -47.65
CA TYR D 316 -12.47 0.71 -47.43
C TYR D 316 -12.24 2.22 -47.47
N ALA D 317 -11.34 2.68 -46.59
CA ALA D 317 -11.12 4.11 -46.42
C ALA D 317 -10.62 4.78 -47.69
N ALA D 318 -10.01 4.03 -48.60
CA ALA D 318 -9.55 4.56 -49.86
C ALA D 318 -9.53 3.41 -50.87
N ASP D 319 -9.29 3.77 -52.13
CA ASP D 319 -9.26 2.77 -53.19
C ASP D 319 -8.11 1.78 -52.96
N VAL D 320 -8.35 0.53 -53.33
CA VAL D 320 -7.36 -0.52 -53.16
C VAL D 320 -7.59 -1.59 -54.22
N ASP D 321 -6.49 -2.08 -54.81
CA ASP D 321 -6.51 -3.17 -55.77
C ASP D 321 -5.26 -4.00 -55.46
N VAL D 322 -5.43 -5.00 -54.60
CA VAL D 322 -4.31 -5.77 -54.06
C VAL D 322 -4.64 -7.25 -54.15
N VAL D 323 -3.63 -8.06 -54.40
CA VAL D 323 -3.75 -9.51 -54.47
C VAL D 323 -3.14 -10.09 -53.20
N LEU D 324 -3.93 -10.80 -52.42
CA LEU D 324 -3.52 -11.33 -51.13
C LEU D 324 -3.36 -12.84 -51.21
N GLU D 325 -2.20 -13.34 -50.81
CA GLU D 325 -1.94 -14.77 -50.70
C GLU D 325 -2.21 -15.14 -49.24
N VAL D 326 -3.39 -15.70 -48.99
CA VAL D 326 -3.87 -15.97 -47.63
C VAL D 326 -3.64 -17.43 -47.30
N THR D 327 -3.07 -17.68 -46.13
CA THR D 327 -2.84 -19.03 -45.63
C THR D 327 -3.70 -19.22 -44.39
N ASP D 328 -4.57 -20.23 -44.42
CA ASP D 328 -5.39 -20.62 -43.27
C ASP D 328 -4.92 -21.99 -42.83
N ASP D 329 -4.07 -22.02 -41.80
CA ASP D 329 -3.51 -23.28 -41.34
C ASP D 329 -4.56 -24.17 -40.70
N PHE D 330 -5.46 -23.58 -39.90
CA PHE D 330 -6.44 -24.39 -39.19
C PHE D 330 -7.52 -24.94 -40.13
N LEU D 331 -7.90 -24.14 -41.13
CA LEU D 331 -8.92 -24.54 -42.11
C LEU D 331 -8.31 -24.36 -43.49
N PRO D 332 -7.57 -25.35 -43.99
CA PRO D 332 -6.82 -25.16 -45.24
C PRO D 332 -7.67 -24.86 -46.46
N GLU D 333 -8.95 -25.19 -46.45
CA GLU D 333 -9.80 -24.90 -47.61
C GLU D 333 -9.98 -23.40 -47.82
N ASN D 334 -9.74 -22.58 -46.80
CA ASN D 334 -9.84 -21.13 -46.95
C ASN D 334 -8.62 -20.52 -47.61
N SER D 335 -7.52 -21.25 -47.70
CA SER D 335 -6.30 -20.71 -48.30
C SER D 335 -6.51 -20.46 -49.78
N GLY D 336 -6.02 -19.32 -50.26
CA GLY D 336 -6.16 -18.98 -51.65
C GLY D 336 -5.49 -17.64 -51.94
N ARG D 337 -5.51 -17.27 -53.22
CA ARG D 337 -4.93 -16.01 -53.68
C ARG D 337 -6.08 -15.14 -54.16
N TYR D 338 -6.45 -14.16 -53.34
CA TYR D 338 -7.62 -13.33 -53.57
C TYR D 338 -7.22 -11.95 -54.05
N ARG D 339 -7.92 -11.45 -55.07
CA ARG D 339 -7.75 -10.09 -55.55
C ARG D 339 -8.84 -9.23 -54.92
N LEU D 340 -8.44 -8.32 -54.03
CA LEU D 340 -9.35 -7.43 -53.34
C LEU D 340 -9.35 -6.08 -54.04
N ARG D 341 -10.49 -5.70 -54.61
CA ARG D 341 -10.70 -4.38 -55.15
C ARG D 341 -11.80 -3.71 -54.34
N GLY D 342 -11.49 -2.55 -53.76
CA GLY D 342 -12.47 -1.93 -52.87
C GLY D 342 -12.23 -0.45 -52.70
N GLY D 343 -13.17 0.17 -52.02
CA GLY D 343 -13.09 1.59 -51.75
C GLY D 343 -14.20 2.01 -50.83
N LEU D 344 -14.50 3.31 -50.84
CA LEU D 344 -15.59 3.82 -50.01
C LEU D 344 -16.95 3.37 -50.51
N ASP D 345 -17.09 3.11 -51.82
CA ASP D 345 -18.39 2.83 -52.42
C ASP D 345 -18.46 1.48 -53.11
N HIS D 346 -17.48 0.60 -52.91
CA HIS D 346 -17.51 -0.71 -53.56
C HIS D 346 -16.53 -1.64 -52.87
N ALA D 347 -16.76 -2.94 -53.05
CA ALA D 347 -15.85 -3.95 -52.54
C ALA D 347 -16.13 -5.26 -53.27
N SER D 348 -15.08 -5.88 -53.80
CA SER D 348 -15.18 -7.18 -54.44
C SER D 348 -13.91 -7.97 -54.14
N CYS D 349 -14.05 -9.30 -54.10
CA CYS D 349 -12.94 -10.17 -53.76
C CYS D 349 -13.18 -11.55 -54.34
N GLU D 350 -12.19 -12.09 -55.06
CA GLU D 350 -12.31 -13.41 -55.66
C GLU D 350 -10.92 -13.97 -55.90
N ILE D 351 -10.88 -15.27 -56.22
CA ILE D 351 -9.61 -15.93 -56.53
C ILE D 351 -9.04 -15.34 -57.82
N THR D 352 -7.71 -15.22 -57.88
CA THR D 352 -7.03 -14.74 -59.06
C THR D 352 -5.71 -15.48 -59.22
N THR D 353 -5.28 -15.63 -60.48
CA THR D 353 -3.99 -16.23 -60.81
C THR D 353 -2.91 -15.19 -61.01
N ASP D 354 -3.21 -13.91 -60.77
CA ASP D 354 -2.22 -12.85 -60.92
C ASP D 354 -1.15 -12.96 -59.84
N ASP D 355 -0.10 -12.16 -59.98
CA ASP D 355 0.96 -12.14 -58.99
C ASP D 355 0.44 -11.63 -57.66
N ALA D 356 0.84 -12.30 -56.59
CA ALA D 356 0.44 -11.88 -55.25
C ALA D 356 1.24 -10.66 -54.82
N ASP D 357 0.58 -9.79 -54.04
CA ASP D 357 1.20 -8.58 -53.51
C ASP D 357 1.61 -8.73 -52.05
N ILE D 358 0.81 -9.44 -51.25
CA ILE D 358 1.04 -9.56 -49.82
C ILE D 358 0.77 -11.00 -49.41
N ALA D 359 1.64 -11.55 -48.57
CA ALA D 359 1.46 -12.88 -48.00
C ALA D 359 1.16 -12.72 -46.51
N LEU D 360 0.04 -13.28 -46.07
CA LEU D 360 -0.37 -13.17 -44.68
C LEU D 360 -1.24 -14.36 -44.30
N THR D 361 -1.34 -14.60 -43.01
CA THR D 361 -2.21 -15.64 -42.47
C THR D 361 -3.63 -15.10 -42.29
N VAL D 362 -4.58 -16.02 -42.14
CA VAL D 362 -5.96 -15.60 -41.90
C VAL D 362 -6.09 -14.95 -40.54
N ARG D 363 -5.26 -15.35 -39.57
CA ARG D 363 -5.27 -14.69 -38.27
C ARG D 363 -4.94 -13.21 -38.40
N ASP D 364 -3.88 -12.90 -39.14
CA ASP D 364 -3.50 -11.50 -39.31
C ASP D 364 -4.46 -10.76 -40.22
N LEU D 365 -5.08 -11.46 -41.18
CA LEU D 365 -6.09 -10.81 -42.02
C LEU D 365 -7.29 -10.37 -41.18
N GLY D 366 -7.71 -11.19 -40.22
CA GLY D 366 -8.78 -10.79 -39.33
C GLY D 366 -8.37 -9.66 -38.40
N SER D 367 -7.09 -9.58 -38.05
CA SER D 367 -6.62 -8.52 -37.16
C SER D 367 -6.76 -7.15 -37.80
N VAL D 368 -6.57 -7.05 -39.12
CA VAL D 368 -6.70 -5.77 -39.82
C VAL D 368 -8.10 -5.55 -40.36
N TYR D 369 -9.01 -6.51 -40.19
CA TYR D 369 -10.28 -6.49 -40.90
C TYR D 369 -11.20 -5.35 -40.43
N MSE D 370 -11.09 -4.95 -39.16
CA MSE D 370 -11.98 -3.94 -38.60
C MSE D 370 -11.36 -2.55 -38.59
O MSE D 370 -11.95 -1.61 -38.07
CB MSE D 370 -12.44 -4.34 -37.20
CG MSE D 370 -13.26 -5.62 -37.16
SE MSE D 370 -14.92 -5.43 -38.16
CE MSE D 370 -15.79 -4.09 -37.05
N GLY D 371 -10.16 -2.44 -39.13
CA GLY D 371 -9.47 -1.16 -39.16
C GLY D 371 -8.83 -0.74 -37.85
N GLY D 372 -8.61 -1.68 -36.94
CA GLY D 372 -8.05 -1.35 -35.64
C GLY D 372 -6.58 -1.70 -35.49
N VAL D 373 -6.06 -2.49 -36.42
CA VAL D 373 -4.66 -2.87 -36.43
C VAL D 373 -4.09 -2.54 -37.80
N SER D 374 -2.94 -1.89 -37.84
CA SER D 374 -2.34 -1.47 -39.09
C SER D 374 -1.64 -2.64 -39.78
N LEU D 375 -1.97 -2.86 -41.05
CA LEU D 375 -1.29 -3.89 -41.83
C LEU D 375 0.17 -3.54 -42.04
N GLN D 376 0.50 -2.24 -42.09
CA GLN D 376 1.89 -1.83 -42.29
C GLN D 376 2.74 -2.18 -41.07
N VAL D 377 2.19 -2.00 -39.87
CA VAL D 377 2.93 -2.32 -38.65
C VAL D 377 3.18 -3.82 -38.55
N LEU D 378 2.17 -4.64 -38.88
CA LEU D 378 2.38 -6.08 -38.90
C LEU D 378 3.46 -6.48 -39.89
N ALA D 379 3.59 -5.73 -40.99
CA ALA D 379 4.65 -6.01 -41.96
C ALA D 379 6.01 -5.60 -41.41
N SER D 380 6.10 -4.44 -40.77
CA SER D 380 7.36 -4.00 -40.18
C SER D 380 7.79 -4.91 -39.04
N ALA D 381 6.83 -5.52 -38.35
CA ALA D 381 7.14 -6.45 -37.27
C ALA D 381 7.60 -7.81 -37.79
N GLY D 382 7.40 -8.09 -39.07
CA GLY D 382 7.79 -9.36 -39.65
C GLY D 382 6.69 -10.41 -39.71
N LEU D 383 5.48 -10.08 -39.24
CA LEU D 383 4.40 -11.06 -39.24
C LEU D 383 3.74 -11.16 -40.60
N VAL D 384 3.79 -10.09 -41.40
CA VAL D 384 3.22 -10.06 -42.74
C VAL D 384 4.35 -9.74 -43.71
N THR D 385 4.30 -10.35 -44.90
CA THR D 385 5.34 -10.19 -45.90
C THR D 385 4.80 -9.42 -47.11
N GLU D 386 5.52 -8.39 -47.51
CA GLU D 386 5.23 -7.68 -48.74
C GLU D 386 5.99 -8.32 -49.89
N LEU D 387 5.26 -8.68 -50.94
CA LEU D 387 5.86 -9.36 -52.10
C LEU D 387 6.18 -8.40 -53.24
N ARG D 388 5.43 -7.32 -53.37
CA ARG D 388 5.65 -6.31 -54.40
C ARG D 388 5.66 -4.93 -53.76
N ALA D 389 6.62 -4.11 -54.18
CA ALA D 389 6.88 -2.84 -53.49
C ALA D 389 5.67 -1.92 -53.55
N GLY D 390 5.40 -1.25 -52.43
CA GLY D 390 4.33 -0.28 -52.32
C GLY D 390 2.95 -0.86 -52.07
N ALA D 391 2.79 -2.18 -52.09
CA ALA D 391 1.46 -2.77 -51.95
C ALA D 391 0.93 -2.62 -50.53
N VAL D 392 1.77 -2.86 -49.52
CA VAL D 392 1.31 -2.80 -48.13
C VAL D 392 0.86 -1.39 -47.76
N GLN D 393 1.58 -0.39 -48.26
CA GLN D 393 1.27 1.00 -47.93
C GLN D 393 -0.18 1.34 -48.25
N ARG D 394 -0.64 0.99 -49.44
CA ARG D 394 -2.00 1.32 -49.85
C ARG D 394 -3.02 0.38 -49.20
N ALA D 395 -2.70 -0.91 -49.10
CA ALA D 395 -3.63 -1.85 -48.48
C ALA D 395 -3.85 -1.51 -47.01
N ALA D 396 -2.79 -1.08 -46.31
CA ALA D 396 -2.93 -0.70 -44.92
C ALA D 396 -3.86 0.50 -44.76
N THR D 397 -3.69 1.51 -45.62
CA THR D 397 -4.57 2.69 -45.56
C THR D 397 -6.01 2.32 -45.88
N ALA D 398 -6.20 1.42 -46.85
CA ALA D 398 -7.56 1.04 -47.22
C ALA D 398 -8.25 0.22 -46.13
N PHE D 399 -7.54 -0.75 -45.56
CA PHE D 399 -8.11 -1.54 -44.47
C PHE D 399 -8.40 -0.71 -43.24
N GLY D 400 -7.77 0.44 -43.10
CA GLY D 400 -8.05 1.33 -41.99
C GLY D 400 -9.43 1.96 -42.12
N TRP D 401 -9.74 2.83 -41.15
CA TRP D 401 -11.02 3.52 -41.15
C TRP D 401 -10.89 4.75 -40.28
N PRO D 402 -11.55 5.86 -40.62
CA PRO D 402 -11.39 7.09 -39.83
C PRO D 402 -11.93 7.00 -38.41
N VAL D 403 -12.72 5.98 -38.08
CA VAL D 403 -13.24 5.76 -36.74
C VAL D 403 -12.77 4.39 -36.29
N ALA D 404 -12.05 4.35 -35.17
CA ALA D 404 -11.53 3.08 -34.69
C ALA D 404 -12.69 2.15 -34.33
N PRO D 405 -12.55 0.84 -34.55
CA PRO D 405 -13.58 -0.08 -34.06
C PRO D 405 -13.63 -0.06 -32.54
N SER D 406 -14.78 -0.45 -32.00
CA SER D 406 -14.98 -0.42 -30.57
C SER D 406 -15.65 -1.71 -30.12
N ALA D 407 -15.55 -1.98 -28.83
CA ALA D 407 -16.07 -3.22 -28.26
C ALA D 407 -17.59 -3.13 -28.12
N PRO D 408 -18.31 -4.18 -28.49
CA PRO D 408 -19.76 -4.21 -28.29
C PRO D 408 -20.08 -4.52 -26.83
N ASP D 409 -21.36 -4.66 -26.54
CA ASP D 409 -21.76 -5.13 -25.21
C ASP D 409 -21.24 -6.54 -25.00
N ASP D 410 -20.90 -6.85 -23.75
CA ASP D 410 -20.16 -8.06 -23.44
C ASP D 410 -20.97 -9.31 -23.75
N PHE D 411 -20.30 -10.32 -24.29
CA PHE D 411 -20.89 -11.64 -24.49
C PHE D 411 -19.81 -12.71 -24.31
N GLU E 3 37.72 -17.44 -29.32
CA GLU E 3 37.70 -16.07 -28.85
C GLU E 3 37.88 -15.98 -27.33
N LEU E 4 37.21 -16.87 -26.62
CA LEU E 4 37.19 -16.83 -25.16
C LEU E 4 38.32 -17.68 -24.59
N THR E 5 38.87 -17.23 -23.46
CA THR E 5 39.97 -17.90 -22.79
C THR E 5 39.61 -18.14 -21.34
N LEU E 6 39.69 -19.40 -20.92
CA LEU E 6 39.50 -19.76 -19.51
C LEU E 6 40.84 -19.60 -18.80
N ARG E 7 40.88 -18.72 -17.80
CA ARG E 7 42.13 -18.42 -17.10
C ARG E 7 41.79 -17.88 -15.72
N THR E 8 42.84 -17.67 -14.92
CA THR E 8 42.71 -17.10 -13.59
C THR E 8 43.02 -15.61 -13.61
N ILE E 9 42.77 -14.95 -12.48
CA ILE E 9 43.11 -13.53 -12.34
C ILE E 9 44.63 -13.39 -12.29
N ALA E 10 45.14 -12.40 -13.04
CA ALA E 10 46.58 -12.24 -13.21
C ALA E 10 47.21 -11.20 -12.28
N ASP E 11 46.55 -10.09 -12.04
CA ASP E 11 47.11 -9.04 -11.19
C ASP E 11 45.98 -8.31 -10.47
N GLU E 12 46.26 -7.11 -9.98
CA GLU E 12 45.26 -6.35 -9.22
C GLU E 12 44.26 -5.66 -10.12
N ASP E 13 44.72 -5.06 -11.22
CA ASP E 13 43.79 -4.46 -12.19
C ASP E 13 42.87 -5.52 -12.77
N ASP E 14 43.43 -6.67 -13.14
CA ASP E 14 42.59 -7.78 -13.61
C ASP E 14 41.58 -8.21 -12.56
N TYR E 15 41.93 -8.08 -11.28
CA TYR E 15 41.00 -8.46 -10.22
C TYR E 15 39.80 -7.51 -10.16
N GLU E 16 40.05 -6.21 -10.26
CA GLU E 16 38.94 -5.25 -10.20
C GLU E 16 38.05 -5.36 -11.44
N SER E 17 38.64 -5.60 -12.61
CA SER E 17 37.84 -5.85 -13.80
C SER E 17 37.01 -7.12 -13.63
N TYR E 18 37.62 -8.17 -13.07
CA TYR E 18 36.92 -9.42 -12.79
C TYR E 18 35.72 -9.17 -11.87
N MSE E 19 35.94 -8.45 -10.78
CA MSE E 19 34.89 -8.20 -9.80
C MSE E 19 33.82 -7.25 -10.36
O MSE E 19 32.62 -7.44 -10.11
CB MSE E 19 35.46 -7.64 -8.50
CG MSE E 19 36.35 -8.63 -7.76
SE MSE E 19 35.39 -10.24 -7.19
CE MSE E 19 34.18 -9.42 -5.91
N ALA E 20 34.24 -6.24 -11.13
CA ALA E 20 33.28 -5.35 -11.76
C ALA E 20 32.39 -6.11 -12.73
N SER E 21 32.94 -7.10 -13.42
CA SER E 21 32.14 -7.94 -14.31
C SER E 21 31.06 -8.68 -13.53
N ALA E 22 31.42 -9.24 -12.37
CA ALA E 22 30.48 -10.02 -11.59
C ALA E 22 29.35 -9.16 -11.05
N TYR E 23 29.68 -7.97 -10.53
CA TYR E 23 28.64 -7.05 -10.08
C TYR E 23 27.74 -6.64 -11.23
N SER E 24 28.32 -6.47 -12.43
CA SER E 24 27.54 -6.00 -13.57
C SER E 24 26.51 -7.04 -14.01
N VAL E 25 26.88 -8.31 -13.96
CA VAL E 25 25.92 -9.37 -14.31
C VAL E 25 24.74 -9.37 -13.35
N PHE E 26 24.98 -9.05 -12.08
CA PHE E 26 23.92 -8.94 -11.09
C PHE E 26 23.31 -7.55 -11.01
N LEU E 27 23.40 -6.77 -12.09
CA LEU E 27 22.67 -5.50 -12.25
C LEU E 27 23.03 -4.48 -11.17
N ARG E 28 24.27 -4.52 -10.69
CA ARG E 28 24.70 -3.63 -9.62
C ARG E 28 26.03 -2.98 -9.98
N ASP E 29 26.26 -1.79 -9.43
CA ASP E 29 27.55 -1.14 -9.56
C ASP E 29 28.56 -1.83 -8.64
N PRO E 30 29.84 -1.83 -9.01
CA PRO E 30 30.85 -2.46 -8.16
C PRO E 30 30.97 -1.74 -6.81
N GLN E 31 30.94 -2.52 -5.74
CA GLN E 31 31.05 -1.99 -4.38
C GLN E 31 32.53 -1.98 -4.01
N LYS E 32 33.17 -0.82 -4.15
CA LYS E 32 34.62 -0.75 -4.03
C LYS E 32 35.10 -1.10 -2.63
N ASP E 33 34.31 -0.79 -1.59
CA ASP E 33 34.75 -1.11 -0.24
C ASP E 33 34.75 -2.61 0.02
N GLU E 34 33.76 -3.34 -0.51
CA GLU E 34 33.76 -4.79 -0.37
C GLU E 34 34.85 -5.43 -1.23
N ILE E 35 35.08 -4.88 -2.42
CA ILE E 35 36.10 -5.42 -3.31
C ILE E 35 37.48 -5.33 -2.66
N GLU E 36 37.77 -4.21 -2.00
CA GLU E 36 39.08 -4.01 -1.40
C GLU E 36 39.29 -4.93 -0.20
N VAL E 37 38.28 -5.06 0.66
CA VAL E 37 38.46 -5.86 1.88
C VAL E 37 38.50 -7.36 1.55
N ASN E 38 37.72 -7.81 0.56
CA ASN E 38 37.71 -9.23 0.23
C ASN E 38 38.97 -9.67 -0.49
N ARG E 39 39.69 -8.74 -1.14
CA ARG E 39 40.94 -9.08 -1.78
C ARG E 39 41.94 -9.67 -0.78
N LYS E 40 41.90 -9.23 0.47
CA LYS E 40 42.89 -9.62 1.47
C LYS E 40 42.89 -11.12 1.74
N PHE E 41 41.79 -11.82 1.49
CA PHE E 41 41.75 -13.27 1.63
C PHE E 41 41.48 -13.98 0.31
N THR E 42 41.62 -13.27 -0.81
CA THR E 42 41.38 -13.85 -2.12
C THR E 42 42.68 -14.43 -2.68
N GLU E 43 42.60 -15.64 -3.21
CA GLU E 43 43.71 -16.26 -3.93
C GLU E 43 43.39 -16.19 -5.42
N LEU E 44 44.23 -15.46 -6.16
CA LEU E 44 43.93 -15.23 -7.58
C LEU E 44 43.88 -16.54 -8.37
N ASP E 45 44.68 -17.53 -7.99
CA ASP E 45 44.69 -18.80 -8.72
C ASP E 45 43.38 -19.57 -8.56
N ARG E 46 42.56 -19.23 -7.57
CA ARG E 46 41.26 -19.87 -7.38
C ARG E 46 40.12 -19.10 -8.02
N MSE E 47 40.40 -17.95 -8.62
CA MSE E 47 39.36 -17.17 -9.29
C MSE E 47 39.51 -17.35 -10.79
O MSE E 47 40.42 -16.79 -11.40
CB MSE E 47 39.49 -15.69 -8.92
CG MSE E 47 39.74 -15.41 -7.45
SE MSE E 47 38.22 -15.89 -6.32
CE MSE E 47 36.88 -14.74 -7.14
N ILE E 48 38.62 -18.14 -11.39
CA ILE E 48 38.71 -18.46 -12.80
C ILE E 48 37.57 -17.76 -13.54
N GLY E 49 37.68 -17.74 -14.86
CA GLY E 49 36.63 -17.15 -15.68
C GLY E 49 37.04 -17.14 -17.13
N PHE E 50 36.09 -16.72 -17.97
CA PHE E 50 36.29 -16.59 -19.40
C PHE E 50 36.46 -15.13 -19.77
N HIS E 51 37.38 -14.87 -20.70
CA HIS E 51 37.75 -13.52 -21.10
C HIS E 51 37.84 -13.47 -22.62
N ASP E 52 37.17 -12.48 -23.21
CA ASP E 52 37.14 -12.35 -24.66
C ASP E 52 38.28 -11.49 -25.21
N GLY E 53 39.34 -11.31 -24.43
CA GLY E 53 40.43 -10.45 -24.83
C GLY E 53 40.32 -9.02 -24.34
N LYS E 54 39.10 -8.54 -24.05
CA LYS E 54 38.90 -7.18 -23.57
C LYS E 54 37.97 -7.06 -22.38
N LYS E 55 37.17 -8.08 -22.06
CA LYS E 55 36.32 -8.07 -20.88
C LYS E 55 36.13 -9.49 -20.38
N TRP E 56 35.87 -9.61 -19.08
CA TRP E 56 35.47 -10.89 -18.50
C TRP E 56 34.01 -11.14 -18.86
N VAL E 57 33.74 -12.29 -19.49
CA VAL E 57 32.38 -12.65 -19.88
C VAL E 57 31.76 -13.74 -19.01
N ALA E 58 32.53 -14.32 -18.09
CA ALA E 58 32.03 -15.32 -17.16
C ALA E 58 33.05 -15.46 -16.04
N THR E 59 32.56 -15.70 -14.82
CA THR E 59 33.42 -15.80 -13.65
C THR E 59 32.96 -16.96 -12.78
N THR E 60 33.90 -17.45 -11.96
CA THR E 60 33.64 -18.43 -10.92
C THR E 60 34.85 -18.52 -10.01
N GLY E 61 34.65 -18.35 -8.70
CA GLY E 61 35.77 -18.33 -7.77
C GLY E 61 35.48 -19.19 -6.54
N ALA E 62 36.50 -19.28 -5.68
CA ALA E 62 36.38 -20.03 -4.45
C ALA E 62 37.37 -19.49 -3.43
N PHE E 63 36.95 -19.47 -2.16
CA PHE E 63 37.82 -19.13 -1.05
C PHE E 63 38.22 -20.40 -0.31
N SER E 64 39.42 -20.41 0.23
CA SER E 64 39.90 -21.52 1.05
C SER E 64 39.43 -21.28 2.48
N ARG E 65 38.40 -22.02 2.89
CA ARG E 65 37.81 -21.87 4.22
C ARG E 65 37.74 -23.22 4.91
N HIS E 66 37.26 -23.21 6.14
CA HIS E 66 37.12 -24.42 6.95
C HIS E 66 35.79 -24.36 7.68
N VAL E 67 35.02 -25.44 7.60
CA VAL E 67 33.65 -25.49 8.12
C VAL E 67 33.56 -26.52 9.23
N VAL E 68 32.72 -26.23 10.22
CA VAL E 68 32.47 -27.16 11.32
C VAL E 68 31.41 -28.17 10.88
N LEU E 69 31.70 -29.44 11.07
CA LEU E 69 30.79 -30.51 10.70
C LEU E 69 30.01 -30.98 11.92
N PRO E 70 28.91 -31.71 11.72
CA PRO E 70 28.24 -32.36 12.84
C PRO E 70 29.20 -33.28 13.58
N GLY E 71 29.46 -32.96 14.84
CA GLY E 71 30.45 -33.64 15.65
C GLY E 71 31.60 -32.75 16.12
N GLY E 72 31.79 -31.59 15.48
CA GLY E 72 32.79 -30.64 15.90
C GLY E 72 34.03 -30.58 15.03
N ALA E 73 34.18 -31.50 14.06
CA ALA E 73 35.36 -31.50 13.22
C ALA E 73 35.36 -30.30 12.29
N VAL E 74 36.51 -29.67 12.15
CA VAL E 74 36.73 -28.55 11.25
C VAL E 74 37.50 -29.05 10.05
N VAL E 75 36.90 -28.98 8.86
CA VAL E 75 37.47 -29.56 7.66
C VAL E 75 37.62 -28.50 6.58
N PRO E 76 38.60 -28.64 5.67
CA PRO E 76 38.72 -27.67 4.58
C PRO E 76 37.53 -27.75 3.63
N VAL E 77 37.13 -26.59 3.12
CA VAL E 77 35.98 -26.49 2.22
C VAL E 77 36.23 -25.36 1.24
N ALA E 78 35.83 -25.57 -0.01
CA ALA E 78 35.87 -24.50 -1.01
C ALA E 78 34.60 -23.67 -0.86
N ALA E 79 34.75 -22.41 -0.47
CA ALA E 79 33.63 -21.48 -0.37
C ALA E 79 33.47 -20.83 -1.74
N VAL E 80 32.55 -21.37 -2.54
CA VAL E 80 32.38 -20.95 -3.93
C VAL E 80 31.69 -19.60 -3.97
N THR E 81 32.13 -18.72 -4.87
CA THR E 81 31.67 -17.35 -4.89
C THR E 81 31.73 -16.81 -6.32
N ALA E 82 31.00 -15.72 -6.54
CA ALA E 82 31.10 -14.93 -7.77
C ALA E 82 30.91 -15.78 -9.03
N VAL E 83 29.81 -16.52 -9.07
CA VAL E 83 29.47 -17.36 -10.22
C VAL E 83 28.57 -16.54 -11.13
N THR E 84 29.12 -16.04 -12.23
CA THR E 84 28.38 -15.21 -13.16
C THR E 84 28.72 -15.61 -14.58
N VAL E 85 27.76 -15.40 -15.48
CA VAL E 85 27.98 -15.45 -16.93
C VAL E 85 27.30 -14.24 -17.52
N SER E 86 28.01 -13.53 -18.40
CA SER E 86 27.46 -12.33 -18.99
C SER E 86 26.20 -12.67 -19.79
N PRO E 87 25.19 -11.79 -19.77
CA PRO E 87 23.95 -12.09 -20.51
C PRO E 87 24.15 -12.31 -22.01
N THR E 88 25.19 -11.72 -22.59
CA THR E 88 25.47 -11.90 -24.02
C THR E 88 26.18 -13.21 -24.32
N HIS E 89 26.70 -13.90 -23.32
CA HIS E 89 27.45 -15.14 -23.52
C HIS E 89 26.76 -16.33 -22.88
N ARG E 90 25.44 -16.26 -22.70
CA ARG E 90 24.70 -17.38 -22.15
C ARG E 90 24.44 -18.43 -23.22
N ARG E 91 24.14 -19.65 -22.76
CA ARG E 91 23.82 -20.77 -23.64
C ARG E 91 24.96 -21.07 -24.61
N ARG E 92 26.20 -20.92 -24.12
CA ARG E 92 27.40 -21.26 -24.87
C ARG E 92 28.25 -22.31 -24.18
N GLY E 93 27.76 -22.89 -23.08
CA GLY E 93 28.48 -23.92 -22.36
C GLY E 93 29.53 -23.42 -21.41
N LEU E 94 29.66 -22.10 -21.22
CA LEU E 94 30.73 -21.58 -20.37
C LEU E 94 30.56 -22.01 -18.92
N LEU E 95 29.31 -22.07 -18.44
CA LEU E 95 29.07 -22.40 -17.04
C LEU E 95 29.49 -23.84 -16.73
N THR E 96 29.06 -24.80 -17.55
CA THR E 96 29.47 -26.18 -17.36
C THR E 96 30.98 -26.33 -17.36
N THR E 97 31.65 -25.64 -18.30
CA THR E 97 33.11 -25.72 -18.38
C THR E 97 33.76 -25.22 -17.11
N MSE E 98 33.26 -24.13 -16.55
CA MSE E 98 33.81 -23.58 -15.31
C MSE E 98 33.56 -24.50 -14.12
O MSE E 98 34.42 -24.64 -13.25
CB MSE E 98 33.24 -22.18 -15.03
CG MSE E 98 33.71 -21.12 -16.00
SE MSE E 98 33.28 -19.30 -15.40
CE MSE E 98 31.33 -19.42 -15.41
N MSE E 99 32.39 -25.13 -14.08
CA MSE E 99 32.06 -26.06 -13.00
C MSE E 99 32.97 -27.28 -13.01
O MSE E 99 33.44 -27.73 -11.97
CB MSE E 99 30.59 -26.50 -13.08
CG MSE E 99 29.56 -25.40 -12.84
SE MSE E 99 29.51 -24.72 -11.00
CE MSE E 99 30.67 -23.16 -11.24
N ARG E 100 33.20 -27.83 -14.21
CA ARG E 100 34.08 -29.00 -14.31
C ARG E 100 35.50 -28.66 -13.86
N HIS E 101 36.01 -27.50 -14.28
CA HIS E 101 37.34 -27.09 -13.85
C HIS E 101 37.39 -26.86 -12.35
N GLN E 102 36.43 -26.11 -11.81
CA GLN E 102 36.45 -25.76 -10.40
C GLN E 102 36.29 -27.00 -9.52
N LEU E 103 35.31 -27.85 -9.82
CA LEU E 103 35.10 -29.05 -9.01
C LEU E 103 36.28 -30.00 -9.09
N ALA E 104 36.95 -30.09 -10.24
CA ALA E 104 38.19 -30.86 -10.31
C ALA E 104 39.28 -30.20 -9.48
N ASP E 105 39.32 -28.86 -9.45
CA ASP E 105 40.36 -28.17 -8.69
C ASP E 105 40.14 -28.32 -7.20
N ILE E 106 38.88 -28.22 -6.75
CA ILE E 106 38.57 -28.39 -5.33
C ILE E 106 39.01 -29.75 -4.84
N ARG E 107 38.72 -30.80 -5.62
CA ARG E 107 39.12 -32.15 -5.27
C ARG E 107 40.64 -32.27 -5.16
N SER E 108 41.35 -31.69 -6.13
CA SER E 108 42.81 -31.80 -6.12
C SER E 108 43.43 -31.02 -4.97
N ARG E 109 42.72 -30.03 -4.44
CA ARG E 109 43.22 -29.23 -3.33
C ARG E 109 42.97 -29.89 -1.97
N GLY E 110 42.45 -31.11 -1.94
CA GLY E 110 42.22 -31.80 -0.69
C GLY E 110 40.94 -31.43 0.01
N GLU E 111 40.08 -30.63 -0.61
CA GLU E 111 38.78 -30.28 -0.02
C GLU E 111 37.74 -31.31 -0.45
N SER E 112 37.05 -31.88 0.54
CA SER E 112 36.10 -32.96 0.26
C SER E 112 34.73 -32.44 -0.18
N LEU E 113 34.42 -31.17 0.06
CA LEU E 113 33.14 -30.61 -0.35
C LEU E 113 33.29 -29.14 -0.70
N ALA E 114 32.32 -28.64 -1.45
CA ALA E 114 32.20 -27.22 -1.77
C ALA E 114 30.90 -26.71 -1.19
N MSE E 115 30.91 -25.45 -0.77
CA MSE E 115 29.71 -24.82 -0.23
C MSE E 115 29.44 -23.49 -0.92
O MSE E 115 30.36 -22.77 -1.31
CB MSE E 115 29.82 -24.65 1.28
CG MSE E 115 29.62 -25.94 2.04
SE MSE E 115 29.90 -25.76 3.95
CE MSE E 115 28.85 -27.30 4.55
N LEU E 116 28.16 -23.18 -1.07
CA LEU E 116 27.73 -22.08 -1.93
C LEU E 116 26.41 -21.52 -1.40
N PHE E 117 26.35 -20.20 -1.27
CA PHE E 117 25.12 -19.57 -0.82
C PHE E 117 24.06 -19.64 -1.91
N ALA E 118 22.82 -19.91 -1.50
CA ALA E 118 21.74 -20.09 -2.47
C ALA E 118 21.44 -18.82 -3.25
N SER E 119 21.90 -17.66 -2.77
CA SER E 119 21.73 -16.41 -3.50
C SER E 119 22.53 -16.38 -4.79
N GLU E 120 23.49 -17.31 -4.96
CA GLU E 120 24.17 -17.48 -6.25
C GLU E 120 23.22 -18.17 -7.20
N ALA E 121 22.36 -17.38 -7.85
CA ALA E 121 21.21 -17.82 -8.63
C ALA E 121 21.54 -18.58 -9.91
N LEU E 122 22.75 -18.47 -10.45
CA LEU E 122 23.03 -19.13 -11.72
C LEU E 122 23.15 -20.65 -11.60
N ILE E 123 23.84 -21.15 -10.58
CA ILE E 123 24.05 -22.59 -10.42
C ILE E 123 23.16 -23.17 -9.33
N TYR E 124 22.04 -22.51 -9.02
CA TYR E 124 21.14 -23.01 -7.99
C TYR E 124 20.55 -24.35 -8.40
N GLY E 125 20.78 -25.37 -7.58
CA GLY E 125 20.13 -26.66 -7.78
C GLY E 125 20.66 -27.48 -8.93
N ARG E 126 21.91 -27.27 -9.33
CA ARG E 126 22.48 -27.98 -10.46
C ARG E 126 23.93 -28.33 -10.17
N PHE E 127 24.50 -29.15 -11.05
CA PHE E 127 25.89 -29.60 -11.00
C PHE E 127 26.20 -30.47 -9.78
N GLY E 128 25.17 -30.96 -9.09
CA GLY E 128 25.37 -31.76 -7.89
C GLY E 128 25.20 -30.99 -6.60
N TYR E 129 24.99 -29.67 -6.66
CA TYR E 129 24.75 -28.90 -5.46
C TYR E 129 23.35 -29.16 -4.93
N GLY E 130 23.25 -29.40 -3.64
CA GLY E 130 21.96 -29.55 -2.99
C GLY E 130 21.86 -28.66 -1.77
N VAL E 131 20.70 -28.03 -1.60
CA VAL E 131 20.48 -27.18 -0.44
C VAL E 131 20.54 -28.04 0.82
N ALA E 132 21.48 -27.73 1.70
CA ALA E 132 21.70 -28.52 2.90
C ALA E 132 21.45 -27.77 4.19
N THR E 133 21.41 -26.45 4.15
CA THR E 133 21.25 -25.62 5.34
C THR E 133 20.25 -24.53 5.05
N GLU E 134 19.40 -24.22 6.03
CA GLU E 134 18.43 -23.15 5.91
C GLU E 134 18.77 -22.03 6.89
N SER E 135 18.21 -20.86 6.64
CA SER E 135 18.29 -19.74 7.56
C SER E 135 16.89 -19.19 7.79
N ALA E 136 16.71 -18.56 8.94
CA ALA E 136 15.43 -17.98 9.32
C ALA E 136 15.59 -16.48 9.46
N GLU E 137 14.64 -15.72 8.91
CA GLU E 137 14.54 -14.30 9.18
C GLU E 137 13.56 -14.12 10.33
N LEU E 138 14.06 -13.74 11.49
CA LEU E 138 13.24 -13.50 12.67
C LEU E 138 12.98 -12.01 12.79
N SER E 139 11.72 -11.64 13.04
CA SER E 139 11.37 -10.23 13.13
C SER E 139 10.10 -10.08 13.97
N GLY E 140 9.97 -8.92 14.58
CA GLY E 140 8.77 -8.62 15.34
C GLY E 140 8.90 -7.30 16.07
N GLN E 141 7.78 -6.89 16.68
CA GLN E 141 7.78 -5.70 17.52
C GLN E 141 8.50 -6.01 18.83
N VAL E 142 9.48 -5.17 19.16
CA VAL E 142 10.32 -5.43 20.33
C VAL E 142 9.51 -5.40 21.63
N ARG E 143 8.41 -4.64 21.65
CA ARG E 143 7.58 -4.57 22.85
C ARG E 143 6.80 -5.85 23.10
N GLU E 144 6.72 -6.75 22.12
CA GLU E 144 5.99 -8.00 22.26
C GLU E 144 6.91 -9.19 22.54
N LEU E 145 8.22 -8.96 22.69
CA LEU E 145 9.20 -10.04 22.72
C LEU E 145 9.79 -10.25 24.12
N ALA E 146 8.95 -10.17 25.15
CA ALA E 146 9.40 -10.52 26.49
C ALA E 146 9.74 -12.01 26.56
N PHE E 147 10.71 -12.34 27.40
CA PHE E 147 11.17 -13.72 27.52
C PHE E 147 10.31 -14.49 28.53
N ARG E 148 10.45 -15.80 28.49
CA ARG E 148 9.83 -16.63 29.50
C ARG E 148 10.38 -16.27 30.88
N PRO E 149 9.54 -16.32 31.92
CA PRO E 149 10.00 -15.86 33.25
C PRO E 149 11.15 -16.65 33.83
N THR E 150 11.34 -17.90 33.43
CA THR E 150 12.43 -18.71 33.97
C THR E 150 13.76 -18.46 33.26
N VAL E 151 13.79 -17.61 32.24
CA VAL E 151 15.03 -17.36 31.49
C VAL E 151 15.95 -16.49 32.36
N ASP E 152 17.10 -17.06 32.75
CA ASP E 152 18.05 -16.35 33.58
C ASP E 152 18.92 -15.45 32.72
N LEU E 153 18.99 -14.17 33.08
CA LEU E 153 19.79 -13.20 32.33
C LEU E 153 21.20 -13.02 32.88
N GLY E 154 21.46 -13.49 34.09
CA GLY E 154 22.79 -13.38 34.67
C GLY E 154 23.09 -11.98 35.21
N ASP E 155 24.33 -11.81 35.63
CA ASP E 155 24.79 -10.58 36.25
C ASP E 155 25.74 -9.80 35.34
N GLY E 156 25.61 -9.96 34.02
CA GLY E 156 26.54 -9.34 33.10
C GLY E 156 26.17 -7.91 32.75
N THR E 157 27.11 -7.24 32.10
CA THR E 157 26.97 -5.86 31.67
C THR E 157 27.32 -5.73 30.20
N LEU E 158 26.89 -4.64 29.58
CA LEU E 158 27.09 -4.41 28.16
C LEU E 158 27.66 -3.03 27.91
N GLU E 159 28.42 -2.91 26.82
CA GLU E 159 28.97 -1.65 26.37
C GLU E 159 29.00 -1.68 24.85
N GLU E 160 28.73 -0.54 24.22
CA GLU E 160 28.89 -0.39 22.79
C GLU E 160 30.30 0.11 22.50
N VAL E 161 31.00 -0.59 21.60
CA VAL E 161 32.43 -0.42 21.42
C VAL E 161 32.74 -0.08 19.96
N SER E 162 33.98 0.31 19.72
CA SER E 162 34.46 0.51 18.37
C SER E 162 34.76 -0.84 17.72
N ALA E 163 35.01 -0.81 16.41
CA ALA E 163 35.31 -2.05 15.69
C ALA E 163 36.60 -2.69 16.21
N GLU E 164 37.61 -1.88 16.51
CA GLU E 164 38.87 -2.42 16.99
C GLU E 164 38.71 -3.05 18.37
N THR E 165 37.93 -2.42 19.25
CA THR E 165 37.62 -3.03 20.55
C THR E 165 36.80 -4.29 20.38
N PHE E 166 35.87 -4.29 19.42
CA PHE E 166 35.06 -5.47 19.14
C PHE E 166 35.93 -6.64 18.68
N LEU E 167 36.84 -6.37 17.73
CA LEU E 167 37.66 -7.43 17.16
C LEU E 167 38.73 -7.95 18.12
N ALA E 168 38.94 -7.30 19.26
CA ALA E 168 39.88 -7.78 20.25
C ALA E 168 39.27 -8.82 21.19
N SER E 169 37.94 -8.99 21.16
CA SER E 169 37.24 -9.92 22.05
C SER E 169 36.31 -10.87 21.33
N ALA E 170 35.67 -10.43 20.23
CA ALA E 170 34.69 -11.27 19.55
C ALA E 170 35.25 -12.55 18.97
N PRO E 171 36.45 -12.58 18.37
CA PRO E 171 36.98 -13.86 17.84
C PRO E 171 37.03 -14.97 18.89
N ALA E 172 37.51 -14.66 20.10
CA ALA E 172 37.59 -15.69 21.13
C ALA E 172 36.21 -16.21 21.51
N ILE E 173 35.22 -15.31 21.61
CA ILE E 173 33.85 -15.73 21.85
C ILE E 173 33.37 -16.61 20.70
N TYR E 174 33.61 -16.17 19.47
CA TYR E 174 33.17 -16.92 18.29
C TYR E 174 33.88 -18.28 18.21
N ASP E 175 35.20 -18.30 18.41
CA ASP E 175 35.95 -19.55 18.32
C ASP E 175 35.48 -20.58 19.34
N ALA E 176 34.89 -20.15 20.47
CA ALA E 176 34.47 -21.10 21.48
C ALA E 176 33.11 -21.73 21.17
N VAL E 177 32.20 -20.96 20.57
CA VAL E 177 30.83 -21.47 20.41
C VAL E 177 30.69 -22.36 19.18
N ILE E 178 31.43 -22.09 18.11
CA ILE E 178 31.18 -22.72 16.81
C ILE E 178 31.43 -24.23 16.75
N PRO E 179 32.24 -24.85 17.62
CA PRO E 179 32.28 -26.33 17.63
C PRO E 179 30.91 -26.98 17.78
N GLY E 180 29.98 -26.33 18.47
CA GLY E 180 28.64 -26.84 18.62
C GLY E 180 27.64 -26.36 17.59
N LEU E 181 28.09 -25.64 16.56
CA LEU E 181 27.21 -25.07 15.54
C LEU E 181 27.70 -25.50 14.17
N PRO E 182 27.29 -26.68 13.70
CA PRO E 182 27.70 -27.13 12.36
C PRO E 182 27.23 -26.15 11.30
N GLY E 183 28.06 -25.96 10.28
CA GLY E 183 27.81 -25.00 9.23
C GLY E 183 28.57 -23.69 9.37
N GLN E 184 29.02 -23.36 10.58
CA GLN E 184 29.82 -22.16 10.78
C GLN E 184 31.24 -22.39 10.25
N MSE E 185 31.88 -21.30 9.86
CA MSE E 185 33.23 -21.40 9.30
C MSE E 185 34.24 -20.62 10.12
O MSE E 185 33.90 -19.65 10.79
CB MSE E 185 33.23 -20.90 7.85
CG MSE E 185 32.42 -21.76 6.90
SE MSE E 185 32.38 -21.06 5.09
CE MSE E 185 31.39 -22.49 4.22
N SER E 186 35.50 -21.08 10.08
CA SER E 186 36.57 -20.37 10.76
C SER E 186 36.68 -18.94 10.22
N ARG E 187 37.04 -18.02 11.11
CA ARG E 187 37.16 -16.61 10.76
C ARG E 187 38.57 -16.14 11.10
N THR E 188 39.40 -15.98 10.07
CA THR E 188 40.70 -15.35 10.19
C THR E 188 40.48 -13.86 10.42
N PRO E 189 41.53 -13.13 10.84
CA PRO E 189 41.39 -11.67 10.94
C PRO E 189 40.90 -11.00 9.66
N GLU E 190 41.31 -11.51 8.50
CA GLU E 190 40.86 -10.93 7.24
C GLU E 190 39.37 -11.15 7.02
N TRP E 191 38.87 -12.34 7.38
CA TRP E 191 37.43 -12.59 7.25
C TRP E 191 36.62 -11.77 8.24
N TRP E 192 37.18 -11.51 9.44
CA TRP E 192 36.51 -10.63 10.37
C TRP E 192 36.42 -9.20 9.84
N ALA E 193 37.43 -8.76 9.08
CA ALA E 193 37.42 -7.40 8.55
C ALA E 193 36.30 -7.21 7.54
N SER E 194 36.06 -8.22 6.70
CA SER E 194 34.96 -8.13 5.74
C SER E 194 33.62 -8.25 6.44
N TRP E 195 33.52 -9.15 7.43
CA TRP E 195 32.26 -9.36 8.15
C TRP E 195 31.86 -8.13 8.96
N THR E 196 32.83 -7.38 9.47
CA THR E 196 32.58 -6.18 10.26
C THR E 196 32.73 -4.89 9.45
N LEU E 197 32.79 -4.99 8.13
CA LEU E 197 32.96 -3.80 7.31
C LEU E 197 31.70 -2.94 7.37
N ASP E 198 31.89 -1.63 7.53
CA ASP E 198 30.78 -0.68 7.52
C ASP E 198 30.46 -0.35 6.07
N SER E 199 29.92 -1.34 5.37
CA SER E 199 29.70 -1.22 3.93
C SER E 199 28.71 -0.13 3.62
N GLU E 200 28.99 0.64 2.57
CA GLU E 200 28.09 1.72 2.16
C GLU E 200 26.75 1.18 1.70
N GLU E 201 26.72 -0.04 1.15
CA GLU E 201 25.46 -0.62 0.70
C GLU E 201 24.52 -0.87 1.87
N LEU E 202 25.04 -1.39 2.98
CA LEU E 202 24.20 -1.65 4.14
C LEU E 202 23.88 -0.38 4.91
N GLN E 203 24.73 0.65 4.81
CA GLN E 203 24.40 1.93 5.41
C GLN E 203 23.16 2.54 4.76
N LYS E 204 23.03 2.39 3.44
CA LYS E 204 21.88 2.91 2.74
C LYS E 204 20.59 2.21 3.15
N GLU E 205 20.66 0.92 3.48
CA GLU E 205 19.48 0.17 3.88
C GLU E 205 19.11 0.38 5.34
N SER E 206 20.04 0.83 6.16
CA SER E 206 19.77 1.06 7.58
C SER E 206 20.64 2.18 8.12
N GLY E 207 21.79 1.82 8.70
CA GLY E 207 22.70 2.80 9.23
C GLY E 207 24.08 2.22 9.41
N LYS E 208 24.96 3.02 10.01
CA LYS E 208 26.33 2.57 10.26
C LYS E 208 26.32 1.41 11.25
N VAL E 209 27.27 0.49 11.05
CA VAL E 209 27.31 -0.73 11.86
C VAL E 209 27.76 -0.39 13.27
N ARG E 210 27.19 -1.07 14.25
CA ARG E 210 27.51 -0.89 15.66
C ARG E 210 27.87 -2.25 16.28
N PHE E 211 28.65 -2.21 17.35
CA PHE E 211 29.17 -3.40 17.99
C PHE E 211 28.90 -3.35 19.48
N VAL E 212 28.44 -4.48 20.03
CA VAL E 212 28.14 -4.61 21.45
C VAL E 212 28.98 -5.74 22.02
N LEU E 213 29.48 -5.56 23.24
CA LEU E 213 30.19 -6.59 23.97
C LEU E 213 29.49 -6.84 25.29
N HIS E 214 29.31 -8.12 25.63
CA HIS E 214 28.71 -8.53 26.90
C HIS E 214 29.83 -9.07 27.79
N TYR E 215 29.98 -8.47 28.96
CA TYR E 215 31.01 -8.85 29.91
C TYR E 215 30.40 -9.59 31.09
N GLU E 216 31.10 -10.61 31.55
CA GLU E 216 30.66 -11.38 32.72
C GLU E 216 30.78 -10.50 33.97
N SER E 217 30.51 -11.11 35.13
CA SER E 217 30.61 -10.37 36.38
C SER E 217 32.05 -9.98 36.68
N ASP E 218 32.99 -10.89 36.47
CA ASP E 218 34.39 -10.59 36.73
C ASP E 218 34.94 -9.58 35.72
N GLY E 219 34.42 -9.57 34.50
CA GLY E 219 34.84 -8.60 33.51
C GLY E 219 35.29 -9.21 32.21
N THR E 220 35.16 -10.53 32.08
CA THR E 220 35.54 -11.23 30.86
C THR E 220 34.39 -11.21 29.86
N ALA E 221 34.72 -10.91 28.60
CA ALA E 221 33.71 -10.88 27.55
C ALA E 221 33.18 -12.28 27.30
N SER E 222 31.85 -12.41 27.21
CA SER E 222 31.21 -13.69 26.99
C SER E 222 30.13 -13.64 25.91
N GLY E 223 29.98 -12.50 25.24
CA GLY E 223 29.00 -12.39 24.19
C GLY E 223 29.19 -11.10 23.42
N PHE E 224 28.65 -11.08 22.21
CA PHE E 224 28.75 -9.89 21.36
C PHE E 224 27.52 -9.80 20.46
N ALA E 225 27.40 -8.66 19.80
CA ALA E 225 26.33 -8.43 18.84
C ALA E 225 26.81 -7.44 17.79
N ILE E 226 26.33 -7.64 16.57
CA ILE E 226 26.57 -6.73 15.45
C ILE E 226 25.21 -6.31 14.93
N TYR E 227 24.96 -5.00 14.90
CA TYR E 227 23.66 -4.52 14.46
C TYR E 227 23.81 -3.15 13.81
N ARG E 228 22.77 -2.75 13.09
CA ARG E 228 22.68 -1.47 12.43
C ARG E 228 21.32 -0.85 12.76
N PRO E 229 21.27 0.41 13.16
CA PRO E 229 19.97 1.06 13.40
C PRO E 229 19.41 1.64 12.13
N LYS E 230 18.09 1.59 12.03
CA LYS E 230 17.35 2.20 10.92
C LYS E 230 16.37 3.19 11.53
N PRO E 231 16.71 4.48 11.59
CA PRO E 231 15.84 5.45 12.26
C PRO E 231 14.50 5.59 11.53
N GLY E 232 13.53 6.15 12.24
CA GLY E 232 12.20 6.30 11.67
C GLY E 232 12.21 7.16 10.43
N TRP E 233 11.41 6.78 9.44
CA TRP E 233 11.37 7.47 8.16
C TRP E 233 9.96 7.79 7.66
N GLY E 234 8.92 7.28 8.30
CA GLY E 234 7.55 7.54 7.87
C GLY E 234 7.14 8.99 8.00
N PRO E 238 6.25 6.61 14.10
CA PRO E 238 7.31 5.91 14.85
C PRO E 238 7.52 4.49 14.34
N ASN E 239 8.73 4.19 13.87
CA ASN E 239 9.00 2.89 13.29
C ASN E 239 10.50 2.63 13.12
N ALA E 240 11.30 3.03 14.10
CA ALA E 240 12.74 2.76 14.04
C ALA E 240 12.99 1.25 14.18
N GLU E 241 13.99 0.77 13.45
CA GLU E 241 14.28 -0.66 13.38
C GLU E 241 15.74 -0.93 13.70
N LEU E 242 15.98 -2.06 14.35
CA LEU E 242 17.33 -2.61 14.50
C LEU E 242 17.48 -3.80 13.56
N HIS E 243 18.51 -3.76 12.74
CA HIS E 243 18.85 -4.86 11.84
C HIS E 243 20.03 -5.60 12.45
N VAL E 244 19.77 -6.76 13.03
CA VAL E 244 20.80 -7.53 13.73
C VAL E 244 21.56 -8.36 12.70
N GLN E 245 22.88 -8.33 12.79
CA GLN E 245 23.70 -9.14 11.90
C GLN E 245 24.11 -10.46 12.55
N GLU E 246 24.42 -10.44 13.85
CA GLU E 246 24.87 -11.63 14.55
C GLU E 246 24.82 -11.37 16.06
N VAL E 247 24.40 -12.39 16.81
CA VAL E 247 24.47 -12.38 18.27
C VAL E 247 24.95 -13.75 18.72
N LEU E 248 26.00 -13.78 19.54
CA LEU E 248 26.54 -15.01 20.06
C LEU E 248 26.88 -14.85 21.53
N GLY E 249 26.93 -15.98 22.24
CA GLY E 249 27.27 -15.99 23.65
C GLY E 249 27.81 -17.32 24.12
N THR E 250 28.79 -17.31 25.01
CA THR E 250 29.42 -18.54 25.47
C THR E 250 28.61 -19.26 26.55
N ASN E 251 27.62 -18.61 27.14
CA ASN E 251 26.73 -19.23 28.11
C ASN E 251 25.31 -18.77 27.82
N PRO E 252 24.30 -19.50 28.31
CA PRO E 252 22.91 -19.10 28.02
C PRO E 252 22.55 -17.73 28.55
N ARG E 253 23.12 -17.31 29.68
CA ARG E 253 22.79 -16.01 30.25
C ARG E 253 23.37 -14.88 29.40
N SER E 254 24.57 -15.07 28.85
CA SER E 254 25.17 -14.06 27.99
C SER E 254 24.36 -13.90 26.71
N TYR E 255 23.86 -15.00 26.15
CA TYR E 255 23.04 -14.92 24.96
C TYR E 255 21.74 -14.16 25.23
N ALA E 256 21.06 -14.50 26.33
CA ALA E 256 19.76 -13.89 26.61
C ALA E 256 19.89 -12.42 27.01
N ARG E 257 20.92 -12.09 27.81
CA ARG E 257 21.10 -10.71 28.24
C ARG E 257 21.42 -9.79 27.07
N THR E 258 22.24 -10.27 26.12
CA THR E 258 22.57 -9.45 24.97
C THR E 258 21.34 -9.20 24.10
N TRP E 259 20.52 -10.23 23.89
CA TRP E 259 19.28 -10.04 23.14
C TRP E 259 18.33 -9.11 23.89
N ARG E 260 18.26 -9.26 25.22
CA ARG E 260 17.44 -8.36 26.02
C ARG E 260 17.91 -6.92 25.90
N TYR E 261 19.21 -6.70 25.68
CA TYR E 261 19.71 -5.35 25.47
C TYR E 261 19.15 -4.75 24.18
N LEU E 262 19.14 -5.53 23.09
CA LEU E 262 18.63 -5.01 21.83
C LEU E 262 17.12 -4.83 21.86
N LEU E 263 16.40 -5.69 22.57
CA LEU E 263 14.95 -5.64 22.60
C LEU E 263 14.40 -4.52 23.49
N ASP E 264 15.17 -4.08 24.49
CA ASP E 264 14.72 -3.06 25.43
C ASP E 264 15.22 -1.67 25.10
N MSE E 265 15.96 -1.51 24.01
CA MSE E 265 16.50 -0.21 23.63
C MSE E 265 15.38 0.76 23.29
O MSE E 265 14.44 0.39 22.59
CB MSE E 265 17.46 -0.35 22.44
CG MSE E 265 18.17 0.93 22.07
SE MSE E 265 19.39 0.67 20.57
CE MSE E 265 20.38 -0.85 21.27
N ASP E 266 15.50 1.99 23.78
CA ASP E 266 14.48 2.99 23.53
C ASP E 266 14.43 3.36 22.04
N LEU E 267 13.28 3.90 21.63
CA LEU E 267 13.03 4.39 20.27
C LEU E 267 12.86 3.26 19.26
N VAL E 268 13.28 2.05 19.60
CA VAL E 268 13.18 0.92 18.68
C VAL E 268 11.76 0.36 18.72
N ARG E 269 11.16 0.20 17.54
CA ARG E 269 9.84 -0.41 17.39
C ARG E 269 9.92 -1.85 16.88
N LYS E 270 10.77 -2.11 15.89
CA LYS E 270 10.84 -3.41 15.26
C LYS E 270 12.29 -3.87 15.23
N ILE E 271 12.47 -5.20 15.26
CA ILE E 271 13.78 -5.82 15.17
C ILE E 271 13.73 -6.87 14.08
N LYS E 272 14.85 -7.03 13.38
CA LYS E 272 14.98 -8.03 12.33
C LYS E 272 16.33 -8.71 12.45
N TYR E 273 16.34 -10.04 12.36
CA TYR E 273 17.58 -10.82 12.35
C TYR E 273 17.51 -11.73 11.13
N HIS E 274 18.20 -11.33 10.06
CA HIS E 274 18.26 -12.14 8.86
C HIS E 274 19.45 -13.08 8.96
N GLY E 275 19.28 -14.30 8.43
CA GLY E 275 20.33 -15.28 8.49
C GLY E 275 20.50 -15.95 9.84
N ALA E 276 19.47 -15.96 10.67
CA ALA E 276 19.52 -16.68 11.93
C ALA E 276 19.38 -18.18 11.69
N SER E 277 19.61 -18.95 12.74
CA SER E 277 19.36 -20.38 12.66
C SER E 277 17.86 -20.65 12.71
N VAL E 278 17.43 -21.68 11.98
CA VAL E 278 16.02 -22.09 12.05
C VAL E 278 15.67 -22.55 13.46
N GLN E 279 16.66 -23.01 14.22
CA GLN E 279 16.51 -23.33 15.63
C GLN E 279 17.25 -22.34 16.51
N GLU E 280 17.22 -21.06 16.13
CA GLU E 280 17.86 -20.02 16.93
C GLU E 280 17.28 -20.01 18.33
N GLU E 281 18.17 -19.96 19.33
CA GLU E 281 17.73 -20.04 20.72
C GLU E 281 16.75 -18.91 21.08
N LEU E 282 16.84 -17.77 20.39
CA LEU E 282 15.93 -16.67 20.65
C LEU E 282 14.47 -17.07 20.44
N ARG E 283 14.21 -17.96 19.48
CA ARG E 283 12.83 -18.38 19.22
C ARG E 283 12.21 -19.06 20.43
N TYR E 284 13.02 -19.68 21.27
CA TYR E 284 12.52 -20.42 22.43
C TYR E 284 12.61 -19.62 23.72
N LEU E 285 13.35 -18.51 23.74
CA LEU E 285 13.33 -17.61 24.87
C LEU E 285 12.06 -16.77 24.90
N VAL E 286 11.54 -16.41 23.71
CA VAL E 286 10.36 -15.57 23.63
C VAL E 286 9.16 -16.28 24.26
N ALA E 287 8.43 -15.56 25.10
CA ALA E 287 7.26 -16.15 25.75
C ALA E 287 6.13 -16.40 24.74
N ASN E 288 5.95 -15.48 23.80
CA ASN E 288 4.86 -15.56 22.82
C ASN E 288 5.48 -15.74 21.44
N HIS E 289 5.61 -16.99 21.02
CA HIS E 289 6.20 -17.30 19.71
C HIS E 289 5.57 -16.56 18.55
N PRO E 290 4.24 -16.41 18.44
CA PRO E 290 3.68 -15.66 17.30
C PRO E 290 4.20 -14.24 17.16
N SER E 291 4.73 -13.65 18.23
CA SER E 291 5.25 -12.28 18.12
C SER E 291 6.58 -12.23 17.38
N LEU E 292 7.28 -13.36 17.24
CA LEU E 292 8.53 -13.43 16.51
C LEU E 292 8.27 -14.22 15.23
N GLU E 293 8.02 -13.51 14.13
CA GLU E 293 7.80 -14.16 12.85
C GLU E 293 9.06 -14.88 12.42
N CYS E 294 8.88 -16.06 11.82
CA CYS E 294 9.99 -16.88 11.37
C CYS E 294 9.73 -17.30 9.92
N VAL E 295 10.54 -16.79 9.00
CA VAL E 295 10.47 -17.13 7.59
C VAL E 295 11.72 -17.91 7.25
N VAL E 296 11.55 -19.15 6.78
CA VAL E 296 12.66 -20.07 6.51
C VAL E 296 12.96 -20.07 5.03
N SER E 297 14.25 -20.02 4.68
CA SER E 297 14.68 -20.02 3.29
C SER E 297 16.01 -20.75 3.17
N ASP E 298 16.40 -21.03 1.93
CA ASP E 298 17.67 -21.69 1.68
C ASP E 298 18.83 -20.83 2.14
N ALA E 299 19.91 -21.50 2.57
CA ALA E 299 21.14 -20.81 2.96
C ALA E 299 22.33 -21.36 2.18
N ILE E 300 22.82 -22.56 2.53
CA ILE E 300 24.05 -23.11 1.98
C ILE E 300 23.72 -24.33 1.13
N GLN E 301 24.29 -24.39 -0.06
CA GLN E 301 24.26 -25.57 -0.91
C GLN E 301 25.58 -26.32 -0.78
N VAL E 302 25.50 -27.65 -0.78
CA VAL E 302 26.66 -28.51 -0.58
C VAL E 302 26.89 -29.32 -1.85
N ARG E 303 28.14 -29.37 -2.31
CA ARG E 303 28.56 -30.22 -3.41
C ARG E 303 29.64 -31.16 -2.87
N LEU E 304 29.28 -32.42 -2.67
CA LEU E 304 30.25 -33.40 -2.20
C LEU E 304 31.23 -33.73 -3.32
N VAL E 305 32.52 -33.60 -3.02
CA VAL E 305 33.56 -33.83 -4.01
C VAL E 305 34.33 -35.12 -3.76
N ASP E 306 34.53 -35.53 -2.52
CA ASP E 306 35.11 -36.81 -2.15
C ASP E 306 34.11 -37.47 -1.20
N ILE E 307 33.21 -38.28 -1.75
CA ILE E 307 32.15 -38.88 -0.94
C ILE E 307 32.69 -39.67 0.26
N PRO E 308 33.62 -40.62 0.10
CA PRO E 308 34.07 -41.38 1.27
C PRO E 308 34.74 -40.54 2.33
N ARG E 309 35.51 -39.51 1.94
CA ARG E 309 36.16 -38.66 2.94
C ARG E 309 35.15 -37.76 3.65
N ALA E 310 34.23 -37.15 2.89
CA ALA E 310 33.23 -36.28 3.51
C ALA E 310 32.34 -37.05 4.47
N LEU E 311 31.89 -38.24 4.06
CA LEU E 311 31.01 -39.03 4.92
C LEU E 311 31.73 -39.53 6.16
N ALA E 312 33.05 -39.72 6.08
CA ALA E 312 33.83 -40.18 7.22
C ALA E 312 34.29 -39.04 8.12
N GLN E 313 34.18 -37.79 7.68
CA GLN E 313 34.68 -36.67 8.47
C GLN E 313 33.69 -36.19 9.51
N ARG E 314 32.40 -36.37 9.28
CA ARG E 314 31.39 -35.96 10.23
C ARG E 314 31.03 -37.12 11.16
N ARG E 315 30.37 -36.76 12.27
CA ARG E 315 29.80 -37.74 13.19
C ARG E 315 28.28 -37.77 13.02
N TYR E 316 27.69 -38.89 13.41
CA TYR E 316 26.29 -39.15 13.15
C TYR E 316 25.54 -39.28 14.48
N ALA E 317 24.29 -38.81 14.48
CA ALA E 317 23.51 -38.74 15.71
C ALA E 317 23.17 -40.12 16.27
N ALA E 318 23.27 -41.17 15.47
CA ALA E 318 23.02 -42.53 15.92
C ALA E 318 23.81 -43.49 15.04
N ASP E 319 23.93 -44.73 15.52
CA ASP E 319 24.65 -45.75 14.77
C ASP E 319 23.96 -46.01 13.43
N VAL E 320 24.77 -46.27 12.41
CA VAL E 320 24.26 -46.54 11.07
C VAL E 320 25.23 -47.47 10.36
N ASP E 321 24.67 -48.44 9.63
CA ASP E 321 25.44 -49.31 8.74
C ASP E 321 24.57 -49.48 7.50
N VAL E 322 24.85 -48.68 6.47
CA VAL E 322 24.00 -48.60 5.29
C VAL E 322 24.87 -48.54 4.04
N VAL E 323 24.36 -49.10 2.95
CA VAL E 323 25.00 -49.03 1.64
C VAL E 323 24.18 -48.07 0.79
N LEU E 324 24.83 -47.02 0.30
CA LEU E 324 24.16 -45.98 -0.47
C LEU E 324 24.56 -46.11 -1.93
N GLU E 325 23.58 -46.33 -2.80
CA GLU E 325 23.77 -46.36 -4.25
C GLU E 325 23.67 -44.94 -4.75
N VAL E 326 24.81 -44.26 -4.84
CA VAL E 326 24.86 -42.84 -5.17
C VAL E 326 25.06 -42.67 -6.66
N THR E 327 24.21 -41.84 -7.28
CA THR E 327 24.32 -41.49 -8.68
C THR E 327 24.78 -40.04 -8.80
N ASP E 328 25.83 -39.81 -9.58
CA ASP E 328 26.45 -38.50 -9.75
C ASP E 328 26.47 -38.19 -11.24
N ASP E 329 25.41 -37.55 -11.73
CA ASP E 329 25.29 -37.31 -13.17
C ASP E 329 26.40 -36.41 -13.69
N PHE E 330 26.74 -35.36 -12.95
CA PHE E 330 27.69 -34.38 -13.47
C PHE E 330 29.12 -34.87 -13.38
N LEU E 331 29.47 -35.59 -12.31
CA LEU E 331 30.80 -36.17 -12.12
C LEU E 331 30.63 -37.67 -11.98
N PRO E 332 30.43 -38.38 -13.11
CA PRO E 332 30.09 -39.81 -13.03
C PRO E 332 31.17 -40.68 -12.41
N GLU E 333 32.39 -40.16 -12.23
CA GLU E 333 33.42 -40.96 -11.57
C GLU E 333 33.08 -41.24 -10.11
N ASN E 334 32.14 -40.50 -9.53
CA ASN E 334 31.72 -40.68 -8.15
C ASN E 334 30.55 -41.64 -7.98
N SER E 335 29.89 -42.02 -9.07
CA SER E 335 28.76 -42.94 -8.97
C SER E 335 29.23 -44.31 -8.49
N GLY E 336 28.44 -44.91 -7.62
CA GLY E 336 28.78 -46.22 -7.08
C GLY E 336 28.10 -46.44 -5.74
N ARG E 337 28.35 -47.61 -5.18
CA ARG E 337 27.80 -47.99 -3.89
C ARG E 337 28.84 -47.70 -2.80
N TYR E 338 28.39 -47.03 -1.74
CA TYR E 338 29.24 -46.68 -0.62
C TYR E 338 28.64 -47.26 0.66
N ARG E 339 29.45 -47.95 1.44
CA ARG E 339 29.02 -48.47 2.73
C ARG E 339 29.42 -47.48 3.81
N LEU E 340 28.42 -46.92 4.50
CA LEU E 340 28.64 -45.97 5.57
C LEU E 340 28.45 -46.68 6.91
N ARG E 341 29.49 -46.64 7.75
CA ARG E 341 29.42 -47.13 9.12
C ARG E 341 29.83 -45.98 10.01
N GLY E 342 28.89 -45.46 10.80
CA GLY E 342 29.15 -44.29 11.60
C GLY E 342 28.30 -44.21 12.85
N GLY E 343 28.69 -43.30 13.73
CA GLY E 343 27.97 -43.09 14.96
C GLY E 343 28.43 -41.80 15.61
N LEU E 344 28.18 -41.70 16.92
CA LEU E 344 28.55 -40.49 17.64
C LEU E 344 30.06 -40.33 17.77
N ASP E 345 30.82 -41.43 17.76
CA ASP E 345 32.26 -41.37 17.99
C ASP E 345 33.07 -42.09 16.93
N HIS E 346 32.47 -42.41 15.78
CA HIS E 346 33.21 -43.08 14.72
C HIS E 346 32.48 -42.88 13.40
N ALA E 347 33.24 -43.01 12.31
CA ALA E 347 32.69 -42.92 10.96
C ALA E 347 33.66 -43.48 9.93
N SER E 348 33.19 -44.36 9.06
CA SER E 348 34.00 -44.89 7.97
C SER E 348 33.12 -45.04 6.74
N CYS E 349 33.74 -44.90 5.57
CA CYS E 349 33.01 -45.02 4.33
C CYS E 349 33.98 -45.38 3.21
N GLU E 350 33.55 -46.28 2.33
CA GLU E 350 34.35 -46.68 1.19
C GLU E 350 33.44 -47.35 0.16
N ILE E 351 33.85 -47.29 -1.10
CA ILE E 351 33.12 -48.01 -2.14
C ILE E 351 33.08 -49.49 -1.81
N THR E 352 31.93 -50.10 -1.99
CA THR E 352 31.73 -51.51 -1.67
C THR E 352 30.99 -52.20 -2.81
N THR E 353 31.04 -53.52 -2.78
CA THR E 353 30.31 -54.37 -3.71
C THR E 353 29.03 -54.94 -3.11
N ASP E 354 28.75 -54.64 -1.83
CA ASP E 354 27.61 -55.21 -1.15
C ASP E 354 26.31 -54.65 -1.73
N ASP E 355 25.21 -55.30 -1.38
CA ASP E 355 23.89 -54.88 -1.86
C ASP E 355 23.57 -53.50 -1.31
N ALA E 356 22.97 -52.66 -2.15
CA ALA E 356 22.61 -51.31 -1.75
C ALA E 356 21.29 -51.30 -1.00
N ASP E 357 21.20 -50.40 -0.02
CA ASP E 357 20.00 -50.23 0.79
C ASP E 357 19.19 -49.00 0.41
N ILE E 358 19.85 -47.94 -0.03
CA ILE E 358 19.21 -46.67 -0.35
C ILE E 358 19.82 -46.14 -1.65
N ALA E 359 18.97 -45.71 -2.57
CA ALA E 359 19.41 -45.14 -3.84
C ALA E 359 19.09 -43.66 -3.85
N LEU E 360 20.07 -42.83 -4.17
CA LEU E 360 19.90 -41.38 -4.15
C LEU E 360 20.98 -40.74 -5.01
N THR E 361 20.70 -39.50 -5.41
CA THR E 361 21.67 -38.75 -6.18
C THR E 361 22.65 -38.05 -5.26
N VAL E 362 23.78 -37.61 -5.82
CA VAL E 362 24.77 -36.90 -5.03
C VAL E 362 24.23 -35.56 -4.55
N ARG E 363 23.29 -34.97 -5.30
CA ARG E 363 22.67 -33.73 -4.87
C ARG E 363 21.90 -33.93 -3.57
N ASP E 364 21.09 -34.99 -3.49
CA ASP E 364 20.31 -35.22 -2.29
C ASP E 364 21.18 -35.70 -1.13
N LEU E 365 22.24 -36.45 -1.42
CA LEU E 365 23.19 -36.81 -0.38
C LEU E 365 23.82 -35.58 0.24
N GLY E 366 24.15 -34.58 -0.58
CA GLY E 366 24.65 -33.33 -0.04
C GLY E 366 23.62 -32.60 0.79
N SER E 367 22.35 -32.65 0.37
CA SER E 367 21.29 -31.95 1.10
C SER E 367 21.13 -32.48 2.52
N VAL E 368 21.34 -33.79 2.72
CA VAL E 368 21.21 -34.37 4.06
C VAL E 368 22.52 -34.37 4.83
N TYR E 369 23.63 -33.94 4.21
CA TYR E 369 24.94 -34.14 4.80
C TYR E 369 25.13 -33.35 6.08
N MSE E 370 24.50 -32.20 6.21
CA MSE E 370 24.68 -31.35 7.39
C MSE E 370 23.58 -31.54 8.43
O MSE E 370 23.54 -30.83 9.43
CB MSE E 370 24.77 -29.89 6.98
CG MSE E 370 25.91 -29.58 6.03
SE MSE E 370 27.66 -29.90 6.83
CE MSE E 370 27.69 -28.43 8.10
N GLY E 371 22.69 -32.50 8.18
CA GLY E 371 21.59 -32.74 9.10
C GLY E 371 20.49 -31.70 9.07
N GLY E 372 20.35 -30.96 7.98
CA GLY E 372 19.33 -29.94 7.88
C GLY E 372 18.11 -30.36 7.08
N VAL E 373 18.22 -31.49 6.38
CA VAL E 373 17.14 -32.03 5.57
C VAL E 373 17.00 -33.51 5.89
N SER E 374 15.79 -33.94 6.23
CA SER E 374 15.56 -35.34 6.57
C SER E 374 15.62 -36.21 5.33
N LEU E 375 16.42 -37.28 5.38
CA LEU E 375 16.44 -38.24 4.30
C LEU E 375 15.11 -38.97 4.16
N GLN E 376 14.38 -39.13 5.27
CA GLN E 376 13.09 -39.80 5.22
C GLN E 376 12.07 -38.98 4.44
N VAL E 377 12.06 -37.65 4.64
CA VAL E 377 11.14 -36.79 3.91
C VAL E 377 11.46 -36.83 2.41
N LEU E 378 12.74 -36.92 2.06
CA LEU E 378 13.11 -37.03 0.66
C LEU E 378 12.63 -38.35 0.06
N ALA E 379 12.65 -39.43 0.86
CA ALA E 379 12.12 -40.70 0.40
C ALA E 379 10.61 -40.62 0.21
N SER E 380 9.90 -40.03 1.18
CA SER E 380 8.45 -39.89 1.06
C SER E 380 8.06 -39.07 -0.16
N ALA E 381 8.88 -38.07 -0.52
CA ALA E 381 8.59 -37.24 -1.69
C ALA E 381 8.90 -37.94 -3.01
N GLY E 382 9.57 -39.10 -2.97
CA GLY E 382 9.91 -39.82 -4.18
C GLY E 382 11.25 -39.48 -4.78
N LEU E 383 12.04 -38.62 -4.13
CA LEU E 383 13.34 -38.25 -4.66
C LEU E 383 14.42 -39.27 -4.31
N VAL E 384 14.24 -39.97 -3.20
CA VAL E 384 15.17 -41.01 -2.75
C VAL E 384 14.39 -42.33 -2.69
N THR E 385 15.04 -43.42 -3.09
CA THR E 385 14.40 -44.74 -3.16
C THR E 385 14.96 -45.63 -2.08
N GLU E 386 14.07 -46.19 -1.25
CA GLU E 386 14.47 -47.21 -0.29
C GLU E 386 14.52 -48.55 -1.02
N LEU E 387 15.68 -49.22 -0.95
CA LEU E 387 15.87 -50.50 -1.62
C LEU E 387 15.64 -51.70 -0.70
N ARG E 388 15.89 -51.54 0.60
CA ARG E 388 15.64 -52.59 1.58
C ARG E 388 14.91 -51.99 2.77
N ALA E 389 13.95 -52.74 3.30
CA ALA E 389 13.04 -52.21 4.30
C ALA E 389 13.78 -51.76 5.56
N GLY E 390 13.36 -50.62 6.10
CA GLY E 390 13.93 -50.08 7.31
C GLY E 390 15.21 -49.29 7.14
N ALA E 391 15.79 -49.27 5.94
CA ALA E 391 17.08 -48.62 5.75
C ALA E 391 16.97 -47.10 5.87
N VAL E 392 15.92 -46.51 5.30
CA VAL E 392 15.79 -45.06 5.32
C VAL E 392 15.60 -44.54 6.73
N GLN E 393 14.77 -45.22 7.52
CA GLN E 393 14.47 -44.79 8.88
C GLN E 393 15.75 -44.57 9.68
N ARG E 394 16.61 -45.60 9.73
CA ARG E 394 17.82 -45.50 10.54
C ARG E 394 18.82 -44.51 9.94
N ALA E 395 18.97 -44.51 8.62
CA ALA E 395 19.93 -43.60 7.99
C ALA E 395 19.49 -42.14 8.13
N ALA E 396 18.19 -41.88 8.14
CA ALA E 396 17.71 -40.50 8.30
C ALA E 396 18.05 -39.96 9.69
N THR E 397 17.82 -40.77 10.72
CA THR E 397 18.14 -40.34 12.08
C THR E 397 19.63 -40.14 12.26
N ALA E 398 20.44 -41.01 11.65
CA ALA E 398 21.89 -40.88 11.78
C ALA E 398 22.40 -39.63 11.09
N PHE E 399 21.88 -39.31 9.90
CA PHE E 399 22.31 -38.10 9.20
C PHE E 399 21.84 -36.82 9.89
N GLY E 400 20.78 -36.90 10.70
CA GLY E 400 20.35 -35.77 11.48
C GLY E 400 21.35 -35.44 12.57
N TRP E 401 21.02 -34.39 13.34
CA TRP E 401 21.89 -33.95 14.41
C TRP E 401 21.07 -33.10 15.37
N PRO E 402 21.31 -33.18 16.68
CA PRO E 402 20.49 -32.41 17.63
C PRO E 402 20.57 -30.91 17.44
N VAL E 403 21.62 -30.40 16.81
CA VAL E 403 21.77 -28.96 16.54
C VAL E 403 21.64 -28.76 15.03
N ALA E 404 20.70 -27.91 14.64
CA ALA E 404 20.50 -27.65 13.23
C ALA E 404 21.72 -26.93 12.65
N PRO E 405 22.09 -27.24 11.41
CA PRO E 405 23.15 -26.47 10.75
C PRO E 405 22.69 -25.04 10.51
N SER E 406 23.63 -24.11 10.49
CA SER E 406 23.33 -22.69 10.37
C SER E 406 24.26 -22.05 9.35
N ALA E 407 23.83 -20.89 8.84
CA ALA E 407 24.56 -20.24 7.77
C ALA E 407 25.80 -19.54 8.33
N PRO E 408 26.94 -19.64 7.66
CA PRO E 408 28.14 -18.91 8.09
C PRO E 408 28.07 -17.48 7.59
N ASP E 409 29.14 -16.73 7.86
CA ASP E 409 29.23 -15.36 7.35
C ASP E 409 29.21 -15.37 5.83
N ASP E 410 28.71 -14.28 5.26
CA ASP E 410 28.43 -14.24 3.83
C ASP E 410 29.72 -14.34 3.01
N PHE E 411 29.61 -15.01 1.87
CA PHE E 411 30.71 -15.08 0.90
C PHE E 411 30.18 -15.32 -0.50
N GLU F 3 -22.16 -16.56 43.19
CA GLU F 3 -22.85 -16.09 41.99
C GLU F 3 -22.55 -16.98 40.80
N LEU F 4 -21.32 -17.48 40.71
CA LEU F 4 -20.89 -18.30 39.59
C LEU F 4 -21.00 -19.78 39.94
N THR F 5 -21.18 -20.60 38.91
CA THR F 5 -21.35 -22.03 39.07
C THR F 5 -20.60 -22.75 37.96
N LEU F 6 -19.73 -23.68 38.34
CA LEU F 6 -19.02 -24.53 37.38
C LEU F 6 -19.88 -25.74 37.09
N ARG F 7 -20.24 -25.93 35.83
CA ARG F 7 -21.10 -27.04 35.43
C ARG F 7 -20.86 -27.35 33.96
N THR F 8 -21.52 -28.41 33.49
CA THR F 8 -21.44 -28.82 32.10
C THR F 8 -22.69 -28.37 31.34
N ILE F 9 -22.65 -28.55 30.02
CA ILE F 9 -23.79 -28.20 29.18
C ILE F 9 -24.96 -29.12 29.50
N ALA F 10 -26.13 -28.53 29.73
CA ALA F 10 -27.31 -29.28 30.15
C ALA F 10 -28.10 -29.84 28.97
N ASP F 11 -28.37 -29.02 27.96
CA ASP F 11 -29.19 -29.45 26.83
C ASP F 11 -28.77 -28.67 25.58
N GLU F 12 -29.61 -28.77 24.53
CA GLU F 12 -29.25 -28.19 23.24
C GLU F 12 -29.29 -26.67 23.28
N ASP F 13 -30.32 -26.08 23.89
CA ASP F 13 -30.37 -24.63 24.04
C ASP F 13 -29.19 -24.14 24.88
N ASP F 14 -28.85 -24.87 25.94
CA ASP F 14 -27.67 -24.52 26.73
C ASP F 14 -26.40 -24.61 25.91
N TYR F 15 -26.35 -25.56 24.96
CA TYR F 15 -25.16 -25.73 24.13
C TYR F 15 -24.97 -24.54 23.20
N GLU F 16 -26.06 -24.05 22.58
CA GLU F 16 -25.94 -22.91 21.68
C GLU F 16 -25.59 -21.63 22.43
N SER F 17 -26.14 -21.46 23.64
CA SER F 17 -25.76 -20.32 24.47
C SER F 17 -24.31 -20.44 24.92
N TYR F 18 -23.86 -21.67 25.19
CA TYR F 18 -22.45 -21.91 25.53
C TYR F 18 -21.53 -21.48 24.40
N MSE F 19 -21.81 -21.95 23.19
CA MSE F 19 -20.97 -21.65 22.03
C MSE F 19 -21.05 -20.17 21.64
O MSE F 19 -20.07 -19.60 21.17
CB MSE F 19 -21.36 -22.54 20.85
CG MSE F 19 -21.15 -24.03 21.11
SE MSE F 19 -19.26 -24.51 21.28
CE MSE F 19 -18.71 -24.22 19.43
N ALA F 20 -22.22 -19.57 21.83
CA ALA F 20 -22.38 -18.15 21.53
C ALA F 20 -21.47 -17.30 22.41
N SER F 21 -21.36 -17.67 23.70
CA SER F 21 -20.46 -16.95 24.59
C SER F 21 -19.01 -17.09 24.16
N ALA F 22 -18.63 -18.27 23.67
CA ALA F 22 -17.25 -18.50 23.26
C ALA F 22 -16.90 -17.66 22.03
N TYR F 23 -17.78 -17.62 21.03
CA TYR F 23 -17.55 -16.79 19.87
C TYR F 23 -17.50 -15.31 20.26
N SER F 24 -18.35 -14.91 21.20
CA SER F 24 -18.40 -13.50 21.60
C SER F 24 -17.14 -13.04 22.31
N VAL F 25 -16.50 -13.93 23.07
CA VAL F 25 -15.23 -13.58 23.71
C VAL F 25 -14.16 -13.30 22.68
N PHE F 26 -14.15 -14.09 21.59
CA PHE F 26 -13.22 -13.87 20.49
C PHE F 26 -13.73 -12.88 19.46
N LEU F 27 -14.65 -11.99 19.85
CA LEU F 27 -15.07 -10.83 19.05
C LEU F 27 -15.78 -11.22 17.76
N ARG F 28 -16.40 -12.39 17.71
CA ARG F 28 -17.04 -12.87 16.49
C ARG F 28 -18.49 -13.23 16.76
N ASP F 29 -19.32 -13.11 15.73
CA ASP F 29 -20.67 -13.63 15.79
C ASP F 29 -20.61 -15.16 15.77
N PRO F 30 -21.58 -15.83 16.39
CA PRO F 30 -21.60 -17.30 16.34
C PRO F 30 -21.80 -17.80 14.92
N GLN F 31 -21.02 -18.82 14.56
CA GLN F 31 -21.12 -19.45 13.24
C GLN F 31 -22.01 -20.67 13.39
N LYS F 32 -23.29 -20.51 13.06
CA LYS F 32 -24.27 -21.55 13.33
C LYS F 32 -24.03 -22.81 12.50
N ASP F 33 -23.45 -22.67 11.30
CA ASP F 33 -23.13 -23.86 10.52
C ASP F 33 -22.03 -24.68 11.18
N GLU F 34 -20.97 -24.02 11.65
CA GLU F 34 -19.95 -24.72 12.42
C GLU F 34 -20.52 -25.31 13.71
N ILE F 35 -21.36 -24.54 14.39
CA ILE F 35 -21.93 -24.99 15.67
C ILE F 35 -22.78 -26.24 15.47
N GLU F 36 -23.54 -26.30 14.38
CA GLU F 36 -24.43 -27.43 14.16
C GLU F 36 -23.66 -28.69 13.80
N VAL F 37 -22.68 -28.57 12.90
CA VAL F 37 -21.95 -29.75 12.44
C VAL F 37 -21.06 -30.29 13.55
N ASN F 38 -20.48 -29.41 14.36
CA ASN F 38 -19.63 -29.85 15.46
C ASN F 38 -20.41 -30.53 16.58
N ARG F 39 -21.72 -30.28 16.67
CA ARG F 39 -22.53 -30.92 17.70
C ARG F 39 -22.55 -32.44 17.55
N LYS F 40 -22.41 -32.94 16.31
CA LYS F 40 -22.50 -34.37 16.06
C LYS F 40 -21.41 -35.16 16.77
N PHE F 41 -20.27 -34.54 17.07
CA PHE F 41 -19.20 -35.22 17.81
C PHE F 41 -18.91 -34.58 19.17
N THR F 42 -19.79 -33.71 19.65
CA THR F 42 -19.60 -33.03 20.93
C THR F 42 -20.24 -33.84 22.05
N GLU F 43 -19.48 -34.09 23.10
CA GLU F 43 -19.98 -34.76 24.30
C GLU F 43 -20.23 -33.68 25.35
N LEU F 44 -21.50 -33.44 25.67
CA LEU F 44 -21.87 -32.32 26.53
C LEU F 44 -21.22 -32.42 27.91
N ASP F 45 -20.95 -33.63 28.39
CA ASP F 45 -20.35 -33.77 29.71
C ASP F 45 -18.87 -33.38 29.74
N ARG F 46 -18.25 -33.17 28.59
CA ARG F 46 -16.88 -32.69 28.53
C ARG F 46 -16.79 -31.18 28.28
N MSE F 47 -17.92 -30.51 28.09
CA MSE F 47 -17.93 -29.07 27.88
C MSE F 47 -18.31 -28.37 29.18
O MSE F 47 -19.49 -28.24 29.50
CB MSE F 47 -18.93 -28.71 26.79
CG MSE F 47 -18.79 -29.54 25.53
SE MSE F 47 -17.02 -29.37 24.75
CE MSE F 47 -16.96 -31.01 23.71
N ILE F 48 -17.31 -27.94 29.93
CA ILE F 48 -17.52 -27.31 31.22
C ILE F 48 -17.43 -25.79 31.06
N GLY F 49 -17.79 -25.09 32.13
CA GLY F 49 -17.69 -23.64 32.13
C GLY F 49 -18.35 -23.06 33.35
N PHE F 50 -18.32 -21.73 33.41
CA PHE F 50 -18.94 -20.98 34.50
C PHE F 50 -20.18 -20.26 33.98
N HIS F 51 -21.24 -20.30 34.78
CA HIS F 51 -22.52 -19.67 34.45
C HIS F 51 -22.95 -18.83 35.63
N ASP F 52 -23.41 -17.60 35.35
CA ASP F 52 -23.80 -16.66 36.40
C ASP F 52 -25.31 -16.60 36.61
N GLY F 53 -26.04 -17.61 36.14
CA GLY F 53 -27.48 -17.65 36.25
C GLY F 53 -28.21 -17.25 34.99
N LYS F 54 -27.58 -16.42 34.14
CA LYS F 54 -28.20 -16.00 32.89
C LYS F 54 -27.26 -16.00 31.68
N LYS F 55 -25.95 -16.07 31.86
CA LYS F 55 -25.02 -16.12 30.75
C LYS F 55 -23.81 -16.95 31.15
N TRP F 56 -23.26 -17.68 30.17
CA TRP F 56 -21.96 -18.31 30.37
C TRP F 56 -20.88 -17.24 30.42
N VAL F 57 -20.08 -17.26 31.49
CA VAL F 57 -19.01 -16.27 31.64
C VAL F 57 -17.62 -16.86 31.38
N ALA F 58 -17.51 -18.18 31.25
CA ALA F 58 -16.24 -18.83 30.93
C ALA F 58 -16.54 -20.23 30.43
N THR F 59 -15.72 -20.70 29.50
CA THR F 59 -15.92 -22.02 28.89
C THR F 59 -14.59 -22.75 28.78
N THR F 60 -14.67 -24.07 28.74
CA THR F 60 -13.51 -24.93 28.52
C THR F 60 -14.05 -26.30 28.14
N GLY F 61 -13.67 -26.80 26.95
CA GLY F 61 -14.19 -28.05 26.46
C GLY F 61 -13.07 -28.97 26.00
N ALA F 62 -13.47 -30.19 25.66
CA ALA F 62 -12.53 -31.19 25.19
C ALA F 62 -13.28 -32.23 24.37
N PHE F 63 -12.73 -32.60 23.21
CA PHE F 63 -13.25 -33.68 22.40
C PHE F 63 -12.46 -34.95 22.69
N SER F 64 -13.15 -36.09 22.67
CA SER F 64 -12.48 -37.38 22.78
C SER F 64 -11.92 -37.73 21.41
N ARG F 65 -10.60 -37.64 21.26
CA ARG F 65 -9.96 -37.91 19.98
C ARG F 65 -8.81 -38.89 20.16
N HIS F 66 -8.21 -39.26 19.04
CA HIS F 66 -7.09 -40.19 19.00
C HIS F 66 -6.02 -39.61 18.09
N VAL F 67 -4.77 -39.63 18.54
CA VAL F 67 -3.67 -39.00 17.83
C VAL F 67 -2.61 -40.06 17.49
N VAL F 68 -1.98 -39.89 16.34
CA VAL F 68 -0.89 -40.76 15.92
C VAL F 68 0.41 -40.24 16.53
N LEU F 69 1.15 -41.13 17.17
CA LEU F 69 2.42 -40.81 17.80
C LEU F 69 3.57 -41.20 16.88
N PRO F 70 4.78 -40.68 17.15
CA PRO F 70 5.96 -41.15 16.40
C PRO F 70 6.11 -42.67 16.46
N GLY F 71 6.11 -43.31 15.29
CA GLY F 71 6.15 -44.76 15.19
C GLY F 71 4.88 -45.35 14.60
N GLY F 72 3.74 -44.70 14.81
CA GLY F 72 2.48 -45.15 14.26
C GLY F 72 1.42 -45.51 15.29
N ALA F 73 1.72 -45.47 16.58
CA ALA F 73 0.73 -45.82 17.59
C ALA F 73 -0.35 -44.76 17.68
N VAL F 74 -1.60 -45.21 17.74
CA VAL F 74 -2.77 -44.33 17.86
C VAL F 74 -3.28 -44.47 19.29
N VAL F 75 -3.29 -43.36 20.03
CA VAL F 75 -3.68 -43.37 21.43
C VAL F 75 -4.75 -42.31 21.69
N PRO F 76 -5.63 -42.50 22.67
CA PRO F 76 -6.64 -41.48 22.97
C PRO F 76 -6.01 -40.20 23.47
N VAL F 77 -6.62 -39.08 23.10
CA VAL F 77 -6.15 -37.75 23.47
C VAL F 77 -7.36 -36.84 23.65
N ALA F 78 -7.25 -35.92 24.60
CA ALA F 78 -8.28 -34.91 24.82
C ALA F 78 -7.96 -33.70 23.95
N ALA F 79 -8.82 -33.43 22.97
CA ALA F 79 -8.67 -32.27 22.09
C ALA F 79 -9.36 -31.09 22.76
N VAL F 80 -8.58 -30.31 23.50
CA VAL F 80 -9.13 -29.18 24.27
C VAL F 80 -9.58 -28.09 23.30
N THR F 81 -10.70 -27.45 23.62
CA THR F 81 -11.31 -26.49 22.72
C THR F 81 -12.15 -25.50 23.52
N ALA F 82 -12.49 -24.39 22.87
CA ALA F 82 -13.47 -23.43 23.39
C ALA F 82 -13.08 -22.87 24.75
N VAL F 83 -11.82 -22.51 24.92
CA VAL F 83 -11.31 -21.96 26.17
C VAL F 83 -11.49 -20.45 26.10
N THR F 84 -12.50 -19.92 26.81
CA THR F 84 -12.76 -18.50 26.83
C THR F 84 -13.07 -18.07 28.26
N VAL F 85 -12.77 -16.81 28.54
CA VAL F 85 -13.19 -16.15 29.77
C VAL F 85 -13.77 -14.79 29.39
N SER F 86 -14.95 -14.47 29.90
CA SER F 86 -15.61 -13.22 29.56
C SER F 86 -14.72 -12.05 29.98
N PRO F 87 -14.64 -10.99 29.17
CA PRO F 87 -13.74 -9.88 29.51
C PRO F 87 -14.08 -9.19 30.83
N THR F 88 -15.32 -9.26 31.27
CA THR F 88 -15.71 -8.66 32.54
C THR F 88 -15.47 -9.59 33.73
N HIS F 89 -15.11 -10.85 33.48
CA HIS F 89 -14.86 -11.82 34.54
C HIS F 89 -13.41 -12.28 34.57
N ARG F 90 -12.49 -11.49 34.01
CA ARG F 90 -11.08 -11.81 34.04
C ARG F 90 -10.50 -11.50 35.42
N ARG F 91 -9.32 -12.07 35.68
CA ARG F 91 -8.58 -11.85 36.94
C ARG F 91 -9.43 -12.25 38.15
N ARG F 92 -10.17 -13.35 38.02
CA ARG F 92 -10.98 -13.87 39.11
C ARG F 92 -10.66 -15.32 39.45
N GLY F 93 -9.77 -15.97 38.70
CA GLY F 93 -9.39 -17.35 38.97
C GLY F 93 -10.23 -18.39 38.27
N LEU F 94 -11.11 -17.98 37.35
CA LEU F 94 -11.99 -18.96 36.70
C LEU F 94 -11.22 -19.87 35.77
N LEU F 95 -10.16 -19.36 35.13
CA LEU F 95 -9.42 -20.15 34.15
C LEU F 95 -8.66 -21.29 34.84
N THR F 96 -7.99 -20.99 35.95
CA THR F 96 -7.30 -22.04 36.71
C THR F 96 -8.27 -23.14 37.12
N THR F 97 -9.42 -22.75 37.67
CA THR F 97 -10.40 -23.73 38.14
C THR F 97 -10.83 -24.66 37.01
N MSE F 98 -11.12 -24.11 35.85
CA MSE F 98 -11.53 -24.90 34.70
C MSE F 98 -10.44 -25.85 34.22
O MSE F 98 -10.72 -26.99 33.87
CB MSE F 98 -11.99 -24.01 33.55
CG MSE F 98 -13.27 -23.25 33.84
SE MSE F 98 -14.02 -22.41 32.26
CE MSE F 98 -12.52 -21.24 31.80
N MSE F 99 -9.20 -25.38 34.22
CA MSE F 99 -8.08 -26.22 33.82
C MSE F 99 -7.90 -27.41 34.77
O MSE F 99 -7.71 -28.53 34.33
CB MSE F 99 -6.77 -25.43 33.74
CG MSE F 99 -6.67 -24.42 32.61
SE MSE F 99 -6.92 -25.09 30.80
CE MSE F 99 -6.26 -26.92 30.97
N ARG F 100 -7.97 -27.13 36.07
CA ARG F 100 -7.82 -28.19 37.07
C ARG F 100 -8.90 -29.25 36.89
N HIS F 101 -10.17 -28.83 36.85
CA HIS F 101 -11.27 -29.76 36.65
C HIS F 101 -11.12 -30.53 35.33
N GLN F 102 -10.68 -29.84 34.27
CA GLN F 102 -10.53 -30.51 32.98
C GLN F 102 -9.36 -31.48 33.00
N LEU F 103 -8.22 -31.07 33.56
CA LEU F 103 -7.06 -31.95 33.61
C LEU F 103 -7.33 -33.19 34.44
N ALA F 104 -8.13 -33.07 35.49
CA ALA F 104 -8.55 -34.26 36.24
C ALA F 104 -9.49 -35.13 35.42
N ASP F 105 -10.44 -34.50 34.72
CA ASP F 105 -11.37 -35.26 33.88
C ASP F 105 -10.64 -35.99 32.76
N ILE F 106 -9.61 -35.37 32.19
CA ILE F 106 -8.81 -36.03 31.16
C ILE F 106 -8.06 -37.21 31.75
N ARG F 107 -7.49 -37.04 32.95
CA ARG F 107 -6.77 -38.13 33.60
C ARG F 107 -7.67 -39.31 33.89
N SER F 108 -8.89 -39.05 34.37
CA SER F 108 -9.80 -40.14 34.73
C SER F 108 -10.34 -40.88 33.50
N ARG F 109 -10.29 -40.27 32.33
CA ARG F 109 -10.73 -40.93 31.11
C ARG F 109 -9.66 -41.81 30.48
N GLY F 110 -8.52 -41.99 31.15
CA GLY F 110 -7.44 -42.80 30.62
C GLY F 110 -6.62 -42.14 29.54
N GLU F 111 -6.93 -40.90 29.17
CA GLU F 111 -6.16 -40.18 28.16
C GLU F 111 -4.83 -39.70 28.76
N SER F 112 -3.74 -40.05 28.10
CA SER F 112 -2.41 -39.77 28.64
C SER F 112 -1.99 -38.32 28.43
N LEU F 113 -2.52 -37.65 27.41
CA LEU F 113 -2.16 -36.26 27.14
C LEU F 113 -3.37 -35.50 26.63
N ALA F 114 -3.23 -34.18 26.65
CA ALA F 114 -4.21 -33.26 26.09
C ALA F 114 -3.52 -32.40 25.03
N MSE F 115 -4.24 -32.11 23.96
CA MSE F 115 -3.68 -31.30 22.88
C MSE F 115 -4.57 -30.10 22.58
O MSE F 115 -5.80 -30.20 22.59
CB MSE F 115 -3.44 -32.13 21.63
CG MSE F 115 -2.23 -33.04 21.75
SE MSE F 115 -2.02 -34.24 20.23
CE MSE F 115 -0.20 -34.84 20.58
N LEU F 116 -3.93 -28.97 22.30
CA LEU F 116 -4.62 -27.70 22.22
C LEU F 116 -3.95 -26.84 21.16
N PHE F 117 -4.76 -26.31 20.24
CA PHE F 117 -4.22 -25.46 19.19
C PHE F 117 -3.70 -24.13 19.77
N ALA F 118 -2.60 -23.65 19.20
CA ALA F 118 -1.97 -22.42 19.67
C ALA F 118 -2.86 -21.19 19.48
N SER F 119 -3.80 -21.21 18.53
CA SER F 119 -4.68 -20.07 18.33
C SER F 119 -5.57 -19.81 19.53
N GLU F 120 -5.73 -20.79 20.43
CA GLU F 120 -6.45 -20.60 21.68
C GLU F 120 -5.54 -19.79 22.61
N ALA F 121 -5.47 -18.48 22.33
CA ALA F 121 -4.50 -17.61 22.98
C ALA F 121 -4.79 -17.35 24.46
N LEU F 122 -5.92 -17.83 24.97
CA LEU F 122 -6.25 -17.56 26.37
C LEU F 122 -5.31 -18.28 27.32
N ILE F 123 -4.92 -19.51 26.99
CA ILE F 123 -4.07 -20.31 27.88
C ILE F 123 -2.74 -20.63 27.21
N TYR F 124 -2.27 -19.72 26.35
CA TYR F 124 -1.05 -19.99 25.60
C TYR F 124 0.15 -20.15 26.53
N GLY F 125 0.78 -21.31 26.47
CA GLY F 125 2.04 -21.53 27.17
C GLY F 125 1.93 -21.52 28.68
N ARG F 126 0.88 -22.14 29.22
CA ARG F 126 0.70 -22.17 30.67
C ARG F 126 0.01 -23.46 31.06
N PHE F 127 -0.06 -23.70 32.37
CA PHE F 127 -0.66 -24.89 32.96
C PHE F 127 0.05 -26.18 32.56
N GLY F 128 1.28 -26.09 32.09
CA GLY F 128 2.03 -27.23 31.63
C GLY F 128 1.95 -27.48 30.15
N TYR F 129 1.11 -26.75 29.42
CA TYR F 129 1.06 -26.88 27.98
C TYR F 129 2.34 -26.31 27.37
N GLY F 130 2.94 -27.06 26.46
CA GLY F 130 4.13 -26.61 25.76
C GLY F 130 3.98 -26.83 24.27
N VAL F 131 4.42 -25.83 23.49
CA VAL F 131 4.35 -25.93 22.04
C VAL F 131 5.21 -27.10 21.58
N ALA F 132 4.55 -28.10 20.98
CA ALA F 132 5.21 -29.32 20.55
C ALA F 132 5.25 -29.51 19.05
N THR F 133 4.33 -28.89 18.32
CA THR F 133 4.21 -29.06 16.89
C THR F 133 4.06 -27.70 16.24
N GLU F 134 4.72 -27.52 15.09
CA GLU F 134 4.63 -26.32 14.31
C GLU F 134 3.90 -26.59 13.00
N SER F 135 3.42 -25.53 12.37
CA SER F 135 2.86 -25.60 11.03
C SER F 135 3.55 -24.56 10.17
N ALA F 136 3.43 -24.75 8.86
CA ALA F 136 4.02 -23.85 7.88
C ALA F 136 2.93 -23.33 6.96
N GLU F 137 3.00 -22.04 6.64
CA GLU F 137 2.18 -21.47 5.59
C GLU F 137 3.05 -21.39 4.35
N LEU F 138 2.72 -22.17 3.34
CA LEU F 138 3.46 -22.22 2.09
C LEU F 138 2.66 -21.44 1.03
N SER F 139 3.34 -20.56 0.30
CA SER F 139 2.67 -19.76 -0.70
C SER F 139 3.67 -19.32 -1.76
N GLY F 140 3.14 -18.99 -2.94
CA GLY F 140 3.97 -18.52 -4.02
C GLY F 140 3.17 -18.39 -5.29
N GLN F 141 3.81 -17.80 -6.30
CA GLN F 141 3.23 -17.71 -7.62
C GLN F 141 3.30 -19.08 -8.29
N VAL F 142 2.15 -19.58 -8.75
CA VAL F 142 2.09 -20.96 -9.24
C VAL F 142 2.96 -21.15 -10.49
N ARG F 143 3.23 -20.06 -11.22
CA ARG F 143 4.04 -20.18 -12.42
C ARG F 143 5.54 -20.28 -12.14
N GLU F 144 5.96 -20.04 -10.90
CA GLU F 144 7.34 -20.23 -10.49
C GLU F 144 7.55 -21.54 -9.74
N LEU F 145 6.54 -22.40 -9.68
CA LEU F 145 6.56 -23.58 -8.81
C LEU F 145 6.71 -24.88 -9.59
N ALA F 146 7.55 -24.89 -10.63
CA ALA F 146 7.85 -26.12 -11.33
C ALA F 146 8.56 -27.09 -10.41
N PHE F 147 8.42 -28.39 -10.70
CA PHE F 147 9.05 -29.41 -9.90
C PHE F 147 10.44 -29.75 -10.45
N ARG F 148 11.22 -30.45 -9.64
CA ARG F 148 12.49 -30.96 -10.12
C ARG F 148 12.23 -31.97 -11.24
N PRO F 149 13.10 -32.05 -12.25
CA PRO F 149 12.81 -32.91 -13.40
C PRO F 149 12.74 -34.38 -13.07
N THR F 150 13.25 -34.82 -11.91
CA THR F 150 13.25 -36.22 -11.53
C THR F 150 12.00 -36.62 -10.75
N VAL F 151 11.01 -35.74 -10.64
CA VAL F 151 9.80 -36.02 -9.90
C VAL F 151 8.82 -36.76 -10.80
N ASP F 152 8.48 -37.98 -10.43
CA ASP F 152 7.56 -38.80 -11.23
C ASP F 152 6.13 -38.45 -10.87
N LEU F 153 5.36 -38.01 -11.86
CA LEU F 153 3.96 -37.67 -11.68
C LEU F 153 3.03 -38.85 -11.92
N GLY F 154 3.56 -40.00 -12.34
CA GLY F 154 2.72 -41.14 -12.61
C GLY F 154 1.86 -40.95 -13.84
N ASP F 155 0.89 -41.86 -13.99
CA ASP F 155 -0.02 -41.85 -15.13
C ASP F 155 -1.48 -41.73 -14.70
N GLY F 156 -1.73 -41.20 -13.50
CA GLY F 156 -3.08 -41.12 -12.98
C GLY F 156 -3.87 -39.95 -13.54
N THR F 157 -5.17 -39.96 -13.26
CA THR F 157 -6.08 -38.91 -13.67
C THR F 157 -6.73 -38.29 -12.44
N LEU F 158 -7.32 -37.12 -12.62
CA LEU F 158 -7.99 -36.40 -11.55
C LEU F 158 -9.40 -36.02 -11.96
N GLU F 159 -10.25 -35.82 -10.96
CA GLU F 159 -11.62 -35.40 -11.15
C GLU F 159 -12.01 -34.49 -10.01
N GLU F 160 -12.73 -33.41 -10.33
CA GLU F 160 -13.36 -32.59 -9.30
C GLU F 160 -14.75 -33.16 -9.03
N VAL F 161 -15.00 -33.51 -7.77
CA VAL F 161 -16.17 -34.30 -7.40
C VAL F 161 -16.97 -33.57 -6.32
N SER F 162 -18.18 -34.06 -6.09
CA SER F 162 -19.03 -33.56 -5.03
C SER F 162 -18.46 -33.97 -3.67
N ALA F 163 -19.00 -33.34 -2.62
CA ALA F 163 -18.57 -33.68 -1.26
C ALA F 163 -18.88 -35.12 -0.93
N GLU F 164 -20.03 -35.62 -1.38
CA GLU F 164 -20.40 -37.01 -1.09
C GLU F 164 -19.49 -37.99 -1.81
N THR F 165 -19.18 -37.73 -3.08
CA THR F 165 -18.23 -38.57 -3.80
C THR F 165 -16.85 -38.51 -3.16
N PHE F 166 -16.46 -37.34 -2.67
CA PHE F 166 -15.17 -37.17 -2.02
C PHE F 166 -15.10 -38.01 -0.76
N LEU F 167 -16.14 -37.98 0.06
CA LEU F 167 -16.15 -38.69 1.33
C LEU F 167 -16.27 -40.20 1.17
N ALA F 168 -16.50 -40.70 -0.04
CA ALA F 168 -16.53 -42.13 -0.28
C ALA F 168 -15.15 -42.72 -0.55
N SER F 169 -14.17 -41.88 -0.88
CA SER F 169 -12.82 -42.33 -1.17
C SER F 169 -11.75 -41.67 -0.31
N ALA F 170 -11.98 -40.44 0.16
CA ALA F 170 -10.96 -39.76 0.95
C ALA F 170 -10.65 -40.43 2.28
N PRO F 171 -11.63 -40.90 3.08
CA PRO F 171 -11.26 -41.55 4.35
C PRO F 171 -10.34 -42.75 4.18
N ALA F 172 -10.51 -43.53 3.11
CA ALA F 172 -9.61 -44.66 2.88
C ALA F 172 -8.19 -44.18 2.57
N ILE F 173 -8.07 -43.09 1.82
CA ILE F 173 -6.76 -42.52 1.54
C ILE F 173 -6.14 -41.96 2.82
N TYR F 174 -6.93 -41.28 3.63
CA TYR F 174 -6.42 -40.65 4.85
C TYR F 174 -5.96 -41.70 5.86
N ASP F 175 -6.72 -42.79 6.01
CA ASP F 175 -6.36 -43.81 6.99
C ASP F 175 -5.05 -44.49 6.65
N ALA F 176 -4.73 -44.61 5.36
CA ALA F 176 -3.54 -45.33 4.94
C ALA F 176 -2.27 -44.48 4.99
N VAL F 177 -2.39 -43.18 5.22
CA VAL F 177 -1.24 -42.29 5.21
C VAL F 177 -0.85 -41.85 6.62
N ILE F 178 -1.83 -41.64 7.50
CA ILE F 178 -1.60 -41.06 8.82
C ILE F 178 -0.67 -41.84 9.76
N PRO F 179 -0.57 -43.18 9.67
CA PRO F 179 0.40 -43.87 10.53
C PRO F 179 1.82 -43.36 10.39
N GLY F 180 2.18 -42.84 9.22
CA GLY F 180 3.48 -42.25 9.00
C GLY F 180 3.59 -40.76 9.22
N LEU F 181 2.50 -40.12 9.68
CA LEU F 181 2.47 -38.68 9.92
C LEU F 181 2.05 -38.44 11.36
N PRO F 182 2.98 -38.39 12.31
CA PRO F 182 2.62 -38.14 13.70
C PRO F 182 1.98 -36.77 13.87
N GLY F 183 1.06 -36.68 14.83
CA GLY F 183 0.31 -35.49 15.10
C GLY F 183 -1.07 -35.47 14.48
N GLN F 184 -1.26 -36.22 13.39
CA GLN F 184 -2.57 -36.33 12.77
C GLN F 184 -3.51 -37.12 13.69
N MSE F 185 -4.80 -36.85 13.56
CA MSE F 185 -5.80 -37.49 14.41
C MSE F 185 -6.80 -38.31 13.60
O MSE F 185 -7.07 -38.01 12.45
CB MSE F 185 -6.51 -36.44 15.26
CG MSE F 185 -5.63 -35.78 16.30
SE MSE F 185 -6.57 -34.37 17.26
CE MSE F 185 -5.19 -33.90 18.56
N SER F 186 -7.34 -39.35 14.24
CA SER F 186 -8.35 -40.17 13.59
C SER F 186 -9.58 -39.33 13.28
N ARG F 187 -10.18 -39.57 12.11
CA ARG F 187 -11.34 -38.83 11.65
C ARG F 187 -12.50 -39.81 11.45
N THR F 188 -13.51 -39.69 12.31
CA THR F 188 -14.77 -40.39 12.12
C THR F 188 -15.58 -39.67 11.05
N PRO F 189 -16.66 -40.27 10.56
CA PRO F 189 -17.50 -39.56 9.58
C PRO F 189 -18.01 -38.22 10.07
N GLU F 190 -18.21 -38.05 11.39
CA GLU F 190 -18.69 -36.77 11.90
C GLU F 190 -17.60 -35.71 11.84
N TRP F 191 -16.35 -36.09 12.07
CA TRP F 191 -15.25 -35.15 11.92
C TRP F 191 -15.00 -34.82 10.45
N TRP F 192 -15.16 -35.81 9.57
CA TRP F 192 -15.06 -35.55 8.13
C TRP F 192 -16.12 -34.55 7.68
N ALA F 193 -17.31 -34.61 8.28
CA ALA F 193 -18.37 -33.68 7.91
C ALA F 193 -18.01 -32.25 8.30
N SER F 194 -17.36 -32.07 9.46
CA SER F 194 -16.95 -30.74 9.89
C SER F 194 -15.74 -30.26 9.08
N TRP F 195 -14.79 -31.16 8.82
CA TRP F 195 -13.58 -30.78 8.09
C TRP F 195 -13.91 -30.35 6.66
N THR F 196 -14.96 -30.93 6.07
CA THR F 196 -15.35 -30.64 4.71
C THR F 196 -16.52 -29.66 4.62
N LEU F 197 -16.90 -29.03 5.72
CA LEU F 197 -18.04 -28.13 5.72
C LEU F 197 -17.75 -26.91 4.86
N ASP F 198 -18.71 -26.55 4.00
CA ASP F 198 -18.60 -25.35 3.18
C ASP F 198 -19.04 -24.15 4.00
N SER F 199 -18.24 -23.85 5.03
CA SER F 199 -18.60 -22.83 5.99
C SER F 199 -18.71 -21.46 5.34
N GLU F 200 -19.71 -20.68 5.77
CA GLU F 200 -19.84 -19.32 5.27
C GLU F 200 -18.63 -18.46 5.66
N GLU F 201 -17.96 -18.81 6.76
CA GLU F 201 -16.79 -18.07 7.20
C GLU F 201 -15.69 -18.10 6.15
N LEU F 202 -15.41 -19.28 5.60
CA LEU F 202 -14.36 -19.41 4.60
C LEU F 202 -14.81 -19.03 3.19
N GLN F 203 -16.12 -19.05 2.92
CA GLN F 203 -16.60 -18.59 1.62
C GLN F 203 -16.35 -17.09 1.45
N LYS F 204 -16.47 -16.32 2.53
CA LYS F 204 -16.20 -14.88 2.44
C LYS F 204 -14.72 -14.63 2.19
N GLU F 205 -13.84 -15.46 2.76
CA GLU F 205 -12.41 -15.28 2.57
C GLU F 205 -11.96 -15.71 1.18
N SER F 206 -12.68 -16.65 0.56
CA SER F 206 -12.29 -17.15 -0.76
C SER F 206 -13.50 -17.57 -1.58
N GLY F 207 -13.95 -18.81 -1.39
CA GLY F 207 -15.10 -19.29 -2.14
C GLY F 207 -15.57 -20.63 -1.63
N LYS F 208 -16.51 -21.22 -2.37
CA LYS F 208 -17.06 -22.51 -1.98
C LYS F 208 -15.99 -23.59 -2.05
N VAL F 209 -16.07 -24.55 -1.12
CA VAL F 209 -15.06 -25.60 -1.04
C VAL F 209 -15.20 -26.56 -2.21
N ARG F 210 -14.06 -27.00 -2.76
CA ARG F 210 -14.03 -27.95 -3.84
C ARG F 210 -13.21 -29.16 -3.44
N PHE F 211 -13.47 -30.28 -4.11
CA PHE F 211 -12.87 -31.56 -3.76
C PHE F 211 -12.30 -32.22 -5.02
N VAL F 212 -11.09 -32.74 -4.89
CA VAL F 212 -10.38 -33.39 -5.98
C VAL F 212 -10.00 -34.79 -5.53
N LEU F 213 -10.14 -35.76 -6.45
CA LEU F 213 -9.70 -37.13 -6.21
C LEU F 213 -8.72 -37.51 -7.32
N HIS F 214 -7.62 -38.12 -6.93
CA HIS F 214 -6.63 -38.64 -7.88
C HIS F 214 -6.80 -40.15 -7.99
N TYR F 215 -6.94 -40.64 -9.21
CA TYR F 215 -7.17 -42.05 -9.47
C TYR F 215 -5.96 -42.66 -10.15
N GLU F 216 -5.63 -43.89 -9.76
CA GLU F 216 -4.56 -44.63 -10.40
C GLU F 216 -4.98 -45.06 -11.80
N SER F 217 -4.07 -45.74 -12.49
CA SER F 217 -4.36 -46.21 -13.85
C SER F 217 -5.51 -47.21 -13.85
N ASP F 218 -5.56 -48.09 -12.85
CA ASP F 218 -6.64 -49.07 -12.78
C ASP F 218 -7.94 -48.45 -12.31
N GLY F 219 -7.89 -47.30 -11.64
CA GLY F 219 -9.08 -46.59 -11.20
C GLY F 219 -9.19 -46.37 -9.70
N THR F 220 -8.26 -46.87 -8.89
CA THR F 220 -8.37 -46.71 -7.45
C THR F 220 -7.97 -45.31 -7.03
N ALA F 221 -8.72 -44.76 -6.06
CA ALA F 221 -8.41 -43.43 -5.54
C ALA F 221 -7.14 -43.51 -4.70
N SER F 222 -6.13 -42.72 -5.08
CA SER F 222 -4.84 -42.73 -4.39
C SER F 222 -4.44 -41.37 -3.84
N GLY F 223 -5.27 -40.35 -4.01
CA GLY F 223 -4.96 -39.03 -3.49
C GLY F 223 -6.17 -38.14 -3.52
N PHE F 224 -6.10 -37.06 -2.74
CA PHE F 224 -7.21 -36.11 -2.70
C PHE F 224 -6.68 -34.72 -2.37
N ALA F 225 -7.53 -33.73 -2.63
CA ALA F 225 -7.23 -32.34 -2.33
C ALA F 225 -8.52 -31.65 -1.91
N ILE F 226 -8.40 -30.72 -0.96
CA ILE F 226 -9.47 -29.83 -0.54
C ILE F 226 -8.96 -28.41 -0.74
N TYR F 227 -9.76 -27.60 -1.45
CA TYR F 227 -9.29 -26.25 -1.76
C TYR F 227 -10.48 -25.36 -2.08
N ARG F 228 -10.26 -24.05 -1.97
CA ARG F 228 -11.23 -23.04 -2.31
C ARG F 228 -10.61 -22.05 -3.28
N PRO F 229 -11.36 -21.59 -4.28
CA PRO F 229 -10.86 -20.55 -5.16
C PRO F 229 -11.16 -19.17 -4.60
N LYS F 230 -10.29 -18.23 -4.93
CA LYS F 230 -10.53 -16.81 -4.66
C LYS F 230 -10.36 -16.07 -5.99
N PRO F 231 -11.47 -15.78 -6.68
CA PRO F 231 -11.36 -15.14 -8.00
C PRO F 231 -10.68 -13.78 -7.91
N GLY F 232 -10.10 -13.36 -9.03
CA GLY F 232 -9.38 -12.10 -9.10
C GLY F 232 -10.25 -10.90 -8.77
N TRP F 233 -9.80 -10.10 -7.81
CA TRP F 233 -10.54 -8.94 -7.35
C TRP F 233 -9.72 -7.67 -7.58
N GLY F 234 -10.40 -6.60 -7.94
CA GLY F 234 -9.75 -5.33 -8.21
C GLY F 234 -9.52 -5.06 -9.68
N PRO F 238 -4.90 -8.82 -12.03
CA PRO F 238 -4.92 -10.28 -12.13
C PRO F 238 -4.24 -10.95 -10.94
N ASN F 239 -5.03 -11.47 -10.02
CA ASN F 239 -4.48 -11.99 -8.78
C ASN F 239 -5.33 -13.10 -8.17
N ALA F 240 -5.89 -13.97 -9.01
CA ALA F 240 -6.71 -15.07 -8.51
C ALA F 240 -5.86 -16.04 -7.69
N GLU F 241 -6.44 -16.55 -6.61
CA GLU F 241 -5.72 -17.37 -5.66
C GLU F 241 -6.42 -18.70 -5.44
N LEU F 242 -5.63 -19.71 -5.08
CA LEU F 242 -6.14 -21.01 -4.63
C LEU F 242 -5.73 -21.17 -3.17
N HIS F 243 -6.72 -21.38 -2.30
CA HIS F 243 -6.47 -21.59 -0.87
C HIS F 243 -6.61 -23.08 -0.60
N VAL F 244 -5.47 -23.76 -0.45
CA VAL F 244 -5.46 -25.20 -0.26
C VAL F 244 -5.66 -25.51 1.23
N GLN F 245 -6.58 -26.44 1.51
CA GLN F 245 -6.85 -26.88 2.87
C GLN F 245 -6.10 -28.15 3.24
N GLU F 246 -5.97 -29.09 2.31
CA GLU F 246 -5.27 -30.35 2.57
C GLU F 246 -4.99 -31.05 1.26
N VAL F 247 -3.82 -31.68 1.19
CA VAL F 247 -3.45 -32.55 0.07
C VAL F 247 -2.76 -33.77 0.65
N LEU F 248 -3.20 -34.96 0.25
CA LEU F 248 -2.60 -36.20 0.72
C LEU F 248 -2.63 -37.24 -0.40
N GLY F 249 -1.60 -38.08 -0.43
CA GLY F 249 -1.54 -39.17 -1.39
C GLY F 249 -0.94 -40.40 -0.74
N THR F 250 -1.28 -41.56 -1.30
CA THR F 250 -0.77 -42.83 -0.81
C THR F 250 0.57 -43.22 -1.43
N ASN F 251 1.03 -42.49 -2.45
CA ASN F 251 2.34 -42.73 -3.04
C ASN F 251 2.87 -41.41 -3.57
N PRO F 252 4.18 -41.28 -3.77
CA PRO F 252 4.73 -39.99 -4.20
C PRO F 252 4.18 -39.48 -5.52
N ARG F 253 3.75 -40.36 -6.42
CA ARG F 253 3.25 -39.92 -7.71
C ARG F 253 1.89 -39.24 -7.56
N SER F 254 0.97 -39.84 -6.81
CA SER F 254 -0.35 -39.24 -6.63
C SER F 254 -0.26 -37.92 -5.87
N TYR F 255 0.65 -37.84 -4.89
CA TYR F 255 0.86 -36.58 -4.17
C TYR F 255 1.38 -35.50 -5.10
N ALA F 256 2.40 -35.83 -5.90
CA ALA F 256 2.98 -34.85 -6.81
C ALA F 256 2.00 -34.50 -7.93
N ARG F 257 1.27 -35.49 -8.45
CA ARG F 257 0.32 -35.24 -9.53
C ARG F 257 -0.82 -34.36 -9.06
N THR F 258 -1.27 -34.55 -7.81
CA THR F 258 -2.36 -33.73 -7.27
C THR F 258 -1.91 -32.28 -7.13
N TRP F 259 -0.73 -32.05 -6.57
CA TRP F 259 -0.20 -30.69 -6.47
C TRP F 259 -0.01 -30.08 -7.85
N ARG F 260 0.48 -30.87 -8.80
CA ARG F 260 0.67 -30.37 -10.16
C ARG F 260 -0.65 -29.95 -10.79
N TYR F 261 -1.75 -30.63 -10.42
CA TYR F 261 -3.06 -30.21 -10.92
C TYR F 261 -3.43 -28.83 -10.40
N LEU F 262 -3.22 -28.60 -9.10
CA LEU F 262 -3.51 -27.28 -8.54
C LEU F 262 -2.56 -26.22 -9.09
N LEU F 263 -1.29 -26.58 -9.27
CA LEU F 263 -0.28 -25.59 -9.66
C LEU F 263 -0.42 -25.19 -11.13
N ASP F 264 -0.93 -26.07 -11.98
CA ASP F 264 -1.04 -25.81 -13.41
C ASP F 264 -2.43 -25.31 -13.81
N MSE F 265 -3.30 -25.06 -12.85
CA MSE F 265 -4.66 -24.61 -13.17
C MSE F 265 -4.68 -23.23 -13.81
O MSE F 265 -3.95 -22.32 -13.38
CB MSE F 265 -5.54 -24.62 -11.92
CG MSE F 265 -7.00 -24.28 -12.20
SE MSE F 265 -8.10 -24.48 -10.61
CE MSE F 265 -7.73 -26.35 -10.21
N ASP F 266 -5.49 -23.08 -14.86
CA ASP F 266 -5.59 -21.82 -15.56
C ASP F 266 -6.15 -20.74 -14.64
N LEU F 267 -5.82 -19.49 -14.96
CA LEU F 267 -6.35 -18.29 -14.30
C LEU F 267 -5.81 -18.10 -12.88
N VAL F 268 -5.13 -19.11 -12.34
CA VAL F 268 -4.56 -18.99 -11.00
C VAL F 268 -3.21 -18.28 -11.07
N ARG F 269 -2.96 -17.39 -10.13
CA ARG F 269 -1.69 -16.71 -10.00
C ARG F 269 -0.93 -17.05 -8.73
N LYS F 270 -1.63 -17.17 -7.60
CA LYS F 270 -1.00 -17.43 -6.31
C LYS F 270 -1.72 -18.60 -5.65
N ILE F 271 -0.95 -19.37 -4.87
CA ILE F 271 -1.48 -20.49 -4.11
C ILE F 271 -1.00 -20.34 -2.67
N LYS F 272 -1.86 -20.73 -1.73
CA LYS F 272 -1.54 -20.63 -0.30
C LYS F 272 -1.99 -21.91 0.38
N TYR F 273 -1.10 -22.53 1.14
CA TYR F 273 -1.39 -23.73 1.90
C TYR F 273 -1.06 -23.44 3.37
N HIS F 274 -2.08 -23.12 4.15
CA HIS F 274 -1.91 -22.90 5.58
C HIS F 274 -2.08 -24.21 6.33
N GLY F 275 -1.36 -24.35 7.43
CA GLY F 275 -1.43 -25.56 8.21
C GLY F 275 -0.66 -26.73 7.64
N ALA F 276 0.25 -26.49 6.69
CA ALA F 276 1.09 -27.56 6.17
C ALA F 276 2.14 -27.95 7.19
N SER F 277 2.77 -29.11 6.95
CA SER F 277 3.90 -29.51 7.77
C SER F 277 5.12 -28.66 7.44
N VAL F 278 5.96 -28.41 8.45
CA VAL F 278 7.23 -27.74 8.20
C VAL F 278 8.13 -28.56 7.28
N GLN F 279 7.85 -29.85 7.15
CA GLN F 279 8.56 -30.74 6.23
C GLN F 279 7.59 -31.30 5.19
N GLU F 280 6.65 -30.48 4.74
CA GLU F 280 5.74 -30.87 3.67
C GLU F 280 6.55 -31.24 2.44
N GLU F 281 6.22 -32.39 1.84
CA GLU F 281 7.01 -32.89 0.72
C GLU F 281 7.03 -31.92 -0.45
N LEU F 282 5.98 -31.10 -0.58
CA LEU F 282 5.94 -30.10 -1.64
C LEU F 282 7.16 -29.19 -1.60
N ARG F 283 7.65 -28.87 -0.40
CA ARG F 283 8.79 -27.96 -0.28
C ARG F 283 10.02 -28.50 -0.99
N TYR F 284 10.16 -29.83 -1.04
CA TYR F 284 11.32 -30.45 -1.67
C TYR F 284 11.05 -30.88 -3.10
N LEU F 285 9.78 -30.91 -3.53
CA LEU F 285 9.47 -31.15 -4.93
C LEU F 285 9.74 -29.93 -5.79
N VAL F 286 9.51 -28.74 -5.26
CA VAL F 286 9.69 -27.51 -6.02
C VAL F 286 11.16 -27.33 -6.38
N ALA F 287 11.41 -26.97 -7.64
CA ALA F 287 12.79 -26.83 -8.12
C ALA F 287 13.46 -25.59 -7.52
N ASN F 288 12.73 -24.49 -7.42
CA ASN F 288 13.27 -23.24 -6.89
C ASN F 288 12.61 -22.99 -5.54
N HIS F 289 13.28 -23.40 -4.47
CA HIS F 289 12.75 -23.19 -3.11
C HIS F 289 12.39 -21.74 -2.81
N PRO F 290 13.18 -20.73 -3.18
CA PRO F 290 12.77 -19.34 -2.87
C PRO F 290 11.40 -18.95 -3.42
N SER F 291 10.89 -19.66 -4.43
CA SER F 291 9.57 -19.34 -4.96
C SER F 291 8.44 -19.75 -4.03
N LEU F 292 8.68 -20.69 -3.11
CA LEU F 292 7.67 -21.15 -2.17
C LEU F 292 8.05 -20.61 -0.78
N GLU F 293 7.44 -19.50 -0.39
CA GLU F 293 7.70 -18.92 0.91
C GLU F 293 7.19 -19.84 2.01
N CYS F 294 7.96 -19.96 3.09
CA CYS F 294 7.64 -20.84 4.21
C CYS F 294 7.69 -20.03 5.50
N VAL F 295 6.52 -19.73 6.06
CA VAL F 295 6.41 -19.06 7.35
C VAL F 295 6.02 -20.10 8.39
N VAL F 296 6.87 -20.26 9.41
CA VAL F 296 6.71 -21.30 10.44
C VAL F 296 6.10 -20.67 11.69
N SER F 297 5.11 -21.35 12.27
CA SER F 297 4.45 -20.85 13.47
C SER F 297 3.99 -22.02 14.32
N ASP F 298 3.61 -21.71 15.56
CA ASP F 298 3.13 -22.73 16.48
C ASP F 298 1.87 -23.38 15.93
N ALA F 299 1.69 -24.66 16.29
CA ALA F 299 0.49 -25.38 15.89
C ALA F 299 -0.19 -26.00 17.10
N ILE F 300 0.38 -27.08 17.64
CA ILE F 300 -0.25 -27.86 18.69
C ILE F 300 0.58 -27.75 19.97
N GLN F 301 -0.09 -27.48 21.08
CA GLN F 301 0.51 -27.54 22.41
C GLN F 301 0.10 -28.83 23.09
N VAL F 302 1.01 -29.42 23.85
CA VAL F 302 0.81 -30.71 24.49
C VAL F 302 0.90 -30.53 26.00
N ARG F 303 -0.07 -31.07 26.72
CA ARG F 303 -0.03 -31.15 28.18
C ARG F 303 0.01 -32.62 28.57
N LEU F 304 1.15 -33.07 29.09
CA LEU F 304 1.27 -34.47 29.51
C LEU F 304 0.52 -34.68 30.82
N VAL F 305 -0.38 -35.66 30.82
CA VAL F 305 -1.19 -35.93 32.01
C VAL F 305 -0.66 -37.19 32.71
N ASP F 306 -0.56 -38.28 31.97
CA ASP F 306 0.05 -39.52 32.47
C ASP F 306 1.44 -39.61 31.87
N ILE F 307 2.42 -39.11 32.62
CA ILE F 307 3.80 -39.07 32.11
C ILE F 307 4.35 -40.44 31.73
N PRO F 308 4.30 -41.46 32.60
CA PRO F 308 4.88 -42.76 32.19
C PRO F 308 4.19 -43.39 31.00
N ARG F 309 2.86 -43.38 30.96
CA ARG F 309 2.15 -43.99 29.84
C ARG F 309 2.46 -43.28 28.52
N ALA F 310 2.50 -41.94 28.55
CA ALA F 310 2.77 -41.19 27.33
C ALA F 310 4.15 -41.52 26.77
N LEU F 311 5.18 -41.47 27.62
CA LEU F 311 6.54 -41.76 27.17
C LEU F 311 6.69 -43.20 26.68
N ALA F 312 5.84 -44.12 27.14
CA ALA F 312 5.92 -45.50 26.69
C ALA F 312 5.08 -45.78 25.45
N GLN F 313 4.09 -44.93 25.16
CA GLN F 313 3.23 -45.18 24.00
C GLN F 313 3.93 -44.86 22.70
N ARG F 314 4.89 -43.94 22.71
CA ARG F 314 5.61 -43.55 21.49
C ARG F 314 6.91 -44.32 21.37
N ARG F 315 7.40 -44.39 20.13
CA ARG F 315 8.70 -44.98 19.83
C ARG F 315 9.72 -43.87 19.59
N TYR F 316 10.99 -44.25 19.63
CA TYR F 316 12.09 -43.30 19.60
C TYR F 316 13.02 -43.61 18.43
N ALA F 317 13.48 -42.55 17.77
CA ALA F 317 14.24 -42.69 16.53
C ALA F 317 15.56 -43.45 16.73
N ALA F 318 16.08 -43.47 17.95
CA ALA F 318 17.25 -44.26 18.27
C ALA F 318 17.19 -44.64 19.74
N ASP F 319 18.11 -45.50 20.16
CA ASP F 319 18.10 -46.03 21.51
C ASP F 319 18.39 -44.94 22.53
N VAL F 320 17.73 -45.03 23.68
CA VAL F 320 17.90 -44.06 24.76
C VAL F 320 17.67 -44.76 26.09
N ASP F 321 18.52 -44.44 27.06
CA ASP F 321 18.36 -44.87 28.45
C ASP F 321 18.74 -43.66 29.30
N VAL F 322 17.72 -42.92 29.75
CA VAL F 322 17.94 -41.64 30.40
C VAL F 322 17.01 -41.51 31.60
N VAL F 323 17.44 -40.75 32.59
CA VAL F 323 16.66 -40.47 33.79
C VAL F 323 16.30 -38.98 33.76
N LEU F 324 15.00 -38.68 33.84
CA LEU F 324 14.49 -37.32 33.71
C LEU F 324 13.89 -36.88 35.03
N GLU F 325 14.39 -35.77 35.57
CA GLU F 325 13.83 -35.16 36.77
C GLU F 325 12.77 -34.17 36.31
N VAL F 326 11.51 -34.61 36.28
CA VAL F 326 10.41 -33.81 35.78
C VAL F 326 9.79 -33.03 36.93
N THR F 327 9.48 -31.76 36.67
CA THR F 327 8.83 -30.89 37.64
C THR F 327 7.51 -30.41 37.04
N ASP F 328 6.41 -30.66 37.76
CA ASP F 328 5.08 -30.28 37.32
C ASP F 328 4.54 -29.29 38.35
N ASP F 329 4.67 -28.00 38.06
CA ASP F 329 4.28 -26.98 39.03
C ASP F 329 2.76 -26.90 39.19
N PHE F 330 2.01 -27.15 38.11
CA PHE F 330 0.56 -27.03 38.19
C PHE F 330 -0.09 -28.28 38.77
N LEU F 331 0.44 -29.46 38.44
CA LEU F 331 -0.05 -30.73 38.96
C LEU F 331 1.12 -31.46 39.62
N PRO F 332 1.48 -31.08 40.85
CA PRO F 332 2.65 -31.68 41.49
C PRO F 332 2.57 -33.19 41.69
N GLU F 333 1.37 -33.78 41.60
CA GLU F 333 1.27 -35.24 41.73
C GLU F 333 1.94 -35.97 40.57
N ASN F 334 2.15 -35.29 39.44
CA ASN F 334 2.87 -35.86 38.31
C ASN F 334 4.38 -35.71 38.42
N SER F 335 4.86 -34.86 39.31
CA SER F 335 6.30 -34.67 39.46
C SER F 335 6.96 -35.98 39.89
N GLY F 336 8.17 -36.20 39.40
CA GLY F 336 8.90 -37.41 39.73
C GLY F 336 10.10 -37.57 38.84
N ARG F 337 10.92 -38.55 39.21
CA ARG F 337 12.15 -38.88 38.47
C ARG F 337 11.91 -40.20 37.76
N TYR F 338 11.86 -40.15 36.43
CA TYR F 338 11.53 -41.29 35.61
C TYR F 338 12.74 -41.78 34.84
N ARG F 339 12.86 -43.10 34.70
CA ARG F 339 13.85 -43.71 33.82
C ARG F 339 13.15 -44.10 32.52
N LEU F 340 13.66 -43.61 31.40
CA LEU F 340 13.08 -43.87 30.09
C LEU F 340 14.02 -44.78 29.32
N ARG F 341 13.51 -45.91 28.84
CA ARG F 341 14.22 -46.81 27.95
C ARG F 341 13.39 -46.94 26.68
N GLY F 342 13.93 -46.45 25.56
CA GLY F 342 13.16 -46.40 24.33
C GLY F 342 14.02 -46.70 23.13
N GLY F 343 13.34 -47.03 22.04
CA GLY F 343 14.00 -47.32 20.79
C GLY F 343 12.99 -47.39 19.67
N LEU F 344 13.45 -47.88 18.52
CA LEU F 344 12.55 -48.00 17.37
C LEU F 344 11.45 -49.02 17.60
N ASP F 345 11.71 -50.04 18.43
CA ASP F 345 10.77 -51.14 18.62
C ASP F 345 10.40 -51.39 20.08
N HIS F 346 10.71 -50.48 20.98
CA HIS F 346 10.41 -50.69 22.39
C HIS F 346 10.38 -49.34 23.09
N ALA F 347 9.65 -49.29 24.21
CA ALA F 347 9.54 -48.07 25.01
C ALA F 347 8.96 -48.44 26.36
N SER F 348 9.62 -47.98 27.42
CA SER F 348 9.13 -48.18 28.78
C SER F 348 9.66 -47.04 29.66
N CYS F 349 8.89 -46.71 30.69
CA CYS F 349 9.22 -45.58 31.56
C CYS F 349 8.55 -45.79 32.92
N GLU F 350 9.29 -45.50 33.99
CA GLU F 350 8.77 -45.63 35.34
C GLU F 350 9.65 -44.85 36.31
N ILE F 351 9.13 -44.68 37.52
CA ILE F 351 9.87 -44.00 38.58
C ILE F 351 11.13 -44.80 38.91
N THR F 352 12.21 -44.08 39.26
CA THR F 352 13.45 -44.73 39.62
C THR F 352 14.15 -43.91 40.71
N THR F 353 14.97 -44.62 41.50
CA THR F 353 15.84 -43.99 42.48
C THR F 353 17.17 -43.54 41.90
N ASP F 354 17.55 -44.08 40.74
CA ASP F 354 18.85 -43.81 40.14
C ASP F 354 19.04 -42.32 39.89
N ASP F 355 20.31 -41.91 39.75
CA ASP F 355 20.62 -40.50 39.58
C ASP F 355 20.05 -39.96 38.28
N ALA F 356 19.53 -38.74 38.35
CA ALA F 356 18.89 -38.11 37.20
C ALA F 356 19.94 -37.53 36.24
N ASP F 357 19.61 -37.57 34.95
CA ASP F 357 20.48 -37.07 33.90
C ASP F 357 20.08 -35.69 33.40
N ILE F 358 18.78 -35.42 33.31
CA ILE F 358 18.25 -34.18 32.76
C ILE F 358 17.16 -33.66 33.69
N ALA F 359 17.16 -32.35 33.92
CA ALA F 359 16.14 -31.68 34.71
C ALA F 359 15.32 -30.77 33.80
N LEU F 360 14.00 -30.94 33.82
CA LEU F 360 13.15 -30.17 32.92
C LEU F 360 11.74 -30.12 33.50
N THR F 361 10.97 -29.13 33.05
CA THR F 361 9.58 -29.00 33.44
C THR F 361 8.70 -29.89 32.58
N VAL F 362 7.47 -30.10 33.03
CA VAL F 362 6.53 -30.91 32.26
C VAL F 362 6.12 -30.18 30.99
N ARG F 363 6.22 -28.85 30.99
CA ARG F 363 5.90 -28.08 29.80
C ARG F 363 6.87 -28.38 28.67
N ASP F 364 8.16 -28.46 28.97
CA ASP F 364 9.16 -28.70 27.94
C ASP F 364 9.15 -30.16 27.47
N LEU F 365 8.76 -31.08 28.36
CA LEU F 365 8.67 -32.49 27.96
C LEU F 365 7.60 -32.70 26.90
N GLY F 366 6.46 -32.02 27.04
CA GLY F 366 5.44 -32.08 26.01
C GLY F 366 5.93 -31.52 24.68
N SER F 367 6.74 -30.46 24.74
CA SER F 367 7.28 -29.85 23.53
C SER F 367 8.10 -30.86 22.73
N VAL F 368 9.03 -31.56 23.40
CA VAL F 368 9.86 -32.55 22.73
C VAL F 368 9.15 -33.87 22.50
N TYR F 369 7.96 -34.05 23.09
CA TYR F 369 7.32 -35.37 23.06
C TYR F 369 6.95 -35.79 21.65
N MSE F 370 6.52 -34.83 20.82
CA MSE F 370 6.10 -35.15 19.47
C MSE F 370 7.28 -35.08 18.49
O MSE F 370 7.15 -35.41 17.32
CB MSE F 370 4.96 -34.22 19.01
CG MSE F 370 3.64 -34.45 19.74
SE MSE F 370 3.01 -36.28 19.64
CE MSE F 370 2.72 -36.36 17.71
N GLY F 371 8.44 -34.66 18.99
CA GLY F 371 9.63 -34.59 18.17
C GLY F 371 9.73 -33.36 17.29
N GLY F 372 8.98 -32.31 17.60
CA GLY F 372 9.02 -31.10 16.80
C GLY F 372 9.93 -30.04 17.36
N VAL F 373 10.39 -30.24 18.61
CA VAL F 373 11.29 -29.31 19.29
C VAL F 373 12.49 -30.09 19.80
N SER F 374 13.69 -29.61 19.48
CA SER F 374 14.91 -30.30 19.89
C SER F 374 15.18 -30.07 21.36
N LEU F 375 15.44 -31.15 22.10
CA LEU F 375 15.77 -31.02 23.51
C LEU F 375 17.12 -30.35 23.71
N GLN F 376 18.04 -30.54 22.75
CA GLN F 376 19.36 -29.93 22.88
C GLN F 376 19.28 -28.40 22.81
N VAL F 377 18.43 -27.87 21.91
CA VAL F 377 18.32 -26.42 21.79
C VAL F 377 17.67 -25.82 23.02
N LEU F 378 16.70 -26.51 23.60
CA LEU F 378 16.12 -26.05 24.87
C LEU F 378 17.18 -26.00 25.97
N ALA F 379 18.14 -26.94 25.95
CA ALA F 379 19.23 -26.88 26.92
C ALA F 379 20.20 -25.76 26.58
N SER F 380 20.48 -25.55 25.29
CA SER F 380 21.37 -24.47 24.89
C SER F 380 20.84 -23.11 25.32
N ALA F 381 19.52 -22.93 25.25
CA ALA F 381 18.91 -21.67 25.65
C ALA F 381 18.77 -21.52 27.16
N GLY F 382 19.06 -22.57 27.92
CA GLY F 382 18.98 -22.51 29.37
C GLY F 382 17.65 -22.92 29.97
N LEU F 383 16.69 -23.34 29.15
CA LEU F 383 15.39 -23.76 29.67
C LEU F 383 15.42 -25.17 30.22
N VAL F 384 16.41 -25.98 29.84
CA VAL F 384 16.55 -27.35 30.31
C VAL F 384 17.99 -27.53 30.79
N THR F 385 18.15 -28.23 31.92
CA THR F 385 19.45 -28.40 32.56
C THR F 385 19.93 -29.83 32.42
N GLU F 386 21.14 -30.00 31.89
CA GLU F 386 21.77 -31.31 31.80
C GLU F 386 22.58 -31.56 33.07
N LEU F 387 22.33 -32.71 33.70
CA LEU F 387 23.00 -33.05 34.96
C LEU F 387 24.17 -34.00 34.78
N ARG F 388 24.10 -34.92 33.81
CA ARG F 388 25.21 -35.80 33.47
C ARG F 388 25.53 -35.61 31.99
N ALA F 389 26.83 -35.49 31.69
CA ALA F 389 27.25 -35.08 30.36
C ALA F 389 26.87 -36.12 29.31
N GLY F 390 26.53 -35.64 28.12
CA GLY F 390 26.19 -36.49 27.00
C GLY F 390 24.79 -37.06 27.00
N ALA F 391 24.00 -36.80 28.04
CA ALA F 391 22.66 -37.36 28.10
C ALA F 391 21.69 -36.59 27.22
N VAL F 392 21.81 -35.26 27.17
CA VAL F 392 20.87 -34.45 26.41
C VAL F 392 20.94 -34.79 24.93
N GLN F 393 22.16 -34.89 24.39
CA GLN F 393 22.32 -35.15 22.96
C GLN F 393 21.69 -36.48 22.56
N ARG F 394 21.94 -37.53 23.34
CA ARG F 394 21.36 -38.82 23.03
C ARG F 394 19.85 -38.82 23.27
N ALA F 395 19.39 -38.10 24.29
CA ALA F 395 17.95 -37.99 24.52
C ALA F 395 17.28 -37.14 23.45
N ALA F 396 17.95 -36.07 23.01
CA ALA F 396 17.37 -35.21 21.98
C ALA F 396 17.19 -35.97 20.68
N THR F 397 18.19 -36.76 20.27
CA THR F 397 18.08 -37.52 19.04
C THR F 397 16.97 -38.56 19.13
N ALA F 398 16.82 -39.20 20.28
CA ALA F 398 15.79 -40.23 20.44
C ALA F 398 14.40 -39.62 20.50
N PHE F 399 14.26 -38.48 21.15
CA PHE F 399 12.96 -37.80 21.21
C PHE F 399 12.55 -37.25 19.85
N GLY F 400 13.49 -37.10 18.92
CA GLY F 400 13.18 -36.67 17.57
C GLY F 400 12.55 -37.79 16.76
N TRP F 401 12.35 -37.51 15.47
CA TRP F 401 11.75 -38.48 14.58
C TRP F 401 12.07 -38.06 13.15
N PRO F 402 12.28 -39.00 12.23
CA PRO F 402 12.64 -38.62 10.86
C PRO F 402 11.57 -37.83 10.13
N VAL F 403 10.30 -38.00 10.50
CA VAL F 403 9.20 -37.22 9.94
C VAL F 403 8.72 -36.27 11.01
N ALA F 404 8.71 -34.98 10.70
CA ALA F 404 8.29 -33.98 11.67
C ALA F 404 6.80 -34.17 11.98
N PRO F 405 6.39 -33.91 13.23
CA PRO F 405 4.96 -33.89 13.53
C PRO F 405 4.26 -32.79 12.77
N SER F 406 2.96 -32.96 12.53
CA SER F 406 2.18 -32.01 11.75
C SER F 406 0.87 -31.71 12.45
N ALA F 407 0.18 -30.68 11.95
CA ALA F 407 -1.03 -30.21 12.59
C ALA F 407 -2.23 -31.00 12.10
N PRO F 408 -3.09 -31.49 12.99
CA PRO F 408 -4.29 -32.22 12.55
C PRO F 408 -5.37 -31.26 12.08
N ASP F 409 -6.57 -31.77 11.84
CA ASP F 409 -7.69 -30.89 11.51
C ASP F 409 -8.03 -30.02 12.71
N ASP F 410 -8.56 -28.83 12.42
CA ASP F 410 -8.73 -27.82 13.45
C ASP F 410 -9.82 -28.22 14.45
N PHE F 411 -9.55 -27.95 15.73
CA PHE F 411 -10.53 -28.14 16.79
C PHE F 411 -10.36 -27.06 17.85
C1 CIT G . -25.98 24.56 -7.15
O1 CIT G . -26.87 23.77 -7.62
O2 CIT G . -24.81 24.19 -6.95
C2 CIT G . -26.45 25.99 -6.87
C3 CIT G . -27.61 26.08 -5.86
O7 CIT G . -27.33 25.27 -4.72
C4 CIT G . -27.84 27.54 -5.43
C5 CIT G . -28.95 27.72 -4.40
O3 CIT G . -28.61 28.18 -3.26
O4 CIT G . -30.14 27.41 -4.65
C6 CIT G . -28.93 25.57 -6.55
O5 CIT G . -29.27 26.25 -7.58
O6 CIT G . -29.57 24.60 -6.10
C4 P4K H . -27.84 9.81 9.51
O3 P4K H . -28.97 10.44 8.95
C5 P4K H . -29.72 9.61 8.11
C6 P4K H . -30.64 10.47 7.24
O4 P4K H . -30.82 9.85 6.00
C7 P4K H . -30.67 10.71 4.90
C8 P4K H . -29.50 10.22 4.04
O5 P4K H . -28.91 11.31 3.40
C9 P4K H . -28.50 12.34 4.26
C10 P4K H . -27.43 13.19 3.58
O6 P4K H . -27.33 14.42 4.25
C ACT I . -36.60 16.43 21.71
O ACT I . -37.82 16.77 21.74
OXT ACT I . -35.65 17.11 22.15
CH3 ACT I . -36.29 15.11 21.09
C1 CIT J . 15.59 4.70 32.92
O1 CIT J . 14.64 4.57 32.13
O2 CIT J . 16.80 4.44 32.58
C2 CIT J . 15.39 5.17 34.37
C3 CIT J . 16.00 6.56 34.69
O7 CIT J . 15.62 7.49 33.68
C4 CIT J . 15.53 7.06 36.06
C5 CIT J . 16.01 8.47 36.43
O3 CIT J . 15.10 9.37 36.50
O4 CIT J . 17.20 8.73 36.64
C6 CIT J . 17.56 6.43 34.73
O5 CIT J . 18.30 7.16 34.06
O6 CIT J . 17.98 5.52 35.51
C2 P4K K . 14.63 19.62 14.82
O2 P4K K . 15.10 19.50 16.13
C3 P4K K . 16.29 20.18 16.37
C4 P4K K . 16.84 19.79 17.74
O3 P4K K . 18.22 19.99 17.78
C5 P4K K . 18.99 18.83 17.63
C6 P4K K . 20.43 19.08 18.05
O4 P4K K . 21.11 17.87 18.17
C7 P4K K . 20.69 17.08 19.25
C8 P4K K . 20.41 15.66 18.77
O5 P4K K . 19.89 14.89 19.82
C9 P4K K . 18.77 15.48 20.43
C10 P4K K . 17.93 14.40 21.11
O6 P4K K . 16.94 15.00 21.90
C ACT L . 18.10 34.94 23.26
O ACT L . 16.89 34.94 23.61
OXT ACT L . 18.94 35.82 23.59
CH3 ACT L . 18.56 33.82 22.41
C2 P4K M . -10.31 30.94 24.56
O2 P4K M . -11.20 31.92 24.09
C3 P4K M . -11.60 31.72 22.76
C4 P4K M . -12.42 30.43 22.66
O3 P4K M . -11.79 29.54 21.79
C5 P4K M . -11.87 28.21 22.20
C6 P4K M . -10.49 27.55 22.12
O4 P4K M . -10.28 26.70 23.20
C7 P4K M . -8.95 26.64 23.62
C8 P4K M . -8.82 25.66 24.79
O5 P4K M . -8.18 26.27 25.87
C9 P4K M . -8.84 26.13 27.09
C10 P4K M . -9.70 27.36 27.35
O6 P4K M . -9.63 27.71 28.70
C1 CIT N . -0.96 32.96 -15.79
O1 CIT N . 0.11 33.41 -15.26
O2 CIT N . -1.49 31.91 -15.37
C2 CIT N . -1.52 33.76 -16.98
C3 CIT N . -0.53 33.98 -18.14
O7 CIT N . 0.07 32.73 -18.50
C4 CIT N . -1.27 34.58 -19.36
C5 CIT N . -0.38 34.77 -20.61
O3 CIT N . 0.65 35.48 -20.59
O4 CIT N . -0.76 34.18 -21.67
C6 CIT N . 0.56 35.00 -17.68
O5 CIT N . 0.10 36.12 -17.35
O6 CIT N . 1.76 34.70 -17.65
C2 P4K O . 14.57 14.47 -20.32
O2 P4K O . 14.04 15.76 -20.46
C3 P4K O . 14.98 16.74 -20.77
C4 P4K O . 14.30 18.10 -20.88
O3 P4K O . 15.25 19.12 -20.85
C5 P4K O . 15.49 19.63 -19.57
C6 P4K O . 16.19 20.99 -19.69
O4 P4K O . 16.15 21.66 -18.46
C7 P4K O . 15.06 22.53 -18.32
C8 P4K O . 14.17 22.05 -17.18
O5 P4K O . 13.24 23.04 -16.85
C9 P4K O . 12.41 23.42 -17.92
C10 P4K O . 11.00 22.88 -17.67
O6 P4K O . 10.44 22.48 -18.89
C ACT P . 19.73 19.34 -36.29
O ACT P . 20.53 20.09 -36.91
OXT ACT P . 18.70 18.83 -36.78
CH3 ACT P . 20.06 19.04 -34.88
C2 P4K Q . -4.15 4.53 -40.38
O2 P4K Q . -3.80 3.73 -41.48
C3 P4K Q . -3.46 2.42 -41.15
C4 P4K Q . -4.66 1.72 -40.52
O3 P4K Q . -4.30 1.24 -39.26
C5 P4K Q . -5.19 1.62 -38.24
C6 P4K Q . -4.41 2.14 -37.04
O4 P4K Q . -5.16 3.11 -36.37
C7 P4K Q . -4.83 4.43 -36.72
C8 P4K Q . -5.25 5.38 -35.60
O5 P4K Q . -4.89 6.69 -35.93
C9 P4K Q . -5.89 7.36 -36.65
C10 P4K Q . -5.36 8.73 -37.09
O6 P4K Q . -6.00 9.12 -38.27
C1 CIT R . -4.44 -27.33 -23.50
O1 CIT R . -3.92 -26.28 -23.07
O2 CIT R . -5.15 -28.08 -22.74
C2 CIT R . -4.26 -27.82 -24.95
C3 CIT R . -5.55 -27.78 -25.80
O7 CIT R . -6.18 -26.51 -25.67
C4 CIT R . -5.19 -28.03 -27.28
C5 CIT R . -6.37 -27.88 -28.26
O3 CIT R . -6.27 -26.95 -29.13
O4 CIT R . -7.37 -28.62 -28.21
C6 CIT R . -6.49 -28.93 -25.34
O5 CIT R . -7.60 -28.70 -24.81
O6 CIT R . -6.04 -30.09 -25.53
C2 P4K S . -19.11 -8.90 -18.37
O2 P4K S . -18.75 -10.08 -19.03
C3 P4K S . -19.82 -10.92 -19.34
C4 P4K S . -19.35 -12.04 -20.26
O3 P4K S . -20.37 -13.00 -20.40
C5 P4K S . -20.36 -13.99 -19.41
C6 P4K S . -21.51 -14.97 -19.67
O4 P4K S . -21.39 -16.06 -18.79
C7 P4K S . -20.46 -17.02 -19.19
C8 P4K S . -19.70 -17.55 -17.98
O5 P4K S . -18.54 -18.23 -18.40
C9 P4K S . -17.67 -17.45 -19.17
C10 P4K S . -16.31 -18.15 -19.27
O6 P4K S . -15.65 -17.71 -20.43
C ACT T . -29.53 -10.11 -33.35
O ACT T . -28.56 -9.48 -33.82
OXT ACT T . -30.59 -10.39 -33.99
CH3 ACT T . -29.45 -10.58 -31.95
C1 CIT U . 22.42 -20.97 -19.84
O1 CIT U . 21.33 -20.73 -19.27
O2 CIT U . 23.21 -20.04 -20.21
C2 CIT U . 22.89 -22.41 -20.14
C3 CIT U . 24.27 -22.78 -19.53
O7 CIT U . 24.34 -22.29 -18.19
C4 CIT U . 24.46 -24.31 -19.54
C5 CIT U . 25.81 -24.77 -18.98
O3 CIT U . 26.88 -24.59 -19.60
O4 CIT U . 25.79 -25.36 -17.85
C6 CIT U . 25.40 -22.13 -20.40
O5 CIT U . 26.15 -21.25 -19.96
O6 CIT U . 25.46 -22.59 -21.58
C4 P4K V . 27.85 -11.55 -0.21
O3 P4K V . 28.91 -11.82 -1.07
C5 P4K V . 29.68 -10.70 -1.39
C6 P4K V . 30.74 -11.07 -2.41
O4 P4K V . 30.86 -10.03 -3.35
C7 P4K V . 30.85 -10.45 -4.68
C8 P4K V . 29.77 -9.69 -5.45
O5 P4K V . 29.62 -10.24 -6.74
C9 P4K V . 29.28 -11.60 -6.72
C10 P4K V . 28.67 -12.02 -8.05
O6 P4K V . 27.28 -12.17 -7.91
C ACT W . 40.50 -19.84 6.60
O ACT W . 39.66 -20.75 6.82
OXT ACT W . 41.71 -19.89 6.92
CH3 ACT W . 40.02 -18.62 5.92
C1 CIT X . -6.29 -13.46 33.71
O1 CIT X . -7.54 -13.33 33.48
O2 CIT X . -5.42 -13.05 32.92
C2 CIT X . -5.93 -14.14 35.04
C3 CIT X . -6.59 -15.53 35.27
O7 CIT X . -6.70 -16.21 34.01
C4 CIT X . -5.74 -16.38 36.23
C5 CIT X . -6.12 -17.87 36.24
O3 CIT X . -7.21 -18.28 36.66
O4 CIT X . -5.23 -18.67 35.80
C6 CIT X . -8.00 -15.32 35.90
O5 CIT X . -7.97 -15.02 37.13
O6 CIT X . -9.04 -15.46 35.25
#